data_9AYC
#
_entry.id   9AYC
#
_cell.length_a   1.00
_cell.length_b   1.00
_cell.length_c   1.00
_cell.angle_alpha   90.00
_cell.angle_beta   90.00
_cell.angle_gamma   90.00
#
_symmetry.space_group_name_H-M   'P 1'
#
_entity_poly.entity_id   1
_entity_poly.type   'polypeptide(L)'
_entity_poly.pdbx_seq_one_letter_code
;MASDYKDDDDKGALEVLFQGPSSPMAGNLVSWACKLCRSPEGFGPISFYGDFTQCFIDGVILNLSAIFMITFGIRDLVNL
CKKKHSGIKYRRNWIIVSRMALVLLEIAFVSLASLNISKEEAENFTIVSQYASTMLSLFVALALHWIEYDRSVVANTVLL
FYWLFETFGNFAKLINILIRHTYEGIWYSGQTGFILTLFQVITCASILLLEALPKKPLMPHQHIHQTLTRRKPNPYDSAN
IFSRITFSWMSGLMKTGYEKYLVEADLYKLPRNFSSEELSQKLEKNWENELKQKSNPSLSWAICRTFGSKMLLAAFFKAI
HDVLAFTQPQLLRILIKFVTDYNSERQDDHSSLQGFENNHPQKLPIVRGFLIAFAMFLVGFTQTSVLHQYFLNVFNTGMY
IKSALTALIYQKSLVLSNEASGLSSTGDIVNLMSVDVQKLQDLTQWLNLIWSGPFQIIICLYSLYKLLGNSMWVGVIILV
IMMPLNSFLMRIQKKLQKSQMKYKDERTRVISEILNNIKSLKLYAWEKPYREKLEEVRNNKELKNLTKLGCYMAVTSFQF
NIVPFLVSCCTFAVFVYTEDRALTTDLVFPALTLFNLLSFPLMIIPMVLNSFIEASVSIGRLFTFFTNEELQPDSVQRLP
KVKNIGDVAINIGDDATFLWQRKPEYKVALKNINFQAKKGNLTCIVGKVGSGKTALLSCMLGDLFRVKGFATVHGSVAYV
SQVPWIMNGTVKENILFGHRYDAEFYEKTIKACALTIDLAILMDGDKTLVGEKGISLSGGQKARLSLARAVYARADTYLL
DDPLAAVDEHVARHLIEHVLGPNGLLHTKTKVLATNKVSALSIADSIALLDNGEITQQGTYDEITKDADSPLWKLLNNYG
KKNNGKSNEFGDSSESSVRESSIPVEGELEQLQKLNDLDFGNSDAI(SEP)LRRA(SEP)DA(TPO)LG(SEP)IDFGDD
ENIAKREHREQGKVKWNIYLEYAKACNPKSVCVFILFIVISMFLSVMGNVWLKHWSEVNSRYGSNPNAARYLAIYFALGI
GSALATLIQTIVLWVFCTIHASKYLHNLMTNSVLRAPMTFFETTPIGRILNRFSNDIYKVDALLGRTFSQFFVNAVKVTF
TITVICATTWQFIFIIIPLSVFYIYYQQYYLRTSRELRRLDSITRSPIYSHFQETLGGLATVRGYSQQKRFSHINQCRID
NNMSAFYPSINANRWLAYRLELIGSIIILGAATLSVFRLKQGTLTAGMVGLSLSYALQITQTLNWIVRMTVEVETNIVSV
ERIKEYADLKSEAPLIVEGHRPPKEWPSQGDIKFNNYSTRYRPELDLVLKHINIHIKPNEKVGIVGRTGAGKSSLTLALF
RMIEASEGNIVIDNIAINEIGLYDLRHKLSIIPQDSQVFEGTVRENIDPINQYTDEAIWRALELSHLKEHVLSMSNDGLD
AQLTEGGGNLSVGQRQLLCLARAMLVPSKILVLDQATAAVDVETDKVVQETIRTAFKDRTILTIAHRLNTIMDSDRIIVL
DNGKVAEFDSPGQLLSDNKSLFYSLCMEAGLVNENGLVPRGSSAHHHHHHHHH
;
_entity_poly.pdbx_strand_id   A
#
# COMPACT_ATOMS: atom_id res chain seq x y z
N MET A 25 -2.95 9.32 -61.94
CA MET A 25 -3.43 7.97 -61.53
C MET A 25 -4.79 8.07 -60.83
N ALA A 26 -4.93 9.06 -59.94
CA ALA A 26 -6.17 9.25 -59.20
C ALA A 26 -7.25 9.98 -59.99
N GLY A 27 -6.92 10.52 -61.16
CA GLY A 27 -7.93 11.21 -61.95
C GLY A 27 -9.07 10.31 -62.39
N ASN A 28 -8.77 9.04 -62.67
CA ASN A 28 -9.82 8.10 -63.05
C ASN A 28 -10.79 7.87 -61.90
N LEU A 29 -10.28 7.78 -60.66
CA LEU A 29 -11.15 7.57 -59.52
C LEU A 29 -12.08 8.76 -59.29
N VAL A 30 -11.59 9.97 -59.49
CA VAL A 30 -12.41 11.17 -59.31
C VAL A 30 -13.56 11.18 -60.30
N SER A 31 -13.27 10.87 -61.57
CA SER A 31 -14.34 10.77 -62.56
C SER A 31 -15.23 9.57 -62.30
N TRP A 32 -14.66 8.47 -61.83
CA TRP A 32 -15.44 7.27 -61.57
C TRP A 32 -16.44 7.48 -60.45
N ALA A 33 -16.10 8.30 -59.45
CA ALA A 33 -17.03 8.56 -58.35
C ALA A 33 -18.28 9.29 -58.82
N CYS A 34 -18.17 10.10 -59.87
CA CYS A 34 -19.34 10.81 -60.39
C CYS A 34 -20.37 9.83 -60.96
N LYS A 35 -19.92 8.70 -61.49
CA LYS A 35 -20.85 7.75 -62.09
C LYS A 35 -21.68 7.04 -61.02
N LEU A 36 -21.11 6.83 -59.83
CA LEU A 36 -21.81 6.07 -58.79
C LEU A 36 -22.98 6.87 -58.22
N CYS A 37 -22.74 8.13 -57.86
CA CYS A 37 -23.71 8.97 -57.19
C CYS A 37 -24.31 9.96 -58.18
N ARG A 38 -25.64 10.03 -58.22
CA ARG A 38 -26.37 10.95 -59.08
C ARG A 38 -27.08 12.07 -58.33
N SER A 39 -27.14 12.01 -57.00
CA SER A 39 -27.85 13.04 -56.25
C SER A 39 -27.12 14.38 -56.38
N PRO A 40 -27.85 15.50 -56.46
CA PRO A 40 -27.15 16.79 -56.56
C PRO A 40 -26.35 17.16 -55.32
N GLU A 41 -26.66 16.58 -54.16
CA GLU A 41 -25.89 16.86 -52.95
C GLU A 41 -24.45 16.40 -53.05
N GLY A 42 -24.17 15.40 -53.89
CA GLY A 42 -22.83 14.90 -54.06
C GLY A 42 -22.46 13.85 -53.03
N PHE A 43 -21.28 13.28 -53.21
CA PHE A 43 -20.77 12.23 -52.34
C PHE A 43 -20.06 12.77 -51.10
N GLY A 44 -19.91 14.09 -50.97
CA GLY A 44 -19.10 14.66 -49.92
C GLY A 44 -19.63 14.32 -48.54
N PRO A 45 -18.75 14.30 -47.52
CA PRO A 45 -19.16 13.77 -46.21
C PRO A 45 -20.22 14.61 -45.52
N ILE A 46 -20.00 15.92 -45.41
CA ILE A 46 -20.89 16.84 -44.70
C ILE A 46 -21.60 17.69 -45.73
N SER A 47 -22.93 17.73 -45.66
CA SER A 47 -23.73 18.49 -46.61
C SER A 47 -23.75 19.96 -46.23
N PHE A 48 -24.47 20.76 -47.03
CA PHE A 48 -24.68 22.16 -46.72
C PHE A 48 -25.41 22.34 -45.39
N TYR A 49 -26.30 21.41 -45.06
CA TYR A 49 -27.05 21.47 -43.81
C TYR A 49 -26.29 20.90 -42.61
N GLY A 50 -25.06 20.45 -42.78
CA GLY A 50 -24.29 19.94 -41.67
C GLY A 50 -24.64 18.53 -41.25
N ASP A 51 -25.16 17.71 -42.18
CA ASP A 51 -25.50 16.32 -41.93
C ASP A 51 -24.89 15.46 -43.03
N PHE A 52 -24.80 14.16 -42.76
CA PHE A 52 -24.30 13.24 -43.78
C PHE A 52 -25.23 13.22 -44.97
N THR A 53 -24.66 13.35 -46.16
CA THR A 53 -25.46 13.36 -47.37
C THR A 53 -26.13 12.01 -47.58
N GLN A 54 -27.17 12.01 -48.41
CA GLN A 54 -27.91 10.78 -48.70
C GLN A 54 -27.01 9.74 -49.35
N CYS A 55 -26.19 10.16 -50.30
CA CYS A 55 -25.27 9.22 -50.94
C CYS A 55 -24.19 8.75 -49.98
N PHE A 56 -23.78 9.59 -49.02
CA PHE A 56 -22.76 9.17 -48.08
C PHE A 56 -23.31 8.18 -47.06
N ILE A 57 -24.53 8.39 -46.60
CA ILE A 57 -25.15 7.47 -45.65
C ILE A 57 -25.34 6.10 -46.30
N ASP A 58 -25.95 6.09 -47.48
CA ASP A 58 -26.21 4.82 -48.15
C ASP A 58 -24.91 4.19 -48.67
N GLY A 59 -24.02 5.01 -49.23
CA GLY A 59 -22.87 4.47 -49.93
C GLY A 59 -21.73 4.03 -49.03
N VAL A 60 -21.60 4.63 -47.85
CA VAL A 60 -20.43 4.42 -47.00
C VAL A 60 -20.81 3.78 -45.68
N ILE A 61 -21.65 4.45 -44.88
CA ILE A 61 -21.91 3.99 -43.52
C ILE A 61 -22.66 2.66 -43.54
N LEU A 62 -23.75 2.59 -44.31
CA LEU A 62 -24.54 1.37 -44.33
C LEU A 62 -23.84 0.26 -45.11
N ASN A 63 -23.14 0.60 -46.18
CA ASN A 63 -22.38 -0.41 -46.91
C ASN A 63 -21.25 -0.97 -46.06
N LEU A 64 -20.51 -0.12 -45.36
CA LEU A 64 -19.40 -0.60 -44.55
C LEU A 64 -19.88 -1.48 -43.41
N SER A 65 -20.97 -1.09 -42.74
CA SER A 65 -21.50 -1.93 -41.66
C SER A 65 -22.06 -3.23 -42.19
N ALA A 66 -22.56 -3.24 -43.42
CA ALA A 66 -23.02 -4.49 -44.02
C ALA A 66 -21.84 -5.40 -44.36
N ILE A 67 -20.77 -4.83 -44.93
CA ILE A 67 -19.57 -5.61 -45.20
C ILE A 67 -18.94 -6.08 -43.89
N PHE A 68 -18.97 -5.22 -42.87
CA PHE A 68 -18.50 -5.61 -41.54
C PHE A 68 -19.31 -6.79 -41.01
N MET A 69 -20.63 -6.71 -41.13
CA MET A 69 -21.49 -7.76 -40.60
C MET A 69 -21.34 -9.06 -41.38
N ILE A 70 -21.11 -8.97 -42.69
CA ILE A 70 -20.95 -10.18 -43.49
C ILE A 70 -19.65 -10.88 -43.13
N THR A 71 -18.54 -10.17 -43.20
CA THR A 71 -17.24 -10.83 -43.06
C THR A 71 -17.00 -11.32 -41.64
N PHE A 72 -17.38 -10.53 -40.64
CA PHE A 72 -17.23 -10.96 -39.24
C PHE A 72 -18.39 -11.81 -38.78
N GLY A 73 -19.54 -11.72 -39.43
CA GLY A 73 -20.62 -12.64 -39.12
C GLY A 73 -20.28 -14.07 -39.47
N ILE A 74 -19.80 -14.29 -40.70
CA ILE A 74 -19.45 -15.65 -41.09
C ILE A 74 -18.20 -16.11 -40.36
N ARG A 75 -17.31 -15.19 -39.98
CA ARG A 75 -16.16 -15.55 -39.15
C ARG A 75 -16.62 -16.12 -37.81
N ASP A 76 -17.51 -15.40 -37.12
CA ASP A 76 -18.03 -15.92 -35.87
C ASP A 76 -18.90 -17.16 -36.09
N LEU A 77 -19.57 -17.23 -37.25
CA LEU A 77 -20.45 -18.37 -37.51
C LEU A 77 -19.64 -19.67 -37.63
N VAL A 78 -18.54 -19.64 -38.38
CA VAL A 78 -17.73 -20.84 -38.50
C VAL A 78 -17.05 -21.17 -37.17
N ASN A 79 -16.65 -20.14 -36.42
CA ASN A 79 -16.02 -20.37 -35.12
C ASN A 79 -17.01 -21.04 -34.15
N LEU A 80 -18.24 -20.54 -34.10
CA LEU A 80 -19.22 -21.09 -33.18
C LEU A 80 -19.76 -22.44 -33.64
N CYS A 81 -19.65 -22.77 -34.92
CA CYS A 81 -20.02 -24.10 -35.40
C CYS A 81 -18.88 -25.10 -35.23
N LYS A 82 -17.65 -24.67 -35.48
CA LYS A 82 -16.50 -25.53 -35.23
C LYS A 82 -16.36 -25.85 -33.76
N LYS A 83 -16.58 -24.85 -32.89
CA LYS A 83 -16.38 -25.02 -31.47
C LYS A 83 -17.38 -26.01 -30.89
N LYS A 84 -16.88 -26.88 -30.01
CA LYS A 84 -17.72 -27.91 -29.40
C LYS A 84 -18.79 -27.28 -28.52
N HIS A 85 -19.97 -27.90 -28.50
CA HIS A 85 -21.03 -27.46 -27.62
C HIS A 85 -20.62 -27.70 -26.16
N SER A 86 -20.66 -26.64 -25.36
CA SER A 86 -20.15 -26.72 -24.00
C SER A 86 -20.99 -27.60 -23.09
N GLY A 87 -22.22 -27.92 -23.46
CA GLY A 87 -23.12 -28.67 -22.62
C GLY A 87 -23.95 -27.83 -21.66
N ILE A 88 -23.75 -26.52 -21.62
CA ILE A 88 -24.51 -25.61 -20.76
C ILE A 88 -25.62 -25.03 -21.64
N LYS A 89 -26.82 -25.58 -21.51
CA LYS A 89 -27.94 -25.13 -22.31
C LYS A 89 -28.56 -23.87 -21.72
N TYR A 90 -28.93 -22.94 -22.60
CA TYR A 90 -29.68 -21.74 -22.24
C TYR A 90 -31.12 -21.94 -22.64
N ARG A 91 -32.04 -21.73 -21.69
CA ARG A 91 -33.45 -22.00 -21.93
C ARG A 91 -33.99 -21.03 -22.97
N ARG A 92 -34.66 -21.58 -23.99
CA ARG A 92 -35.30 -20.75 -24.99
C ARG A 92 -36.49 -20.05 -24.37
N ASN A 93 -36.53 -18.73 -24.52
CA ASN A 93 -37.44 -17.86 -23.75
C ASN A 93 -38.03 -16.84 -24.71
N TRP A 94 -38.70 -15.82 -24.16
CA TRP A 94 -39.21 -14.74 -24.98
C TRP A 94 -38.10 -13.90 -25.62
N ILE A 95 -36.87 -13.99 -25.11
CA ILE A 95 -35.75 -13.24 -25.68
C ILE A 95 -35.51 -13.68 -27.12
N ILE A 96 -35.29 -14.97 -27.33
CA ILE A 96 -34.81 -15.43 -28.64
C ILE A 96 -35.90 -15.30 -29.68
N VAL A 97 -37.15 -15.63 -29.34
CA VAL A 97 -38.22 -15.48 -30.31
C VAL A 97 -38.46 -14.00 -30.62
N SER A 98 -38.28 -13.13 -29.63
CA SER A 98 -38.43 -11.70 -29.90
C SER A 98 -37.33 -11.20 -30.82
N ARG A 99 -36.08 -11.64 -30.61
CA ARG A 99 -34.99 -11.23 -31.49
C ARG A 99 -35.21 -11.72 -32.91
N MET A 100 -35.61 -12.99 -33.06
CA MET A 100 -35.86 -13.53 -34.39
C MET A 100 -37.05 -12.85 -35.04
N ALA A 101 -38.07 -12.51 -34.25
CA ALA A 101 -39.24 -11.84 -34.81
C ALA A 101 -38.89 -10.46 -35.35
N LEU A 102 -38.15 -9.67 -34.56
CA LEU A 102 -37.82 -8.32 -35.01
C LEU A 102 -36.85 -8.32 -36.17
N VAL A 103 -35.92 -9.28 -36.23
CA VAL A 103 -35.01 -9.34 -37.37
C VAL A 103 -35.79 -9.71 -38.64
N LEU A 104 -36.78 -10.60 -38.51
CA LEU A 104 -37.65 -10.89 -39.65
C LEU A 104 -38.44 -9.65 -40.04
N LEU A 105 -38.92 -8.88 -39.06
CA LEU A 105 -39.62 -7.64 -39.34
C LEU A 105 -38.71 -6.65 -40.06
N GLU A 106 -37.44 -6.58 -39.63
CA GLU A 106 -36.49 -5.70 -40.30
C GLU A 106 -36.26 -6.14 -41.73
N ILE A 107 -36.22 -7.44 -41.98
CA ILE A 107 -36.08 -7.94 -43.36
C ILE A 107 -37.30 -7.53 -44.18
N ALA A 108 -38.48 -7.53 -43.57
CA ALA A 108 -39.69 -7.13 -44.28
C ALA A 108 -39.63 -5.65 -44.67
N PHE A 109 -39.21 -4.80 -43.74
CA PHE A 109 -39.14 -3.37 -44.04
C PHE A 109 -38.10 -3.07 -45.11
N VAL A 110 -36.95 -3.75 -45.07
CA VAL A 110 -35.94 -3.53 -46.09
C VAL A 110 -36.45 -3.99 -47.44
N SER A 111 -37.25 -5.07 -47.46
CA SER A 111 -37.85 -5.52 -48.71
C SER A 111 -38.83 -4.48 -49.25
N LEU A 112 -39.69 -3.95 -48.38
CA LEU A 112 -40.66 -2.94 -48.81
C LEU A 112 -39.95 -1.67 -49.26
N ALA A 113 -38.89 -1.28 -48.56
CA ALA A 113 -38.13 -0.10 -48.96
C ALA A 113 -37.50 -0.31 -50.33
N SER A 114 -37.03 -1.53 -50.62
CA SER A 114 -36.49 -1.83 -51.94
C SER A 114 -37.56 -1.69 -53.01
N LEU A 115 -38.77 -2.18 -52.74
CA LEU A 115 -39.87 -2.00 -53.69
C LEU A 115 -40.23 -0.53 -53.84
N ASN A 116 -40.11 0.25 -52.77
CA ASN A 116 -40.45 1.67 -52.80
C ASN A 116 -39.47 2.51 -53.62
N ILE A 117 -38.36 1.93 -54.09
CA ILE A 117 -37.44 2.65 -54.96
C ILE A 117 -38.18 3.09 -56.21
N SER A 118 -38.02 4.36 -56.57
CA SER A 118 -38.62 4.92 -57.77
C SER A 118 -37.74 4.63 -58.98
N LYS A 119 -38.28 4.92 -60.17
CA LYS A 119 -37.53 4.70 -61.41
C LYS A 119 -36.28 5.56 -61.46
N GLU A 120 -36.39 6.84 -61.06
CA GLU A 120 -35.21 7.69 -61.03
C GLU A 120 -34.23 7.26 -59.94
N GLU A 121 -34.73 6.77 -58.81
CA GLU A 121 -33.85 6.37 -57.71
C GLU A 121 -33.08 5.10 -58.02
N ALA A 122 -33.57 4.27 -58.95
CA ALA A 122 -32.80 3.11 -59.38
C ALA A 122 -31.51 3.50 -60.08
N GLU A 123 -31.42 4.72 -60.64
CA GLU A 123 -30.21 5.15 -61.31
C GLU A 123 -29.04 5.27 -60.33
N ASN A 124 -29.31 5.58 -59.06
CA ASN A 124 -28.25 5.69 -58.07
C ASN A 124 -27.74 4.29 -57.73
N PHE A 125 -26.48 4.03 -58.06
CA PHE A 125 -25.90 2.74 -57.71
C PHE A 125 -25.73 2.58 -56.21
N THR A 126 -25.49 3.68 -55.49
CA THR A 126 -25.21 3.60 -54.07
C THR A 126 -26.42 3.08 -53.28
N ILE A 127 -27.61 3.61 -53.58
CA ILE A 127 -28.78 3.26 -52.78
C ILE A 127 -29.19 1.82 -53.03
N VAL A 128 -29.14 1.37 -54.28
CA VAL A 128 -29.49 -0.03 -54.58
C VAL A 128 -28.44 -0.97 -53.99
N SER A 129 -27.17 -0.59 -54.05
CA SER A 129 -26.14 -1.41 -53.42
C SER A 129 -26.31 -1.45 -51.90
N GLN A 130 -26.79 -0.35 -51.31
CA GLN A 130 -27.03 -0.33 -49.87
C GLN A 130 -28.12 -1.33 -49.49
N TYR A 131 -29.26 -1.27 -50.17
CA TYR A 131 -30.35 -2.18 -49.84
C TYR A 131 -30.00 -3.62 -50.17
N ALA A 132 -29.22 -3.85 -51.22
CA ALA A 132 -28.79 -5.21 -51.52
C ALA A 132 -27.88 -5.75 -50.42
N SER A 133 -26.90 -4.94 -49.99
CA SER A 133 -25.97 -5.40 -48.96
C SER A 133 -26.67 -5.57 -47.62
N THR A 134 -27.57 -4.65 -47.27
CA THR A 134 -28.30 -4.77 -46.01
C THR A 134 -29.20 -6.01 -46.01
N MET A 135 -29.85 -6.28 -47.13
CA MET A 135 -30.71 -7.47 -47.21
C MET A 135 -29.89 -8.74 -47.06
N LEU A 136 -28.73 -8.81 -47.72
CA LEU A 136 -27.86 -9.98 -47.57
C LEU A 136 -27.33 -10.07 -46.14
N SER A 137 -27.00 -8.92 -45.54
CA SER A 137 -26.45 -8.93 -44.19
C SER A 137 -27.47 -9.43 -43.17
N LEU A 138 -28.75 -9.09 -43.36
CA LEU A 138 -29.75 -9.45 -42.36
C LEU A 138 -29.95 -10.96 -42.26
N PHE A 139 -29.78 -11.70 -43.35
CA PHE A 139 -29.86 -13.15 -43.25
C PHE A 139 -28.73 -13.71 -42.39
N VAL A 140 -27.52 -13.14 -42.52
CA VAL A 140 -26.42 -13.57 -41.68
C VAL A 140 -26.71 -13.23 -40.22
N ALA A 141 -27.29 -12.06 -39.97
CA ALA A 141 -27.63 -11.69 -38.60
C ALA A 141 -28.73 -12.60 -38.05
N LEU A 142 -29.71 -12.96 -38.88
CA LEU A 142 -30.78 -13.83 -38.42
C LEU A 142 -30.23 -15.19 -38.00
N ALA A 143 -29.31 -15.75 -38.78
CA ALA A 143 -28.70 -17.01 -38.40
C ALA A 143 -27.83 -16.85 -37.16
N LEU A 144 -27.03 -15.78 -37.10
CA LEU A 144 -26.06 -15.63 -36.03
C LEU A 144 -26.74 -15.36 -34.69
N HIS A 145 -27.95 -14.80 -34.70
CA HIS A 145 -28.69 -14.66 -33.45
C HIS A 145 -29.03 -16.01 -32.87
N TRP A 146 -29.43 -16.97 -33.72
CA TRP A 146 -29.76 -18.30 -33.24
C TRP A 146 -28.53 -19.02 -32.72
N ILE A 147 -27.42 -18.94 -33.45
CA ILE A 147 -26.20 -19.61 -33.01
C ILE A 147 -25.65 -18.94 -31.76
N GLU A 148 -25.76 -17.61 -31.68
CA GLU A 148 -25.29 -16.89 -30.51
C GLU A 148 -26.06 -17.30 -29.26
N TYR A 149 -27.39 -17.42 -29.39
CA TYR A 149 -28.20 -17.79 -28.23
C TYR A 149 -27.90 -19.22 -27.80
N ASP A 150 -27.68 -20.12 -28.75
CA ASP A 150 -27.49 -21.52 -28.42
C ASP A 150 -26.17 -21.75 -27.69
N ARG A 151 -25.09 -21.16 -28.21
CA ARG A 151 -23.73 -21.55 -27.83
C ARG A 151 -22.91 -20.47 -27.15
N SER A 152 -23.06 -19.20 -27.56
CA SER A 152 -22.20 -18.15 -27.03
C SER A 152 -22.67 -17.72 -25.65
N VAL A 153 -21.71 -17.46 -24.76
CA VAL A 153 -22.05 -17.05 -23.39
C VAL A 153 -22.51 -15.60 -23.37
N VAL A 154 -21.62 -14.70 -23.75
CA VAL A 154 -21.94 -13.27 -23.80
C VAL A 154 -22.59 -12.96 -25.13
N ALA A 155 -23.35 -11.86 -25.16
CA ALA A 155 -23.92 -11.38 -26.41
C ALA A 155 -22.79 -11.03 -27.37
N ASN A 156 -22.92 -11.49 -28.62
CA ASN A 156 -21.80 -11.45 -29.55
C ASN A 156 -21.43 -10.01 -29.91
N THR A 157 -20.14 -9.72 -29.92
CA THR A 157 -19.66 -8.37 -30.18
C THR A 157 -20.04 -7.90 -31.57
N VAL A 158 -20.01 -8.81 -32.55
CA VAL A 158 -20.30 -8.43 -33.92
C VAL A 158 -21.76 -8.00 -34.07
N LEU A 159 -22.68 -8.72 -33.43
CA LEU A 159 -24.08 -8.34 -33.51
C LEU A 159 -24.33 -6.99 -32.87
N LEU A 160 -23.72 -6.74 -31.70
CA LEU A 160 -23.95 -5.49 -30.99
C LEU A 160 -23.45 -4.30 -31.80
N PHE A 161 -22.26 -4.41 -32.40
CA PHE A 161 -21.75 -3.31 -33.20
C PHE A 161 -22.53 -3.16 -34.51
N TYR A 162 -23.02 -4.27 -35.07
CA TYR A 162 -23.80 -4.18 -36.31
C TYR A 162 -25.08 -3.41 -36.09
N TRP A 163 -25.84 -3.77 -35.05
CA TRP A 163 -27.09 -3.06 -34.80
C TRP A 163 -26.85 -1.65 -34.29
N LEU A 164 -25.70 -1.40 -33.66
CA LEU A 164 -25.34 -0.03 -33.29
C LEU A 164 -25.09 0.81 -34.54
N PHE A 165 -24.31 0.30 -35.48
CA PHE A 165 -23.98 1.07 -36.67
C PHE A 165 -25.21 1.29 -37.55
N GLU A 166 -26.11 0.31 -37.64
CA GLU A 166 -27.31 0.51 -38.45
C GLU A 166 -28.36 1.36 -37.73
N THR A 167 -28.38 1.35 -36.40
CA THR A 167 -29.18 2.34 -35.69
C THR A 167 -28.69 3.75 -35.97
N PHE A 168 -27.37 3.94 -35.96
CA PHE A 168 -26.79 5.22 -36.33
C PHE A 168 -27.05 5.55 -37.79
N GLY A 169 -26.85 4.56 -38.67
CA GLY A 169 -27.01 4.81 -40.09
C GLY A 169 -28.43 5.15 -40.48
N ASN A 170 -29.40 4.42 -39.94
CA ASN A 170 -30.79 4.71 -40.25
C ASN A 170 -31.27 5.99 -39.56
N PHE A 171 -30.74 6.30 -38.38
CA PHE A 171 -31.10 7.55 -37.73
C PHE A 171 -30.57 8.74 -38.53
N ALA A 172 -29.35 8.64 -39.04
CA ALA A 172 -28.82 9.68 -39.91
C ALA A 172 -29.65 9.81 -41.19
N LYS A 173 -30.09 8.67 -41.72
CA LYS A 173 -30.95 8.69 -42.89
C LYS A 173 -32.28 9.37 -42.58
N LEU A 174 -32.82 9.12 -41.39
CA LEU A 174 -34.06 9.78 -40.97
C LEU A 174 -33.86 11.29 -40.85
N ILE A 175 -32.77 11.71 -40.20
CA ILE A 175 -32.51 13.13 -40.03
C ILE A 175 -32.24 13.80 -41.37
N ASN A 176 -31.58 13.09 -42.28
CA ASN A 176 -31.34 13.63 -43.62
C ASN A 176 -32.66 13.88 -44.33
N ILE A 177 -33.56 12.90 -44.32
CA ILE A 177 -34.85 13.05 -45.00
C ILE A 177 -35.65 14.18 -44.38
N LEU A 178 -35.64 14.27 -43.05
CA LEU A 178 -36.46 15.28 -42.39
C LEU A 178 -35.92 16.69 -42.62
N ILE A 179 -34.60 16.85 -42.71
CA ILE A 179 -34.02 18.17 -42.98
C ILE A 179 -34.37 18.62 -44.39
N ARG A 180 -34.25 17.73 -45.37
CA ARG A 180 -34.55 18.11 -46.74
C ARG A 180 -36.04 18.44 -46.90
N HIS A 181 -36.91 17.72 -46.21
CA HIS A 181 -38.33 18.06 -46.24
C HIS A 181 -38.58 19.43 -45.62
N THR A 182 -37.95 19.72 -44.49
CA THR A 182 -38.24 20.95 -43.77
C THR A 182 -37.76 22.18 -44.54
N TYR A 183 -36.58 22.09 -45.15
CA TYR A 183 -35.96 23.24 -45.80
C TYR A 183 -36.33 23.37 -47.28
N GLU A 184 -36.71 22.28 -47.93
CA GLU A 184 -36.99 22.27 -49.37
C GLU A 184 -38.42 21.89 -49.70
N GLY A 185 -39.19 21.35 -48.75
CA GLY A 185 -40.59 21.09 -48.99
C GLY A 185 -40.89 19.90 -49.87
N ILE A 186 -39.96 18.96 -50.00
CA ILE A 186 -40.18 17.73 -50.76
C ILE A 186 -39.61 16.56 -49.97
N TRP A 187 -40.34 15.45 -49.95
CA TRP A 187 -39.84 14.21 -49.38
C TRP A 187 -38.96 13.52 -50.40
N TYR A 188 -37.69 13.30 -50.05
CA TYR A 188 -36.73 12.77 -51.01
C TYR A 188 -36.92 11.30 -51.31
N SER A 189 -37.77 10.58 -50.57
CA SER A 189 -38.15 9.21 -50.89
C SER A 189 -39.66 9.02 -50.74
N GLY A 190 -40.44 10.09 -50.81
CA GLY A 190 -41.87 10.01 -50.56
C GLY A 190 -42.16 9.84 -49.08
N GLN A 191 -43.43 9.99 -48.73
CA GLN A 191 -43.83 9.76 -47.35
C GLN A 191 -43.69 8.29 -46.97
N THR A 192 -43.83 7.38 -47.93
CA THR A 192 -43.62 5.97 -47.66
C THR A 192 -42.17 5.71 -47.24
N GLY A 193 -41.22 6.30 -47.97
CA GLY A 193 -39.82 6.12 -47.61
C GLY A 193 -39.49 6.68 -46.24
N PHE A 194 -40.09 7.82 -45.90
CA PHE A 194 -39.89 8.39 -44.58
C PHE A 194 -40.46 7.47 -43.49
N ILE A 195 -41.68 6.96 -43.72
CA ILE A 195 -42.32 6.12 -42.71
C ILE A 195 -41.54 4.82 -42.53
N LEU A 196 -41.07 4.22 -43.62
CA LEU A 196 -40.34 2.96 -43.51
C LEU A 196 -39.03 3.16 -42.77
N THR A 197 -38.29 4.23 -43.08
CA THR A 197 -37.03 4.48 -42.40
C THR A 197 -37.26 4.81 -40.92
N LEU A 198 -38.39 5.43 -40.60
CA LEU A 198 -38.72 5.65 -39.19
C LEU A 198 -38.92 4.33 -38.46
N PHE A 199 -39.64 3.39 -39.08
CA PHE A 199 -39.83 2.10 -38.45
C PHE A 199 -38.54 1.31 -38.38
N GLN A 200 -37.67 1.45 -39.39
CA GLN A 200 -36.39 0.76 -39.36
C GLN A 200 -35.53 1.26 -38.21
N VAL A 201 -35.59 2.57 -37.92
CA VAL A 201 -34.86 3.10 -36.77
C VAL A 201 -35.41 2.51 -35.48
N ILE A 202 -36.74 2.43 -35.35
CA ILE A 202 -37.34 1.91 -34.13
C ILE A 202 -37.04 0.42 -34.00
N THR A 203 -37.09 -0.32 -35.10
CA THR A 203 -36.82 -1.76 -35.05
C THR A 203 -35.36 -2.02 -34.68
N CYS A 204 -34.44 -1.30 -35.33
CA CYS A 204 -33.02 -1.52 -35.04
C CYS A 204 -32.67 -1.12 -33.62
N ALA A 205 -33.26 -0.03 -33.13
CA ALA A 205 -33.02 0.37 -31.74
C ALA A 205 -33.53 -0.68 -30.77
N SER A 206 -34.73 -1.23 -31.02
CA SER A 206 -35.28 -2.23 -30.13
C SER A 206 -34.49 -3.54 -30.17
N ILE A 207 -33.97 -3.91 -31.34
CA ILE A 207 -33.14 -5.11 -31.42
C ILE A 207 -31.84 -4.89 -30.65
N LEU A 208 -31.27 -3.69 -30.75
CA LEU A 208 -30.05 -3.39 -30.00
C LEU A 208 -30.29 -3.48 -28.50
N LEU A 209 -31.42 -2.94 -28.02
CA LEU A 209 -31.71 -2.98 -26.59
C LEU A 209 -31.99 -4.41 -26.12
N LEU A 210 -32.76 -5.16 -26.89
CA LEU A 210 -33.02 -6.55 -26.52
C LEU A 210 -31.77 -7.42 -26.63
N GLU A 211 -30.78 -7.01 -27.42
CA GLU A 211 -29.53 -7.75 -27.50
C GLU A 211 -28.62 -7.44 -26.31
N ALA A 212 -28.56 -6.17 -25.91
CA ALA A 212 -27.58 -5.74 -24.92
C ALA A 212 -28.08 -5.84 -23.48
N LEU A 213 -29.34 -5.43 -23.24
CA LEU A 213 -29.81 -5.33 -21.85
C LEU A 213 -30.03 -6.68 -21.20
N PRO A 214 -30.94 -7.55 -21.69
CA PRO A 214 -31.42 -8.66 -20.85
C PRO A 214 -30.36 -9.71 -20.56
N LYS A 215 -30.46 -10.28 -19.37
CA LYS A 215 -29.57 -11.35 -18.96
C LYS A 215 -29.98 -12.66 -19.61
N LYS A 216 -28.99 -13.50 -19.88
CA LYS A 216 -29.22 -14.77 -20.56
C LYS A 216 -29.90 -15.75 -19.59
N PRO A 217 -31.05 -16.34 -19.92
CA PRO A 217 -31.61 -17.35 -19.02
C PRO A 217 -30.84 -18.67 -19.12
N LEU A 218 -31.05 -19.51 -18.11
CA LEU A 218 -30.32 -20.77 -17.96
C LEU A 218 -31.28 -21.89 -17.61
N MET A 219 -30.89 -23.11 -17.96
CA MET A 219 -31.68 -24.28 -17.62
C MET A 219 -31.52 -24.61 -16.13
N PRO A 220 -32.51 -25.24 -15.49
CA PRO A 220 -32.35 -25.58 -14.06
C PRO A 220 -31.35 -26.69 -13.77
N HIS A 221 -30.91 -27.45 -14.77
CA HIS A 221 -30.14 -28.67 -14.51
C HIS A 221 -28.79 -28.35 -13.89
N GLN A 222 -28.04 -27.42 -14.48
CA GLN A 222 -26.64 -27.24 -14.12
C GLN A 222 -26.45 -26.44 -12.85
N HIS A 223 -27.52 -25.93 -12.23
CA HIS A 223 -27.38 -25.10 -11.04
C HIS A 223 -26.96 -25.89 -9.81
N ILE A 224 -26.98 -27.23 -9.86
CA ILE A 224 -26.55 -28.02 -8.71
C ILE A 224 -25.06 -27.83 -8.42
N HIS A 225 -24.26 -27.44 -9.42
CA HIS A 225 -22.81 -27.30 -9.26
C HIS A 225 -22.39 -25.91 -8.78
N GLN A 226 -23.33 -24.98 -8.57
CA GLN A 226 -22.97 -23.64 -8.15
C GLN A 226 -22.47 -23.57 -6.71
N THR A 227 -22.66 -24.63 -5.91
CA THR A 227 -22.17 -24.67 -4.54
C THR A 227 -20.72 -25.11 -4.44
N LEU A 228 -20.11 -25.57 -5.53
CA LEU A 228 -18.70 -25.98 -5.47
C LEU A 228 -17.79 -24.76 -5.43
N THR A 229 -18.16 -23.68 -6.10
CA THR A 229 -17.27 -22.53 -6.23
C THR A 229 -17.07 -21.84 -4.88
N ARG A 230 -15.83 -21.42 -4.62
CA ARG A 230 -15.50 -20.73 -3.38
C ARG A 230 -15.91 -19.26 -3.46
N ARG A 231 -15.28 -18.51 -4.37
CA ARG A 231 -15.62 -17.13 -4.66
C ARG A 231 -16.48 -17.08 -5.91
N LYS A 232 -17.25 -16.01 -6.04
CA LYS A 232 -18.04 -15.81 -7.24
C LYS A 232 -17.11 -15.59 -8.44
N PRO A 233 -17.51 -16.02 -9.64
CA PRO A 233 -16.65 -15.76 -10.80
C PRO A 233 -16.62 -14.28 -11.14
N ASN A 234 -15.57 -13.89 -11.86
CA ASN A 234 -15.41 -12.50 -12.23
C ASN A 234 -16.53 -12.09 -13.18
N PRO A 235 -17.21 -10.95 -12.98
CA PRO A 235 -18.22 -10.53 -13.96
C PRO A 235 -17.64 -10.01 -15.26
N TYR A 236 -16.33 -9.73 -15.31
CA TYR A 236 -15.73 -9.23 -16.54
C TYR A 236 -15.80 -10.29 -17.64
N ASP A 237 -15.67 -11.56 -17.28
CA ASP A 237 -15.76 -12.61 -18.29
C ASP A 237 -17.14 -12.72 -18.89
N SER A 238 -18.19 -12.34 -18.15
CA SER A 238 -19.57 -12.40 -18.61
C SER A 238 -20.09 -11.09 -19.16
N ALA A 239 -19.22 -10.08 -19.33
CA ALA A 239 -19.63 -8.75 -19.74
C ALA A 239 -19.56 -8.62 -21.26
N ASN A 240 -20.66 -8.23 -21.88
CA ASN A 240 -20.65 -7.94 -23.30
C ASN A 240 -19.83 -6.67 -23.57
N ILE A 241 -19.65 -6.35 -24.85
CA ILE A 241 -18.68 -5.31 -25.22
C ILE A 241 -19.13 -3.94 -24.72
N PHE A 242 -20.44 -3.67 -24.72
CA PHE A 242 -20.90 -2.39 -24.19
C PHE A 242 -20.66 -2.31 -22.68
N SER A 243 -20.84 -3.42 -21.97
CA SER A 243 -20.54 -3.42 -20.55
C SER A 243 -19.05 -3.21 -20.31
N ARG A 244 -18.21 -3.81 -21.16
CA ARG A 244 -16.76 -3.61 -21.02
C ARG A 244 -16.37 -2.17 -21.30
N ILE A 245 -16.99 -1.54 -22.30
CA ILE A 245 -16.68 -0.15 -22.62
C ILE A 245 -17.10 0.76 -21.48
N THR A 246 -18.34 0.61 -21.03
CA THR A 246 -18.86 1.45 -19.95
C THR A 246 -18.41 1.01 -18.55
N PHE A 247 -17.77 -0.16 -18.44
CA PHE A 247 -17.35 -0.71 -17.15
C PHE A 247 -18.53 -0.88 -16.20
N SER A 248 -19.71 -1.17 -16.74
CA SER A 248 -20.89 -1.34 -15.88
C SER A 248 -20.81 -2.58 -15.03
N TRP A 249 -19.97 -3.55 -15.39
CA TRP A 249 -19.77 -4.72 -14.53
C TRP A 249 -19.17 -4.35 -13.18
N MET A 250 -18.47 -3.22 -13.08
CA MET A 250 -18.01 -2.74 -11.79
C MET A 250 -19.15 -2.23 -10.90
N SER A 251 -20.31 -1.92 -11.47
CA SER A 251 -21.36 -1.25 -10.73
C SER A 251 -21.87 -2.08 -9.56
N GLY A 252 -22.02 -3.39 -9.77
CA GLY A 252 -22.46 -4.26 -8.68
C GLY A 252 -21.49 -4.28 -7.52
N LEU A 253 -20.19 -4.30 -7.83
CA LEU A 253 -19.18 -4.22 -6.77
C LEU A 253 -19.25 -2.88 -6.05
N MET A 254 -19.48 -1.79 -6.79
CA MET A 254 -19.59 -0.47 -6.19
C MET A 254 -20.76 -0.39 -5.22
N LYS A 255 -21.91 -0.94 -5.61
CA LYS A 255 -23.05 -0.98 -4.71
C LYS A 255 -22.74 -1.81 -3.47
N THR A 256 -22.02 -2.92 -3.65
CA THR A 256 -21.65 -3.76 -2.51
C THR A 256 -20.74 -3.02 -1.55
N GLY A 257 -19.68 -2.40 -2.08
CA GLY A 257 -18.74 -1.70 -1.23
C GLY A 257 -19.30 -0.43 -0.62
N TYR A 258 -20.27 0.21 -1.28
CA TYR A 258 -20.97 1.32 -0.66
C TYR A 258 -21.81 0.85 0.52
N GLU A 259 -22.48 -0.29 0.36
CA GLU A 259 -23.45 -0.75 1.35
C GLU A 259 -22.78 -1.37 2.57
N LYS A 260 -21.63 -2.01 2.41
CA LYS A 260 -20.92 -2.64 3.52
C LYS A 260 -19.42 -2.53 3.32
N TYR A 261 -18.68 -2.85 4.37
CA TYR A 261 -17.24 -3.05 4.23
C TYR A 261 -16.97 -4.27 3.37
N LEU A 262 -15.98 -4.16 2.48
CA LEU A 262 -15.63 -5.27 1.60
C LEU A 262 -14.73 -6.24 2.36
N VAL A 263 -15.26 -7.42 2.65
CA VAL A 263 -14.44 -8.52 3.16
C VAL A 263 -13.69 -9.12 1.97
N GLU A 264 -12.57 -9.80 2.27
CA GLU A 264 -11.77 -10.45 1.24
C GLU A 264 -12.60 -11.42 0.40
N ALA A 265 -13.54 -12.11 1.02
CA ALA A 265 -14.37 -13.05 0.29
C ALA A 265 -15.31 -12.36 -0.69
N ASP A 266 -15.57 -11.07 -0.52
CA ASP A 266 -16.45 -10.38 -1.46
C ASP A 266 -15.80 -10.20 -2.82
N LEU A 267 -14.47 -10.07 -2.86
CA LEU A 267 -13.77 -9.80 -4.11
C LEU A 267 -13.88 -11.00 -5.04
N TYR A 268 -14.23 -10.75 -6.30
CA TYR A 268 -14.36 -11.82 -7.27
C TYR A 268 -12.99 -12.37 -7.63
N LYS A 269 -12.99 -13.60 -8.16
CA LYS A 269 -11.77 -14.20 -8.68
C LYS A 269 -11.21 -13.36 -9.83
N LEU A 270 -9.94 -13.58 -10.13
CA LEU A 270 -9.33 -12.93 -11.26
C LEU A 270 -9.95 -13.44 -12.56
N PRO A 271 -9.87 -12.69 -13.65
CA PRO A 271 -10.26 -13.25 -14.95
C PRO A 271 -9.36 -14.42 -15.33
N ARG A 272 -9.78 -15.14 -16.38
CA ARG A 272 -9.17 -16.43 -16.68
C ARG A 272 -7.70 -16.29 -17.12
N ASN A 273 -7.34 -15.16 -17.72
CA ASN A 273 -5.98 -14.99 -18.25
C ASN A 273 -4.97 -14.48 -17.23
N PHE A 274 -5.40 -14.14 -16.01
CA PHE A 274 -4.55 -13.46 -15.04
C PHE A 274 -3.83 -14.40 -14.08
N SER A 275 -3.99 -15.71 -14.22
CA SER A 275 -3.37 -16.65 -13.28
C SER A 275 -1.86 -16.57 -13.39
N SER A 276 -1.19 -16.48 -12.23
CA SER A 276 0.25 -16.26 -12.20
C SER A 276 1.02 -17.43 -12.80
N GLU A 277 0.48 -18.64 -12.70
CA GLU A 277 1.16 -19.80 -13.28
C GLU A 277 1.23 -19.69 -14.79
N GLU A 278 0.12 -19.29 -15.43
CA GLU A 278 0.11 -19.19 -16.89
C GLU A 278 1.04 -18.09 -17.37
N LEU A 279 1.00 -16.92 -16.73
CA LEU A 279 1.83 -15.80 -17.16
C LEU A 279 3.31 -16.11 -16.95
N SER A 280 3.66 -16.70 -15.81
CA SER A 280 5.06 -17.00 -15.53
C SER A 280 5.61 -18.05 -16.48
N GLN A 281 4.80 -19.05 -16.81
CA GLN A 281 5.26 -20.07 -17.76
C GLN A 281 5.45 -19.48 -19.15
N LYS A 282 4.59 -18.54 -19.55
CA LYS A 282 4.74 -17.90 -20.85
C LYS A 282 6.03 -17.08 -20.91
N LEU A 283 6.28 -16.25 -19.89
CA LEU A 283 7.49 -15.45 -19.89
C LEU A 283 8.72 -16.31 -19.68
N GLU A 284 8.59 -17.40 -18.91
CA GLU A 284 9.70 -18.33 -18.75
C GLU A 284 10.06 -18.96 -20.09
N LYS A 285 9.06 -19.37 -20.87
CA LYS A 285 9.31 -19.98 -22.17
C LYS A 285 10.01 -19.01 -23.11
N ASN A 286 9.54 -17.76 -23.15
CA ASN A 286 10.19 -16.76 -23.99
C ASN A 286 11.59 -16.46 -23.49
N TRP A 287 11.77 -16.34 -22.17
CA TRP A 287 13.07 -15.96 -21.62
C TRP A 287 14.12 -17.02 -21.89
N GLU A 288 13.78 -18.30 -21.67
CA GLU A 288 14.74 -19.36 -21.96
C GLU A 288 14.93 -19.54 -23.46
N ASN A 289 13.93 -19.17 -24.26
CA ASN A 289 14.13 -19.15 -25.71
C ASN A 289 15.20 -18.12 -26.09
N GLU A 290 15.18 -16.95 -25.45
CA GLU A 290 16.22 -15.96 -25.69
C GLU A 290 17.58 -16.48 -25.24
N LEU A 291 17.63 -17.16 -24.09
CA LEU A 291 18.90 -17.67 -23.60
C LEU A 291 19.48 -18.72 -24.55
N LYS A 292 18.62 -19.59 -25.09
CA LYS A 292 19.11 -20.68 -25.94
C LYS A 292 19.41 -20.21 -27.35
N GLN A 293 18.51 -19.43 -27.94
CA GLN A 293 18.52 -19.16 -29.38
C GLN A 293 19.09 -17.79 -29.74
N LYS A 294 19.79 -17.13 -28.83
CA LYS A 294 20.43 -15.85 -29.14
C LYS A 294 21.76 -15.74 -28.39
N SER A 295 22.76 -15.18 -29.06
CA SER A 295 24.06 -14.94 -28.45
C SER A 295 24.06 -13.72 -27.53
N ASN A 296 23.09 -12.82 -27.67
CA ASN A 296 22.97 -11.61 -26.86
C ASN A 296 21.56 -11.54 -26.31
N PRO A 297 21.22 -12.38 -25.33
CA PRO A 297 19.86 -12.37 -24.81
C PRO A 297 19.53 -11.08 -24.07
N SER A 298 18.25 -10.73 -24.10
CA SER A 298 17.74 -9.53 -23.45
C SER A 298 16.41 -9.84 -22.81
N LEU A 299 16.30 -9.56 -21.51
CA LEU A 299 15.03 -9.77 -20.82
C LEU A 299 13.96 -8.83 -21.35
N SER A 300 14.35 -7.61 -21.72
CA SER A 300 13.38 -6.63 -22.20
C SER A 300 12.71 -7.10 -23.49
N TRP A 301 13.49 -7.70 -24.40
CA TRP A 301 12.89 -8.21 -25.63
C TRP A 301 11.94 -9.36 -25.35
N ALA A 302 12.29 -10.21 -24.38
CA ALA A 302 11.40 -11.31 -24.02
C ALA A 302 10.07 -10.79 -23.48
N ILE A 303 10.13 -9.74 -22.65
CA ILE A 303 8.89 -9.16 -22.11
C ILE A 303 8.07 -8.54 -23.24
N CYS A 304 8.71 -7.75 -24.10
CA CYS A 304 7.99 -7.08 -25.17
C CYS A 304 7.55 -8.04 -26.26
N ARG A 305 8.11 -9.25 -26.33
CA ARG A 305 7.63 -10.23 -27.28
C ARG A 305 6.36 -10.91 -26.78
N THR A 306 6.26 -11.14 -25.47
CA THR A 306 5.17 -11.95 -24.92
C THR A 306 3.97 -11.13 -24.47
N PHE A 307 4.16 -9.86 -24.09
CA PHE A 307 3.09 -8.96 -23.70
C PHE A 307 3.01 -7.74 -24.62
N GLY A 308 3.51 -7.87 -25.86
CA GLY A 308 3.58 -6.72 -26.75
C GLY A 308 2.31 -6.45 -27.52
N SER A 309 1.42 -7.43 -27.65
CA SER A 309 0.25 -7.27 -28.49
C SER A 309 -0.71 -6.23 -27.92
N LYS A 310 -1.05 -6.35 -26.63
CA LYS A 310 -2.02 -5.42 -26.05
C LYS A 310 -1.45 -4.01 -25.91
N MET A 311 -0.13 -3.85 -25.89
CA MET A 311 0.44 -2.51 -25.91
C MET A 311 0.26 -1.86 -27.28
N LEU A 312 0.34 -2.64 -28.35
CA LEU A 312 0.03 -2.10 -29.66
C LEU A 312 -1.43 -1.70 -29.76
N LEU A 313 -2.33 -2.50 -29.18
CA LEU A 313 -3.73 -2.12 -29.13
C LEU A 313 -3.92 -0.85 -28.31
N ALA A 314 -3.20 -0.74 -27.19
CA ALA A 314 -3.27 0.48 -26.39
C ALA A 314 -2.76 1.68 -27.17
N ALA A 315 -1.68 1.50 -27.92
CA ALA A 315 -1.14 2.60 -28.72
C ALA A 315 -2.15 3.05 -29.78
N PHE A 316 -2.88 2.10 -30.35
CA PHE A 316 -3.87 2.44 -31.37
C PHE A 316 -5.00 3.27 -30.77
N PHE A 317 -5.47 2.90 -29.57
CA PHE A 317 -6.50 3.70 -28.91
C PHE A 317 -5.96 5.06 -28.48
N LYS A 318 -4.69 5.14 -28.10
CA LYS A 318 -4.13 6.44 -27.73
C LYS A 318 -4.05 7.36 -28.94
N ALA A 319 -3.72 6.81 -30.12
CA ALA A 319 -3.70 7.61 -31.33
C ALA A 319 -5.09 8.14 -31.65
N ILE A 320 -6.12 7.32 -31.50
CA ILE A 320 -7.48 7.77 -31.75
C ILE A 320 -7.88 8.83 -30.72
N HIS A 321 -7.44 8.66 -29.48
CA HIS A 321 -7.75 9.65 -28.45
C HIS A 321 -7.13 11.00 -28.74
N ASP A 322 -5.88 11.00 -29.21
CA ASP A 322 -5.21 12.26 -29.53
C ASP A 322 -5.92 12.98 -30.66
N VAL A 323 -6.34 12.24 -31.70
CA VAL A 323 -7.03 12.86 -32.82
C VAL A 323 -8.37 13.44 -32.36
N LEU A 324 -9.13 12.67 -31.57
CA LEU A 324 -10.41 13.17 -31.09
C LEU A 324 -10.25 14.30 -30.08
N ALA A 325 -9.17 14.27 -29.29
CA ALA A 325 -8.95 15.32 -28.32
C ALA A 325 -8.73 16.67 -29.00
N PHE A 326 -7.96 16.68 -30.09
CA PHE A 326 -7.67 17.89 -30.84
C PHE A 326 -8.71 18.19 -31.91
N THR A 327 -9.73 17.35 -32.07
CA THR A 327 -10.86 17.71 -32.91
C THR A 327 -11.77 18.73 -32.22
N GLN A 328 -11.85 18.69 -30.89
CA GLN A 328 -12.78 19.55 -30.16
C GLN A 328 -12.53 21.04 -30.35
N PRO A 329 -11.29 21.55 -30.25
CA PRO A 329 -11.10 22.98 -30.53
C PRO A 329 -11.49 23.40 -31.93
N GLN A 330 -11.37 22.50 -32.91
CA GLN A 330 -11.75 22.84 -34.27
C GLN A 330 -13.26 22.94 -34.41
N LEU A 331 -14.01 22.05 -33.75
CA LEU A 331 -15.46 22.19 -33.76
C LEU A 331 -15.90 23.46 -33.06
N LEU A 332 -15.19 23.85 -31.99
CA LEU A 332 -15.49 25.12 -31.34
C LEU A 332 -15.21 26.29 -32.28
N ARG A 333 -14.13 26.20 -33.05
CA ARG A 333 -13.85 27.23 -34.06
C ARG A 333 -14.94 27.28 -35.11
N ILE A 334 -15.41 26.11 -35.55
CA ILE A 334 -16.46 26.07 -36.57
C ILE A 334 -17.74 26.69 -36.04
N LEU A 335 -18.10 26.37 -34.79
CA LEU A 335 -19.35 26.89 -34.24
C LEU A 335 -19.30 28.40 -34.06
N ILE A 336 -18.17 28.94 -33.60
CA ILE A 336 -18.07 30.38 -33.41
C ILE A 336 -18.11 31.09 -34.76
N LYS A 337 -17.49 30.50 -35.77
CA LYS A 337 -17.60 31.04 -37.12
C LYS A 337 -19.05 31.01 -37.61
N PHE A 338 -19.76 29.93 -37.30
CA PHE A 338 -21.16 29.81 -37.73
C PHE A 338 -22.02 30.86 -37.05
N VAL A 339 -21.85 31.05 -35.74
CA VAL A 339 -22.65 32.02 -35.02
C VAL A 339 -22.32 33.43 -35.48
N THR A 340 -21.05 33.70 -35.77
CA THR A 340 -20.67 35.01 -36.28
C THR A 340 -21.30 35.29 -37.63
N ASP A 341 -21.27 34.29 -38.53
CA ASP A 341 -21.81 34.49 -39.87
C ASP A 341 -23.32 34.45 -39.88
N TYR A 342 -23.94 33.69 -38.97
CA TYR A 342 -25.40 33.70 -38.86
C TYR A 342 -25.89 35.08 -38.45
N ASN A 343 -25.34 35.63 -37.37
CA ASN A 343 -25.73 36.97 -36.93
C ASN A 343 -25.39 38.02 -37.98
N SER A 344 -24.29 37.81 -38.72
CA SER A 344 -23.93 38.77 -39.77
C SER A 344 -25.01 38.82 -40.86
N GLU A 345 -25.53 37.67 -41.27
CA GLU A 345 -26.51 37.65 -42.35
C GLU A 345 -27.87 38.15 -41.88
N ARG A 346 -28.23 37.90 -40.62
CA ARG A 346 -29.47 38.46 -40.08
C ARG A 346 -29.41 39.98 -40.07
N GLN A 347 -28.31 40.53 -39.57
CA GLN A 347 -28.17 41.99 -39.50
C GLN A 347 -28.11 42.59 -40.91
N ASP A 348 -27.37 41.94 -41.81
CA ASP A 348 -27.24 42.47 -43.18
C ASP A 348 -28.58 42.45 -43.91
N ASP A 349 -29.30 41.33 -43.83
CA ASP A 349 -30.55 41.18 -44.57
C ASP A 349 -31.67 41.99 -43.93
N HIS A 350 -31.75 42.01 -42.59
CA HIS A 350 -32.73 42.85 -41.92
C HIS A 350 -32.49 44.32 -42.22
N SER A 351 -31.24 44.74 -42.23
CA SER A 351 -30.89 46.11 -42.57
C SER A 351 -31.11 46.43 -44.04
N SER A 352 -31.33 45.41 -44.90
CA SER A 352 -31.62 45.60 -46.32
C SER A 352 -32.93 44.94 -46.71
N LEU A 353 -33.90 44.90 -45.80
CA LEU A 353 -35.24 44.40 -46.13
C LEU A 353 -36.04 45.39 -46.96
N GLN A 354 -35.55 46.62 -47.16
CA GLN A 354 -36.25 47.58 -48.00
C GLN A 354 -36.38 47.07 -49.44
N GLY A 355 -35.36 46.35 -49.91
CA GLY A 355 -35.38 45.83 -51.27
C GLY A 355 -36.29 44.63 -51.41
N PHE A 356 -36.47 44.24 -52.67
CA PHE A 356 -37.23 43.04 -53.04
C PHE A 356 -36.72 41.80 -52.31
N ASN A 359 -32.92 37.38 -56.27
CA ASN A 359 -33.28 36.46 -55.20
C ASN A 359 -32.09 36.18 -54.30
N HIS A 360 -32.34 36.18 -53.00
CA HIS A 360 -31.26 36.00 -52.04
C HIS A 360 -30.72 34.58 -52.11
N PRO A 361 -29.43 34.37 -51.82
CA PRO A 361 -28.90 33.00 -51.81
C PRO A 361 -29.47 32.23 -50.62
N GLN A 362 -29.33 30.91 -50.67
CA GLN A 362 -29.83 30.05 -49.61
C GLN A 362 -29.10 30.36 -48.30
N LYS A 363 -29.85 30.89 -47.33
CA LYS A 363 -29.27 31.34 -46.08
C LYS A 363 -28.69 30.16 -45.30
N LEU A 364 -27.88 30.49 -44.29
CA LEU A 364 -27.31 29.45 -43.44
C LEU A 364 -28.43 28.73 -42.68
N PRO A 365 -28.50 27.40 -42.70
CA PRO A 365 -29.56 26.73 -41.94
C PRO A 365 -29.20 26.63 -40.46
N ILE A 366 -30.20 26.92 -39.62
CA ILE A 366 -29.97 26.88 -38.17
C ILE A 366 -29.69 25.45 -37.71
N VAL A 367 -30.18 24.44 -38.44
CA VAL A 367 -29.97 23.05 -38.03
C VAL A 367 -28.48 22.70 -38.03
N ARG A 368 -27.70 23.36 -38.88
CA ARG A 368 -26.25 23.15 -38.90
C ARG A 368 -25.62 23.47 -37.55
N GLY A 369 -26.16 24.45 -36.83
CA GLY A 369 -25.67 24.73 -35.49
C GLY A 369 -25.95 23.61 -34.52
N PHE A 370 -27.15 23.02 -34.60
CA PHE A 370 -27.50 21.94 -33.68
C PHE A 370 -26.64 20.71 -33.94
N LEU A 371 -26.35 20.40 -35.20
CA LEU A 371 -25.57 19.21 -35.50
C LEU A 371 -24.09 19.39 -35.19
N ILE A 372 -23.59 20.63 -35.21
CA ILE A 372 -22.27 20.89 -34.66
C ILE A 372 -22.29 20.64 -33.16
N ALA A 373 -23.35 21.08 -32.49
CA ALA A 373 -23.48 20.85 -31.05
C ALA A 373 -23.56 19.36 -30.74
N PHE A 374 -24.23 18.59 -31.60
CA PHE A 374 -24.27 17.14 -31.40
C PHE A 374 -22.96 16.48 -31.78
N ALA A 375 -22.23 17.03 -32.75
CA ALA A 375 -20.93 16.48 -33.10
C ALA A 375 -19.95 16.57 -31.94
N MET A 376 -20.05 17.63 -31.14
CA MET A 376 -19.20 17.75 -29.96
C MET A 376 -19.51 16.66 -28.95
N PHE A 377 -20.78 16.25 -28.85
CA PHE A 377 -21.13 15.16 -27.96
C PHE A 377 -20.54 13.83 -28.45
N LEU A 378 -20.63 13.56 -29.75
CA LEU A 378 -20.11 12.31 -30.28
C LEU A 378 -18.60 12.23 -30.13
N VAL A 379 -17.90 13.36 -30.35
CA VAL A 379 -16.46 13.36 -30.19
C VAL A 379 -16.08 13.14 -28.72
N GLY A 380 -16.79 13.81 -27.81
CA GLY A 380 -16.49 13.62 -26.40
C GLY A 380 -16.79 12.22 -25.92
N PHE A 381 -17.86 11.62 -26.42
CA PHE A 381 -18.22 10.26 -26.02
C PHE A 381 -17.21 9.25 -26.56
N THR A 382 -16.84 9.38 -27.84
CA THR A 382 -15.88 8.44 -28.42
C THR A 382 -14.50 8.62 -27.81
N GLN A 383 -14.11 9.85 -27.53
CA GLN A 383 -12.84 10.10 -26.85
C GLN A 383 -12.82 9.44 -25.48
N THR A 384 -13.94 9.52 -24.76
CA THR A 384 -14.03 8.89 -23.45
C THR A 384 -13.88 7.38 -23.56
N SER A 385 -14.52 6.77 -24.56
CA SER A 385 -14.50 5.31 -24.67
C SER A 385 -13.12 4.79 -25.00
N VAL A 386 -12.47 5.34 -26.04
CA VAL A 386 -11.17 4.83 -26.44
C VAL A 386 -10.10 5.14 -25.39
N LEU A 387 -10.27 6.24 -24.64
CA LEU A 387 -9.28 6.60 -23.63
C LEU A 387 -9.21 5.54 -22.53
N HIS A 388 -10.37 5.06 -22.08
CA HIS A 388 -10.38 4.10 -20.98
C HIS A 388 -10.10 2.68 -21.46
N GLN A 389 -10.38 2.38 -22.73
CA GLN A 389 -9.89 1.13 -23.28
C GLN A 389 -8.37 1.15 -23.38
N TYR A 390 -7.78 2.31 -23.66
CA TYR A 390 -6.33 2.43 -23.62
C TYR A 390 -5.80 2.19 -22.21
N PHE A 391 -6.45 2.78 -21.20
CA PHE A 391 -6.02 2.55 -19.82
C PHE A 391 -6.23 1.11 -19.41
N LEU A 392 -7.32 0.49 -19.88
CA LEU A 392 -7.59 -0.91 -19.54
C LEU A 392 -6.48 -1.81 -20.04
N ASN A 393 -6.10 -1.69 -21.31
CA ASN A 393 -5.05 -2.54 -21.87
C ASN A 393 -3.70 -2.23 -21.23
N VAL A 394 -3.44 -0.96 -20.91
CA VAL A 394 -2.16 -0.59 -20.32
C VAL A 394 -2.01 -1.21 -18.94
N PHE A 395 -2.98 -0.94 -18.05
CA PHE A 395 -2.86 -1.44 -16.68
C PHE A 395 -2.95 -2.96 -16.63
N ASN A 396 -3.70 -3.58 -17.55
CA ASN A 396 -3.70 -5.04 -17.63
C ASN A 396 -2.32 -5.57 -17.96
N THR A 397 -1.63 -4.92 -18.90
CA THR A 397 -0.26 -5.33 -19.21
C THR A 397 0.66 -5.11 -18.03
N GLY A 398 0.42 -4.06 -17.25
CA GLY A 398 1.21 -3.84 -16.05
C GLY A 398 1.04 -4.95 -15.03
N MET A 399 -0.20 -5.40 -14.82
CA MET A 399 -0.44 -6.51 -13.91
C MET A 399 0.21 -7.79 -14.41
N TYR A 400 0.16 -8.02 -15.73
CA TYR A 400 0.75 -9.23 -16.29
C TYR A 400 2.26 -9.25 -16.07
N ILE A 401 2.93 -8.14 -16.33
CA ILE A 401 4.38 -8.09 -16.16
C ILE A 401 4.75 -8.23 -14.69
N LYS A 402 3.93 -7.67 -13.80
CA LYS A 402 4.21 -7.79 -12.36
C LYS A 402 4.10 -9.23 -11.89
N SER A 403 3.03 -9.92 -12.28
CA SER A 403 2.85 -11.31 -11.86
C SER A 403 3.92 -12.21 -12.45
N ALA A 404 4.24 -12.03 -13.73
CA ALA A 404 5.20 -12.91 -14.38
C ALA A 404 6.59 -12.74 -13.80
N LEU A 405 7.02 -11.50 -13.58
CA LEU A 405 8.36 -11.26 -13.03
C LEU A 405 8.44 -11.71 -11.58
N THR A 406 7.39 -11.48 -10.80
CA THR A 406 7.41 -11.86 -9.38
C THR A 406 7.54 -13.37 -9.22
N ALA A 407 6.76 -14.12 -9.99
CA ALA A 407 6.82 -15.57 -9.89
C ALA A 407 8.13 -16.12 -10.44
N LEU A 408 8.65 -15.50 -11.51
CA LEU A 408 9.94 -15.94 -12.05
C LEU A 408 11.06 -15.66 -11.07
N ILE A 409 11.00 -14.53 -10.37
CA ILE A 409 12.03 -14.23 -9.36
C ILE A 409 11.99 -15.26 -8.25
N TYR A 410 10.80 -15.64 -7.80
CA TYR A 410 10.69 -16.65 -6.74
C TYR A 410 11.23 -17.99 -7.22
N GLN A 411 10.83 -18.41 -8.42
CA GLN A 411 11.27 -19.70 -8.93
C GLN A 411 12.78 -19.72 -9.14
N LYS A 412 13.36 -18.59 -9.51
CA LYS A 412 14.82 -18.52 -9.66
C LYS A 412 15.51 -18.55 -8.30
N SER A 413 14.86 -18.01 -7.27
CA SER A 413 15.46 -17.98 -5.93
C SER A 413 15.71 -19.38 -5.40
N LEU A 414 14.77 -20.30 -5.64
CA LEU A 414 14.89 -21.66 -5.11
C LEU A 414 16.09 -22.40 -5.68
N VAL A 415 16.57 -22.01 -6.87
CA VAL A 415 17.66 -22.71 -7.55
C VAL A 415 18.93 -21.86 -7.60
N LEU A 416 19.03 -20.80 -6.79
CA LEU A 416 20.27 -20.05 -6.71
C LEU A 416 21.35 -20.90 -6.05
N SER A 417 22.53 -20.94 -6.67
CA SER A 417 23.67 -21.59 -6.04
C SER A 417 24.10 -20.82 -4.80
N ASN A 418 24.68 -21.54 -3.84
CA ASN A 418 25.07 -20.91 -2.58
C ASN A 418 26.15 -19.86 -2.79
N GLU A 419 26.96 -19.99 -3.84
CA GLU A 419 27.89 -18.93 -4.20
C GLU A 419 27.14 -17.66 -4.55
N ALA A 420 26.04 -17.79 -5.31
CA ALA A 420 25.23 -16.63 -5.64
C ALA A 420 24.49 -16.10 -4.42
N SER A 421 23.99 -17.00 -3.58
CA SER A 421 23.26 -16.56 -2.38
C SER A 421 24.18 -15.79 -1.43
N GLY A 422 25.43 -16.24 -1.29
CA GLY A 422 26.40 -15.48 -0.52
C GLY A 422 26.91 -14.25 -1.23
N LEU A 423 26.77 -14.17 -2.55
CA LEU A 423 27.22 -12.99 -3.28
C LEU A 423 26.39 -11.77 -2.92
N SER A 424 25.07 -11.92 -2.95
CA SER A 424 24.12 -10.83 -2.74
C SER A 424 23.40 -11.00 -1.41
N SER A 425 23.11 -9.88 -0.76
CA SER A 425 22.41 -9.89 0.52
C SER A 425 20.93 -10.19 0.31
N THR A 426 20.28 -10.58 1.42
CA THR A 426 18.86 -10.90 1.35
C THR A 426 18.02 -9.68 1.03
N GLY A 427 18.37 -8.53 1.60
CA GLY A 427 17.58 -7.32 1.39
C GLY A 427 17.58 -6.88 -0.05
N ASP A 428 18.72 -7.00 -0.74
CA ASP A 428 18.78 -6.65 -2.15
C ASP A 428 17.90 -7.56 -2.99
N ILE A 429 17.94 -8.87 -2.73
CA ILE A 429 17.17 -9.81 -3.54
C ILE A 429 15.68 -9.60 -3.33
N VAL A 430 15.27 -9.30 -2.09
CA VAL A 430 13.88 -8.96 -1.84
C VAL A 430 13.52 -7.66 -2.54
N ASN A 431 14.45 -6.70 -2.58
CA ASN A 431 14.19 -5.43 -3.23
C ASN A 431 14.06 -5.56 -4.74
N LEU A 432 14.60 -6.63 -5.34
CA LEU A 432 14.30 -6.91 -6.74
C LEU A 432 12.82 -7.12 -6.94
N MET A 433 12.20 -7.89 -6.04
CA MET A 433 10.76 -8.12 -6.12
C MET A 433 9.98 -6.87 -5.75
N SER A 434 10.43 -6.13 -4.73
CA SER A 434 9.61 -5.09 -4.14
C SER A 434 9.71 -3.76 -4.87
N VAL A 435 10.86 -3.47 -5.51
CA VAL A 435 11.15 -2.15 -6.06
C VAL A 435 11.24 -2.22 -7.58
N ASP A 436 12.13 -3.08 -8.09
CA ASP A 436 12.38 -3.12 -9.53
C ASP A 436 11.16 -3.53 -10.31
N VAL A 437 10.43 -4.55 -9.84
CA VAL A 437 9.22 -4.97 -10.53
C VAL A 437 8.16 -3.87 -10.46
N GLN A 438 8.10 -3.16 -9.34
CA GLN A 438 7.18 -2.04 -9.23
C GLN A 438 7.56 -0.93 -10.21
N LYS A 439 8.87 -0.73 -10.42
CA LYS A 439 9.31 0.26 -11.40
C LYS A 439 8.86 -0.11 -12.80
N LEU A 440 9.02 -1.38 -13.18
CA LEU A 440 8.63 -1.80 -14.53
C LEU A 440 7.12 -1.77 -14.71
N GLN A 441 6.36 -2.00 -13.64
CA GLN A 441 4.92 -1.83 -13.73
C GLN A 441 4.56 -0.37 -14.03
N ASP A 442 5.29 0.57 -13.44
CA ASP A 442 5.02 1.98 -13.66
C ASP A 442 5.43 2.43 -15.06
N LEU A 443 6.43 1.78 -15.65
CA LEU A 443 6.82 2.12 -17.02
C LEU A 443 5.68 1.85 -17.99
N THR A 444 4.91 0.79 -17.75
CA THR A 444 3.82 0.44 -18.65
C THR A 444 2.78 1.53 -18.70
N GLN A 445 2.57 2.26 -17.61
CA GLN A 445 1.66 3.39 -17.61
C GLN A 445 2.13 4.47 -18.57
N TRP A 446 3.41 4.80 -18.54
CA TRP A 446 3.97 5.92 -19.28
C TRP A 446 4.66 5.53 -20.58
N LEU A 447 4.56 4.26 -21.00
CA LEU A 447 5.32 3.82 -22.16
C LEU A 447 4.84 4.51 -23.44
N ASN A 448 3.53 4.64 -23.61
CA ASN A 448 2.99 5.17 -24.86
C ASN A 448 3.26 6.66 -25.04
N LEU A 449 3.62 7.38 -23.97
CA LEU A 449 3.81 8.82 -24.09
C LEU A 449 5.11 9.20 -24.78
N ILE A 450 5.99 8.25 -25.07
CA ILE A 450 7.21 8.60 -25.80
C ILE A 450 6.88 9.05 -27.21
N TRP A 451 5.85 8.47 -27.83
CA TRP A 451 5.37 8.88 -29.15
C TRP A 451 4.13 9.76 -29.08
N SER A 452 3.24 9.55 -28.10
CA SER A 452 2.04 10.36 -28.02
C SER A 452 2.36 11.79 -27.62
N GLY A 453 3.41 12.01 -26.84
CA GLY A 453 3.82 13.35 -26.48
C GLY A 453 4.19 14.18 -27.68
N PRO A 454 5.16 13.70 -28.47
CA PRO A 454 5.45 14.38 -29.75
C PRO A 454 4.27 14.42 -30.69
N PHE A 455 3.44 13.38 -30.72
CA PHE A 455 2.31 13.35 -31.63
C PHE A 455 1.27 14.41 -31.25
N GLN A 456 0.97 14.54 -29.96
CA GLN A 456 0.06 15.59 -29.52
C GLN A 456 0.65 16.97 -29.77
N ILE A 457 1.96 17.14 -29.52
CA ILE A 457 2.59 18.43 -29.70
C ILE A 457 2.57 18.84 -31.17
N ILE A 458 2.88 17.90 -32.06
CA ILE A 458 2.93 18.22 -33.50
C ILE A 458 1.55 18.62 -34.00
N ILE A 459 0.50 17.93 -33.54
CA ILE A 459 -0.86 18.30 -33.92
C ILE A 459 -1.18 19.70 -33.39
N CYS A 460 -0.84 19.95 -32.13
CA CYS A 460 -1.19 21.22 -31.51
C CYS A 460 -0.47 22.39 -32.19
N LEU A 461 0.81 22.23 -32.49
CA LEU A 461 1.54 23.31 -33.14
C LEU A 461 1.01 23.57 -34.55
N TYR A 462 0.64 22.51 -35.27
CA TYR A 462 0.05 22.71 -36.59
C TYR A 462 -1.31 23.39 -36.49
N SER A 463 -2.11 23.01 -35.48
CA SER A 463 -3.41 23.64 -35.30
C SER A 463 -3.26 25.11 -34.95
N LEU A 464 -2.34 25.43 -34.03
CA LEU A 464 -2.14 26.82 -33.65
C LEU A 464 -1.53 27.63 -34.78
N TYR A 465 -0.65 27.03 -35.57
CA TYR A 465 -0.03 27.77 -36.67
C TYR A 465 -1.06 28.19 -37.70
N LYS A 466 -1.98 27.29 -38.06
CA LYS A 466 -3.05 27.67 -38.98
C LYS A 466 -4.02 28.64 -38.33
N LEU A 467 -4.18 28.58 -37.00
CA LEU A 467 -5.11 29.47 -36.32
C LEU A 467 -4.52 30.87 -36.17
N LEU A 468 -3.35 30.98 -35.54
CA LEU A 468 -2.76 32.25 -35.15
C LEU A 468 -1.61 32.71 -36.03
N GLY A 469 -1.09 31.86 -36.90
CA GLY A 469 0.09 32.24 -37.66
C GLY A 469 1.35 32.15 -36.81
N ASN A 470 2.33 32.98 -37.15
CA ASN A 470 3.65 32.90 -36.54
C ASN A 470 3.65 33.25 -35.06
N SER A 471 2.62 33.94 -34.57
CA SER A 471 2.61 34.39 -33.18
C SER A 471 2.49 33.24 -32.18
N MET A 472 2.17 32.02 -32.63
CA MET A 472 2.14 30.88 -31.74
C MET A 472 3.49 30.64 -31.08
N TRP A 473 4.58 30.90 -31.81
CA TRP A 473 5.91 30.54 -31.33
C TRP A 473 6.30 31.30 -30.07
N VAL A 474 5.71 32.48 -29.84
CA VAL A 474 5.96 33.21 -28.61
C VAL A 474 5.43 32.44 -27.41
N GLY A 475 4.23 31.86 -27.56
CA GLY A 475 3.68 31.05 -26.48
C GLY A 475 4.47 29.79 -26.24
N VAL A 476 4.99 29.17 -27.31
CA VAL A 476 5.76 27.95 -27.16
C VAL A 476 7.08 28.25 -26.48
N ILE A 477 7.69 29.40 -26.82
CA ILE A 477 8.95 29.80 -26.19
C ILE A 477 8.75 30.01 -24.70
N ILE A 478 7.62 30.60 -24.31
CA ILE A 478 7.38 30.86 -22.90
C ILE A 478 7.21 29.55 -22.13
N LEU A 479 6.48 28.59 -22.71
CA LEU A 479 6.32 27.30 -22.04
C LEU A 479 7.65 26.56 -21.92
N VAL A 480 8.46 26.58 -22.99
CA VAL A 480 9.75 25.91 -22.95
C VAL A 480 10.66 26.57 -21.93
N ILE A 481 10.65 27.89 -21.86
CA ILE A 481 11.49 28.60 -20.91
C ILE A 481 11.05 28.30 -19.47
N MET A 482 9.75 28.15 -19.25
CA MET A 482 9.23 27.89 -17.92
C MET A 482 9.33 26.43 -17.49
N MET A 483 9.75 25.53 -18.39
CA MET A 483 9.99 24.15 -17.96
C MET A 483 11.14 24.03 -16.96
N PRO A 484 12.35 24.52 -17.26
CA PRO A 484 13.43 24.39 -16.25
C PRO A 484 13.16 25.14 -14.96
N LEU A 485 12.43 26.25 -15.01
CA LEU A 485 12.05 26.93 -13.77
C LEU A 485 11.18 26.03 -12.91
N ASN A 486 10.24 25.31 -13.53
CA ASN A 486 9.44 24.35 -12.79
C ASN A 486 10.31 23.25 -12.20
N SER A 487 11.28 22.76 -12.99
CA SER A 487 12.18 21.72 -12.50
C SER A 487 13.00 22.21 -11.32
N PHE A 488 13.49 23.45 -11.38
CA PHE A 488 14.26 24.01 -10.28
C PHE A 488 13.42 24.14 -9.02
N LEU A 489 12.17 24.57 -9.16
CA LEU A 489 11.29 24.66 -8.00
C LEU A 489 11.01 23.29 -7.40
N MET A 490 10.88 22.26 -8.25
CA MET A 490 10.67 20.92 -7.72
C MET A 490 11.91 20.43 -6.97
N ARG A 491 13.10 20.79 -7.43
CA ARG A 491 14.33 20.35 -6.76
C ARG A 491 14.41 20.96 -5.36
N ILE A 492 14.24 22.28 -5.25
CA ILE A 492 14.35 22.92 -3.94
C ILE A 492 13.20 22.49 -3.04
N GLN A 493 12.03 22.18 -3.62
CA GLN A 493 10.94 21.62 -2.84
C GLN A 493 11.33 20.27 -2.26
N LYS A 494 12.00 19.43 -3.06
CA LYS A 494 12.47 18.14 -2.57
C LYS A 494 13.48 18.31 -1.44
N LYS A 495 14.37 19.31 -1.57
CA LYS A 495 15.35 19.58 -0.53
C LYS A 495 14.66 19.96 0.78
N LEU A 496 13.66 20.84 0.71
CA LEU A 496 12.93 21.24 1.90
C LEU A 496 12.18 20.07 2.50
N GLN A 497 11.60 19.21 1.64
CA GLN A 497 10.87 18.05 2.14
C GLN A 497 11.80 17.09 2.86
N LYS A 498 13.01 16.91 2.34
CA LYS A 498 13.99 16.05 3.03
C LYS A 498 14.35 16.62 4.40
N SER A 499 14.57 17.93 4.48
CA SER A 499 14.87 18.54 5.77
C SER A 499 13.68 18.44 6.72
N GLN A 500 12.46 18.51 6.19
CA GLN A 500 11.27 18.28 7.01
C GLN A 500 11.26 16.87 7.56
N MET A 501 11.61 15.89 6.73
CA MET A 501 11.64 14.51 7.20
C MET A 501 12.73 14.30 8.24
N LYS A 502 13.85 15.01 8.12
CA LYS A 502 14.91 14.91 9.12
C LYS A 502 14.45 15.42 10.47
N TYR A 503 13.79 16.59 10.49
CA TYR A 503 13.28 17.11 11.75
C TYR A 503 12.14 16.25 12.29
N LYS A 504 11.37 15.62 11.41
CA LYS A 504 10.35 14.67 11.85
C LYS A 504 10.99 13.51 12.59
N ASP A 505 12.09 12.96 12.03
CA ASP A 505 12.78 11.86 12.70
C ASP A 505 13.39 12.32 14.01
N GLU A 506 13.90 13.55 14.07
CA GLU A 506 14.43 14.09 15.32
C GLU A 506 13.35 14.17 16.38
N ARG A 507 12.19 14.74 16.04
CA ARG A 507 11.10 14.84 17.01
C ARG A 507 10.59 13.46 17.40
N THR A 508 10.49 12.56 16.41
CA THR A 508 10.02 11.20 16.70
C THR A 508 10.94 10.49 17.68
N ARG A 509 12.26 10.65 17.50
CA ARG A 509 13.19 9.98 18.41
C ARG A 509 13.12 10.56 19.81
N VAL A 510 12.95 11.88 19.92
CA VAL A 510 12.82 12.51 21.23
C VAL A 510 11.56 12.00 21.93
N ILE A 511 10.45 11.92 21.20
CA ILE A 511 9.20 11.41 21.76
C ILE A 511 9.38 9.96 22.19
N SER A 512 10.08 9.18 21.37
CA SER A 512 10.28 7.76 21.67
C SER A 512 11.03 7.59 22.98
N GLU A 513 12.08 8.38 23.20
CA GLU A 513 12.82 8.31 24.45
C GLU A 513 11.94 8.72 25.63
N ILE A 514 11.11 9.74 25.44
CA ILE A 514 10.21 10.18 26.51
C ILE A 514 9.22 9.08 26.84
N LEU A 515 8.61 8.47 25.82
CA LEU A 515 7.60 7.44 26.06
C LEU A 515 8.21 6.19 26.69
N ASN A 516 9.36 5.75 26.17
CA ASN A 516 9.98 4.53 26.69
C ASN A 516 10.38 4.68 28.15
N ASN A 517 10.77 5.89 28.56
CA ASN A 517 11.18 6.19 29.93
C ASN A 517 10.15 7.05 30.66
N ILE A 518 8.87 6.84 30.35
CA ILE A 518 7.81 7.64 30.97
C ILE A 518 7.76 7.37 32.48
N LYS A 519 8.09 6.16 32.90
CA LYS A 519 8.00 5.81 34.31
C LYS A 519 8.96 6.64 35.14
N SER A 520 10.24 6.67 34.75
CA SER A 520 11.20 7.52 35.46
C SER A 520 10.88 9.00 35.31
N LEU A 521 10.33 9.39 34.16
CA LEU A 521 9.98 10.79 33.95
C LEU A 521 8.94 11.26 34.95
N LYS A 522 7.91 10.45 35.19
CA LYS A 522 6.89 10.82 36.15
C LYS A 522 7.42 10.76 37.58
N LEU A 523 8.25 9.76 37.89
CA LEU A 523 8.72 9.58 39.27
C LEU A 523 9.60 10.75 39.72
N TYR A 524 10.48 11.23 38.84
CA TYR A 524 11.34 12.38 39.17
C TYR A 524 10.69 13.73 38.88
N ALA A 525 9.43 13.76 38.42
CA ALA A 525 8.75 14.99 38.06
C ALA A 525 9.50 15.77 36.98
N TRP A 526 10.13 15.05 36.05
CA TRP A 526 10.88 15.64 34.95
C TRP A 526 10.02 15.91 33.71
N GLU A 527 8.70 16.04 33.87
CA GLU A 527 7.82 16.27 32.73
C GLU A 527 8.10 17.63 32.07
N LYS A 528 8.23 18.67 32.88
CA LYS A 528 8.39 20.02 32.34
C LYS A 528 9.68 20.20 31.52
N PRO A 529 10.87 19.82 32.00
CA PRO A 529 12.06 20.07 31.16
C PRO A 529 12.07 19.29 29.86
N TYR A 530 11.62 18.03 29.86
CA TYR A 530 11.60 17.28 28.61
C TYR A 530 10.49 17.73 27.68
N ARG A 531 9.39 18.26 28.22
CA ARG A 531 8.40 18.89 27.36
C ARG A 531 8.95 20.18 26.75
N GLU A 532 9.68 20.97 27.54
CA GLU A 532 10.31 22.17 27.02
C GLU A 532 11.34 21.82 25.96
N LYS A 533 12.09 20.74 26.18
CA LYS A 533 13.04 20.25 25.17
C LYS A 533 12.32 19.88 23.88
N LEU A 534 11.17 19.21 24.00
CA LEU A 534 10.42 18.81 22.81
C LEU A 534 9.88 20.04 22.07
N GLU A 535 9.32 21.01 22.80
CA GLU A 535 8.79 22.20 22.16
C GLU A 535 9.88 23.04 21.53
N GLU A 536 11.08 23.03 22.13
CA GLU A 536 12.21 23.73 21.52
C GLU A 536 12.55 23.13 20.16
N VAL A 537 12.50 21.80 20.05
CA VAL A 537 12.72 21.16 18.76
C VAL A 537 11.58 21.48 17.80
N ARG A 538 10.35 21.31 18.27
CA ARG A 538 9.16 21.51 17.44
C ARG A 538 9.04 22.94 16.94
N ASN A 539 8.85 23.89 17.87
CA ASN A 539 8.44 25.23 17.47
C ASN A 539 9.57 26.06 16.88
N ASN A 540 10.83 25.62 16.99
CA ASN A 540 11.98 26.39 16.56
C ASN A 540 12.59 25.90 15.25
N LYS A 541 12.54 24.58 14.99
CA LYS A 541 13.14 23.98 13.81
C LYS A 541 12.11 23.42 12.83
N GLU A 542 11.17 22.60 13.30
CA GLU A 542 10.27 21.93 12.38
C GLU A 542 9.28 22.91 11.76
N LEU A 543 8.62 23.73 12.58
CA LEU A 543 7.64 24.66 12.03
C LEU A 543 8.30 25.78 11.25
N LYS A 544 9.50 26.19 11.64
CA LYS A 544 10.24 27.17 10.85
C LYS A 544 10.57 26.63 9.48
N ASN A 545 11.00 25.37 9.40
CA ASN A 545 11.21 24.74 8.10
C ASN A 545 9.89 24.58 7.35
N LEU A 546 8.81 24.26 8.07
CA LEU A 546 7.51 24.11 7.44
C LEU A 546 7.01 25.44 6.87
N THR A 547 7.34 26.56 7.54
CA THR A 547 7.02 27.86 6.98
C THR A 547 7.75 28.10 5.66
N LYS A 548 9.03 27.70 5.59
CA LYS A 548 9.77 27.84 4.34
C LYS A 548 9.15 27.00 3.25
N LEU A 549 8.73 25.77 3.58
CA LEU A 549 8.05 24.93 2.60
C LEU A 549 6.75 25.56 2.14
N GLY A 550 6.02 26.19 3.06
CA GLY A 550 4.78 26.84 2.69
C GLY A 550 4.99 28.00 1.74
N CYS A 551 6.02 28.81 1.99
CA CYS A 551 6.31 29.93 1.10
C CYS A 551 6.68 29.45 -0.29
N TYR A 552 7.48 28.39 -0.39
CA TYR A 552 7.90 27.91 -1.71
C TYR A 552 6.74 27.23 -2.44
N MET A 553 5.81 26.60 -1.71
CA MET A 553 4.61 26.11 -2.37
C MET A 553 3.74 27.25 -2.86
N ALA A 554 3.72 28.37 -2.14
CA ALA A 554 2.98 29.54 -2.61
C ALA A 554 3.57 30.09 -3.90
N VAL A 555 4.90 30.14 -4.00
CA VAL A 555 5.55 30.59 -5.22
C VAL A 555 5.25 29.63 -6.36
N THR A 556 5.25 28.32 -6.07
CA THR A 556 4.93 27.34 -7.10
C THR A 556 3.49 27.49 -7.58
N SER A 557 2.55 27.75 -6.66
CA SER A 557 1.16 27.97 -7.05
C SER A 557 1.02 29.22 -7.89
N PHE A 558 1.77 30.29 -7.53
CA PHE A 558 1.75 31.51 -8.33
C PHE A 558 2.27 31.26 -9.73
N GLN A 559 3.35 30.47 -9.85
CA GLN A 559 3.89 30.18 -11.17
C GLN A 559 2.94 29.32 -11.99
N PHE A 560 2.30 28.33 -11.37
CA PHE A 560 1.35 27.50 -12.11
C PHE A 560 0.11 28.29 -12.54
N ASN A 561 -0.21 29.36 -11.83
CA ASN A 561 -1.38 30.17 -12.18
C ASN A 561 -1.08 31.24 -13.21
N ILE A 562 0.12 31.80 -13.20
CA ILE A 562 0.44 32.91 -14.10
C ILE A 562 0.88 32.41 -15.47
N VAL A 563 1.57 31.27 -15.54
CA VAL A 563 2.11 30.81 -16.82
C VAL A 563 1.02 30.47 -17.83
N PRO A 564 -0.06 29.76 -17.47
CA PRO A 564 -1.15 29.57 -18.45
C PRO A 564 -1.76 30.87 -18.93
N PHE A 565 -1.83 31.90 -18.09
CA PHE A 565 -2.26 33.20 -18.56
C PHE A 565 -1.21 33.83 -19.46
N LEU A 566 0.05 33.79 -19.03
CA LEU A 566 1.10 34.55 -19.70
C LEU A 566 1.37 34.04 -21.10
N VAL A 567 1.12 32.76 -21.36
CA VAL A 567 1.25 32.23 -22.71
C VAL A 567 0.24 32.89 -23.64
N SER A 568 -1.02 32.93 -23.22
CA SER A 568 -2.06 33.53 -24.06
C SER A 568 -1.89 35.03 -24.18
N CYS A 569 -1.53 35.70 -23.07
CA CYS A 569 -1.39 37.15 -23.10
C CYS A 569 -0.26 37.59 -24.02
N CYS A 570 0.88 36.91 -23.95
CA CYS A 570 1.99 37.25 -24.82
C CYS A 570 1.66 36.92 -26.28
N THR A 571 0.99 35.80 -26.53
CA THR A 571 0.67 35.41 -27.89
C THR A 571 -0.26 36.41 -28.56
N PHE A 572 -1.31 36.83 -27.86
CA PHE A 572 -2.22 37.83 -28.41
C PHE A 572 -1.53 39.17 -28.54
N ALA A 573 -0.63 39.49 -27.61
CA ALA A 573 0.09 40.77 -27.67
C ALA A 573 0.93 40.86 -28.94
N VAL A 574 1.68 39.80 -29.24
CA VAL A 574 2.51 39.81 -30.43
C VAL A 574 1.67 39.68 -31.69
N PHE A 575 0.52 38.99 -31.61
CA PHE A 575 -0.35 38.85 -32.77
C PHE A 575 -0.88 40.21 -33.21
N VAL A 576 -1.32 41.03 -32.26
CA VAL A 576 -2.05 42.25 -32.60
C VAL A 576 -1.12 43.25 -33.29
N TYR A 577 0.12 43.36 -32.84
CA TYR A 577 1.03 44.35 -33.41
C TYR A 577 1.61 43.89 -34.74
N THR A 578 1.89 42.59 -34.89
CA THR A 578 2.57 42.09 -36.09
C THR A 578 1.59 41.72 -37.21
N GLU A 579 0.38 41.27 -36.86
CA GLU A 579 -0.61 40.84 -37.84
C GLU A 579 -1.66 41.93 -38.02
N ASP A 580 -2.02 42.19 -39.27
CA ASP A 580 -3.10 43.13 -39.59
C ASP A 580 -4.48 42.48 -39.50
N ARG A 581 -4.57 41.17 -39.36
CA ARG A 581 -5.86 40.51 -39.23
C ARG A 581 -6.51 40.86 -37.90
N ALA A 582 -7.83 40.94 -37.91
CA ALA A 582 -8.57 41.22 -36.69
C ALA A 582 -8.52 40.03 -35.73
N LEU A 583 -8.36 40.32 -34.45
CA LEU A 583 -8.32 39.29 -33.41
C LEU A 583 -9.75 38.98 -32.99
N THR A 584 -10.43 38.19 -33.82
CA THR A 584 -11.82 37.85 -33.57
C THR A 584 -11.91 36.72 -32.56
N THR A 585 -13.15 36.39 -32.16
CA THR A 585 -13.36 35.38 -31.13
C THR A 585 -12.87 34.02 -31.56
N ASP A 586 -13.09 33.65 -32.82
CA ASP A 586 -12.64 32.34 -33.29
C ASP A 586 -11.13 32.18 -33.27
N LEU A 587 -10.37 33.28 -33.32
CA LEU A 587 -8.92 33.21 -33.16
C LEU A 587 -8.46 33.21 -31.71
N VAL A 588 -9.38 33.27 -30.74
CA VAL A 588 -9.05 33.56 -29.35
C VAL A 588 -9.43 32.38 -28.47
N PHE A 589 -10.70 32.01 -28.46
CA PHE A 589 -11.13 30.97 -27.53
C PHE A 589 -10.69 29.57 -27.97
N PRO A 590 -10.68 29.25 -29.27
CA PRO A 590 -9.96 28.04 -29.68
C PRO A 590 -8.48 28.09 -29.34
N ALA A 591 -7.86 29.27 -29.41
CA ALA A 591 -6.44 29.37 -29.04
C ALA A 591 -6.24 29.08 -27.56
N LEU A 592 -7.13 29.57 -26.70
CA LEU A 592 -7.02 29.28 -25.28
C LEU A 592 -7.18 27.79 -25.00
N THR A 593 -8.12 27.14 -25.69
CA THR A 593 -8.29 25.71 -25.52
C THR A 593 -7.05 24.96 -26.00
N LEU A 594 -6.48 25.37 -27.13
CA LEU A 594 -5.32 24.67 -27.67
C LEU A 594 -4.10 24.83 -26.76
N PHE A 595 -3.89 26.01 -26.20
CA PHE A 595 -2.80 26.18 -25.25
C PHE A 595 -3.00 25.34 -24.00
N ASN A 596 -4.25 25.24 -23.53
CA ASN A 596 -4.54 24.41 -22.38
C ASN A 596 -4.23 22.94 -22.66
N LEU A 597 -4.60 22.46 -23.85
CA LEU A 597 -4.26 21.09 -24.22
C LEU A 597 -2.75 20.92 -24.40
N LEU A 598 -2.04 21.99 -24.77
CA LEU A 598 -0.60 21.90 -24.94
C LEU A 598 0.13 21.81 -23.62
N SER A 599 -0.46 22.32 -22.54
CA SER A 599 0.25 22.42 -21.26
C SER A 599 0.60 21.04 -20.70
N PHE A 600 -0.35 20.09 -20.79
CA PHE A 600 -0.14 18.79 -20.14
C PHE A 600 0.98 17.98 -20.80
N PRO A 601 0.92 17.63 -22.08
CA PRO A 601 1.95 16.73 -22.64
C PRO A 601 3.34 17.32 -22.64
N LEU A 602 3.47 18.64 -22.70
CA LEU A 602 4.78 19.27 -22.66
C LEU A 602 5.40 19.22 -21.27
N MET A 603 4.61 18.97 -20.23
CA MET A 603 5.10 18.92 -18.85
C MET A 603 5.40 17.51 -18.37
N ILE A 604 4.82 16.48 -18.99
CA ILE A 604 5.02 15.10 -18.54
C ILE A 604 6.31 14.48 -19.03
N ILE A 605 6.98 15.11 -20.02
CA ILE A 605 8.17 14.49 -20.62
C ILE A 605 9.28 14.24 -19.62
N PRO A 606 9.62 15.16 -18.71
CA PRO A 606 10.64 14.82 -17.69
C PRO A 606 10.26 13.64 -16.82
N MET A 607 8.98 13.48 -16.49
CA MET A 607 8.56 12.30 -15.72
C MET A 607 8.76 11.03 -16.53
N VAL A 608 8.43 11.07 -17.83
CA VAL A 608 8.56 9.88 -18.67
C VAL A 608 10.03 9.48 -18.79
N LEU A 609 10.91 10.47 -19.02
CA LEU A 609 12.33 10.15 -19.16
C LEU A 609 12.91 9.62 -17.87
N ASN A 610 12.51 10.18 -16.72
CA ASN A 610 12.97 9.66 -15.44
C ASN A 610 12.48 8.24 -15.23
N SER A 611 11.25 7.94 -15.66
CA SER A 611 10.73 6.58 -15.55
C SER A 611 11.54 5.61 -16.40
N PHE A 612 11.96 6.04 -17.59
CA PHE A 612 12.75 5.17 -18.46
C PHE A 612 14.11 4.88 -17.85
N ILE A 613 14.78 5.88 -17.28
CA ILE A 613 16.10 5.65 -16.69
C ILE A 613 15.98 4.73 -15.50
N GLU A 614 14.98 4.93 -14.64
CA GLU A 614 14.77 4.03 -13.51
C GLU A 614 14.48 2.61 -13.98
N ALA A 615 13.68 2.48 -15.04
CA ALA A 615 13.35 1.15 -15.55
C ALA A 615 14.57 0.48 -16.17
N SER A 616 15.43 1.26 -16.84
CA SER A 616 16.64 0.69 -17.41
C SER A 616 17.56 0.15 -16.33
N VAL A 617 17.65 0.86 -15.20
CA VAL A 617 18.40 0.34 -14.06
C VAL A 617 17.77 -0.94 -13.55
N SER A 618 16.44 -0.97 -13.46
CA SER A 618 15.75 -2.15 -12.93
C SER A 618 15.94 -3.36 -13.84
N ILE A 619 15.92 -3.15 -15.17
CA ILE A 619 16.17 -4.25 -16.09
C ILE A 619 17.59 -4.77 -15.92
N GLY A 620 18.54 -3.87 -15.67
CA GLY A 620 19.90 -4.30 -15.41
C GLY A 620 20.00 -5.16 -14.17
N ARG A 621 19.29 -4.78 -13.10
CA ARG A 621 19.28 -5.59 -11.89
C ARG A 621 18.68 -6.97 -12.15
N LEU A 622 17.51 -7.01 -12.81
CA LEU A 622 16.82 -8.28 -13.00
C LEU A 622 17.57 -9.19 -13.94
N PHE A 623 18.15 -8.64 -15.01
CA PHE A 623 18.91 -9.48 -15.95
C PHE A 623 20.13 -10.09 -15.27
N THR A 624 20.83 -9.31 -14.46
CA THR A 624 21.97 -9.85 -13.72
C THR A 624 21.53 -10.90 -12.71
N PHE A 625 20.32 -10.76 -12.16
CA PHE A 625 19.83 -11.75 -11.20
C PHE A 625 19.49 -13.07 -11.88
N PHE A 626 18.78 -13.00 -13.01
CA PHE A 626 18.37 -14.24 -13.68
C PHE A 626 19.56 -15.01 -14.24
N THR A 627 20.67 -14.34 -14.53
CA THR A 627 21.84 -14.98 -15.12
C THR A 627 22.81 -15.54 -14.08
N ASN A 628 22.46 -15.53 -12.79
CA ASN A 628 23.34 -16.07 -11.77
C ASN A 628 23.51 -17.58 -11.96
N GLU A 629 24.63 -18.09 -11.45
CA GLU A 629 24.93 -19.51 -11.57
C GLU A 629 23.94 -20.32 -10.74
N GLU A 630 23.37 -21.35 -11.36
CA GLU A 630 22.38 -22.23 -10.74
C GLU A 630 23.05 -23.54 -10.32
N LEU A 631 22.38 -24.25 -9.42
CA LEU A 631 22.90 -25.50 -8.90
C LEU A 631 22.99 -26.54 -9.99
N GLN A 632 24.04 -27.36 -9.93
CA GLN A 632 24.18 -28.47 -10.86
C GLN A 632 23.10 -29.51 -10.55
N PRO A 633 22.21 -29.85 -11.49
CA PRO A 633 21.16 -30.82 -11.14
C PRO A 633 21.68 -32.21 -10.87
N ASP A 634 22.76 -32.62 -11.52
CA ASP A 634 23.30 -33.96 -11.40
C ASP A 634 24.37 -34.08 -10.32
N SER A 635 24.38 -33.18 -9.33
CA SER A 635 25.35 -33.27 -8.25
C SER A 635 25.18 -34.55 -7.43
N VAL A 636 23.99 -35.13 -7.41
CA VAL A 636 23.74 -36.39 -6.72
C VAL A 636 22.60 -37.11 -7.43
N GLN A 637 22.75 -38.44 -7.58
CA GLN A 637 21.68 -39.27 -8.13
C GLN A 637 20.72 -39.64 -7.00
N ARG A 638 19.61 -38.91 -6.93
CA ARG A 638 18.56 -39.19 -5.95
C ARG A 638 17.63 -40.26 -6.52
N LEU A 639 17.41 -41.34 -5.75
CA LEU A 639 16.76 -42.55 -6.21
C LEU A 639 15.73 -43.04 -5.20
N PRO A 640 14.83 -43.99 -5.61
CA PRO A 640 13.88 -44.58 -4.65
C PRO A 640 14.55 -45.27 -3.47
N LYS A 641 13.80 -45.52 -2.40
CA LYS A 641 14.39 -45.99 -1.14
C LYS A 641 14.93 -47.40 -1.27
N VAL A 642 15.88 -47.74 -0.39
CA VAL A 642 16.38 -49.11 -0.24
C VAL A 642 15.48 -49.86 0.73
N LYS A 643 15.40 -51.19 0.55
CA LYS A 643 14.42 -52.01 1.24
C LYS A 643 14.95 -52.60 2.55
N ASN A 644 16.02 -53.39 2.48
CA ASN A 644 16.48 -54.14 3.64
C ASN A 644 17.26 -53.24 4.59
N ILE A 645 17.14 -53.52 5.90
CA ILE A 645 18.04 -52.90 6.86
C ILE A 645 19.45 -53.37 6.58
N GLY A 646 20.40 -52.43 6.57
CA GLY A 646 21.77 -52.70 6.19
C GLY A 646 22.09 -52.45 4.74
N ASP A 647 21.09 -52.19 3.89
CA ASP A 647 21.36 -51.78 2.52
C ASP A 647 22.02 -50.40 2.50
N VAL A 648 22.88 -50.18 1.51
CA VAL A 648 23.66 -48.95 1.41
C VAL A 648 22.72 -47.86 0.87
N ALA A 649 22.20 -47.02 1.77
CA ALA A 649 21.32 -45.93 1.37
C ALA A 649 22.08 -44.74 0.80
N ILE A 650 23.32 -44.53 1.21
CA ILE A 650 24.19 -43.47 0.72
C ILE A 650 25.49 -44.10 0.28
N ASN A 651 25.91 -43.81 -0.95
CA ASN A 651 27.24 -44.20 -1.44
C ASN A 651 27.89 -43.00 -2.09
N ILE A 652 29.01 -42.55 -1.53
CA ILE A 652 29.90 -41.55 -2.11
C ILE A 652 31.26 -42.21 -2.27
N GLY A 653 31.83 -42.14 -3.46
CA GLY A 653 33.08 -42.83 -3.69
C GLY A 653 33.78 -42.40 -4.96
N ASP A 654 34.73 -43.23 -5.38
CA ASP A 654 35.56 -42.97 -6.55
C ASP A 654 36.35 -41.68 -6.40
N ASP A 655 36.83 -41.43 -5.18
CA ASP A 655 37.70 -40.29 -4.89
C ASP A 655 37.01 -38.97 -5.20
N ALA A 656 35.76 -38.85 -4.76
CA ALA A 656 34.91 -37.74 -5.17
C ALA A 656 35.45 -36.41 -4.65
N THR A 657 35.33 -35.38 -5.49
CA THR A 657 35.82 -34.03 -5.20
C THR A 657 34.69 -33.06 -5.46
N PHE A 658 34.46 -32.15 -4.51
CA PHE A 658 33.40 -31.15 -4.59
C PHE A 658 33.95 -29.79 -4.21
N LEU A 659 33.50 -28.76 -4.93
CA LEU A 659 33.98 -27.39 -4.78
C LEU A 659 32.89 -26.51 -4.21
N TRP A 660 33.26 -25.66 -3.24
CA TRP A 660 32.34 -24.63 -2.77
C TRP A 660 31.96 -23.69 -3.90
N GLN A 661 32.95 -23.29 -4.70
CA GLN A 661 32.78 -22.27 -5.74
C GLN A 661 33.55 -22.69 -6.98
N ARG A 662 32.91 -22.51 -8.14
CA ARG A 662 33.54 -22.77 -9.43
C ARG A 662 34.22 -21.53 -10.00
N LYS A 663 33.67 -20.34 -9.73
CA LYS A 663 34.26 -19.06 -10.11
C LYS A 663 34.06 -18.10 -8.95
N PRO A 664 35.00 -17.17 -8.69
CA PRO A 664 36.33 -16.96 -9.30
C PRO A 664 37.37 -17.92 -8.74
N GLU A 665 37.18 -18.40 -7.51
CA GLU A 665 38.14 -19.25 -6.83
C GLU A 665 37.63 -20.69 -6.81
N TYR A 666 38.50 -21.62 -7.21
CA TYR A 666 38.18 -23.05 -7.18
C TYR A 666 38.47 -23.63 -5.80
N LYS A 667 37.70 -23.15 -4.81
CA LYS A 667 37.86 -23.58 -3.43
C LYS A 667 37.35 -25.01 -3.29
N VAL A 668 38.28 -25.96 -3.13
CA VAL A 668 37.93 -27.37 -3.02
C VAL A 668 37.30 -27.60 -1.65
N ALA A 669 36.01 -27.92 -1.62
CA ALA A 669 35.32 -28.14 -0.36
C ALA A 669 35.71 -29.48 0.25
N LEU A 670 35.79 -30.53 -0.58
CA LEU A 670 35.98 -31.90 -0.13
C LEU A 670 36.91 -32.62 -1.09
N LYS A 671 37.74 -33.52 -0.56
CA LYS A 671 38.78 -34.20 -1.31
C LYS A 671 38.80 -35.67 -0.91
N ASN A 672 38.78 -36.55 -1.91
CA ASN A 672 38.95 -37.99 -1.71
C ASN A 672 37.88 -38.58 -0.80
N ILE A 673 36.64 -38.15 -0.99
CA ILE A 673 35.54 -38.67 -0.18
C ILE A 673 35.22 -40.10 -0.60
N ASN A 674 35.09 -40.98 0.40
CA ASN A 674 34.67 -42.36 0.21
C ASN A 674 33.56 -42.74 1.18
N PHE A 675 32.78 -41.76 1.63
CA PHE A 675 31.76 -41.98 2.66
C PHE A 675 30.66 -42.92 2.19
N GLN A 676 30.21 -43.78 3.09
CA GLN A 676 29.15 -44.75 2.80
C GLN A 676 28.36 -45.01 4.08
N ALA A 677 27.04 -45.05 3.95
CA ALA A 677 26.13 -45.25 5.09
C ALA A 677 25.07 -46.27 4.71
N LYS A 678 24.54 -46.96 5.72
CA LYS A 678 23.63 -48.09 5.56
C LYS A 678 22.28 -47.79 6.21
N LYS A 679 21.24 -48.43 5.69
CA LYS A 679 19.89 -48.24 6.22
C LYS A 679 19.82 -48.69 7.67
N GLY A 680 19.17 -47.88 8.51
CA GLY A 680 18.96 -48.19 9.90
C GLY A 680 20.12 -47.83 10.81
N ASN A 681 21.32 -47.61 10.27
CA ASN A 681 22.51 -47.35 11.07
C ASN A 681 22.72 -45.86 11.25
N LEU A 682 23.26 -45.49 12.41
CA LEU A 682 23.58 -44.10 12.75
C LEU A 682 25.05 -43.84 12.43
N THR A 683 25.30 -43.02 11.42
CA THR A 683 26.65 -42.69 10.97
C THR A 683 26.99 -41.27 11.43
N CYS A 684 28.10 -41.13 12.16
CA CYS A 684 28.52 -39.86 12.75
C CYS A 684 29.73 -39.30 12.03
N ILE A 685 29.68 -38.01 11.71
CA ILE A 685 30.78 -37.27 11.10
C ILE A 685 31.38 -36.40 12.19
N VAL A 686 32.68 -36.55 12.45
CA VAL A 686 33.36 -35.88 13.56
C VAL A 686 34.53 -35.04 13.05
N GLY A 687 34.68 -33.85 13.63
CA GLY A 687 35.73 -32.92 13.27
C GLY A 687 35.41 -31.54 13.80
N LYS A 688 36.41 -30.65 13.67
CA LYS A 688 36.25 -29.25 14.07
C LYS A 688 35.28 -28.52 13.13
N VAL A 689 34.84 -27.34 13.56
CA VAL A 689 34.06 -26.48 12.67
C VAL A 689 34.93 -26.08 11.48
N GLY A 690 34.37 -26.18 10.28
CA GLY A 690 35.13 -25.97 9.07
C GLY A 690 36.02 -27.13 8.66
N SER A 691 36.02 -28.24 9.43
CA SER A 691 36.80 -29.41 9.07
C SER A 691 36.17 -30.22 7.94
N GLY A 692 34.98 -29.84 7.47
CA GLY A 692 34.32 -30.49 6.34
C GLY A 692 32.99 -31.14 6.67
N LYS A 693 32.62 -31.27 7.95
CA LYS A 693 31.42 -32.03 8.30
C LYS A 693 30.16 -31.37 7.77
N THR A 694 30.02 -30.04 7.91
CA THR A 694 28.86 -29.38 7.33
C THR A 694 28.92 -29.38 5.81
N ALA A 695 30.12 -29.44 5.23
CA ALA A 695 30.24 -29.52 3.78
C ALA A 695 29.75 -30.87 3.26
N LEU A 696 30.09 -31.96 3.96
CA LEU A 696 29.69 -33.28 3.51
C LEU A 696 28.18 -33.45 3.54
N LEU A 697 27.52 -32.85 4.54
CA LEU A 697 26.06 -32.83 4.54
C LEU A 697 25.53 -31.97 3.39
N SER A 698 26.19 -30.84 3.13
CA SER A 698 25.78 -30.01 1.99
C SER A 698 25.96 -30.76 0.67
N CYS A 699 26.94 -31.65 0.60
CA CYS A 699 27.09 -32.50 -0.58
C CYS A 699 25.90 -33.44 -0.74
N MET A 700 25.41 -34.00 0.37
CA MET A 700 24.24 -34.88 0.31
C MET A 700 23.01 -34.13 -0.20
N LEU A 701 22.84 -32.88 0.23
CA LEU A 701 21.75 -32.07 -0.29
C LEU A 701 21.93 -31.69 -1.75
N GLY A 702 23.14 -31.85 -2.30
CA GLY A 702 23.42 -31.42 -3.66
C GLY A 702 23.71 -29.95 -3.81
N ASP A 703 24.06 -29.27 -2.72
CA ASP A 703 24.35 -27.83 -2.80
C ASP A 703 25.71 -27.58 -3.44
N LEU A 704 26.69 -28.44 -3.18
CA LEU A 704 28.04 -28.27 -3.70
C LEU A 704 28.13 -28.77 -5.15
N PHE A 705 29.08 -28.19 -5.87
CA PHE A 705 29.31 -28.55 -7.27
C PHE A 705 30.24 -29.76 -7.35
N ARG A 706 29.84 -30.77 -8.13
CA ARG A 706 30.59 -32.01 -8.26
C ARG A 706 31.50 -31.93 -9.48
N VAL A 707 32.80 -31.90 -9.25
CA VAL A 707 33.79 -31.89 -10.33
C VAL A 707 34.26 -33.31 -10.67
N LYS A 708 34.25 -34.22 -9.70
CA LYS A 708 34.72 -35.58 -9.93
C LYS A 708 34.04 -36.52 -8.94
N GLY A 709 33.84 -37.76 -9.37
CA GLY A 709 33.24 -38.79 -8.55
C GLY A 709 31.76 -38.97 -8.85
N PHE A 710 31.18 -39.93 -8.14
CA PHE A 710 29.76 -40.24 -8.19
C PHE A 710 29.16 -40.06 -6.80
N ALA A 711 27.87 -39.76 -6.76
CA ALA A 711 27.15 -39.58 -5.50
C ALA A 711 25.72 -40.10 -5.65
N THR A 712 25.24 -40.80 -4.61
CA THR A 712 23.91 -41.40 -4.60
C THR A 712 23.26 -41.16 -3.24
N VAL A 713 21.94 -40.96 -3.25
CA VAL A 713 21.15 -40.92 -2.02
C VAL A 713 19.79 -41.54 -2.32
N HIS A 714 19.32 -42.41 -1.42
CA HIS A 714 18.12 -43.22 -1.64
C HIS A 714 16.98 -42.74 -0.76
N GLY A 715 15.80 -42.57 -1.36
CA GLY A 715 14.58 -42.27 -0.63
C GLY A 715 14.40 -40.80 -0.31
N SER A 716 13.30 -40.52 0.39
CA SER A 716 13.02 -39.17 0.85
C SER A 716 14.04 -38.74 1.89
N VAL A 717 14.36 -37.44 1.87
CA VAL A 717 15.37 -36.85 2.76
C VAL A 717 14.68 -35.91 3.72
N ALA A 718 15.06 -35.98 5.00
CA ALA A 718 14.76 -34.97 6.00
C ALA A 718 16.07 -34.39 6.51
N TYR A 719 16.09 -33.08 6.74
CA TYR A 719 17.32 -32.35 7.01
C TYR A 719 17.10 -31.32 8.10
N VAL A 720 18.14 -31.10 8.92
CA VAL A 720 18.14 -30.11 10.00
C VAL A 720 19.38 -29.25 9.86
N SER A 721 19.20 -27.95 9.65
CA SER A 721 20.31 -27.00 9.60
C SER A 721 20.90 -26.79 11.00
N GLN A 722 22.16 -26.35 11.01
CA GLN A 722 22.82 -26.03 12.28
C GLN A 722 22.08 -24.91 13.01
N VAL A 723 21.74 -23.84 12.30
CA VAL A 723 20.82 -22.83 12.84
C VAL A 723 19.39 -23.33 12.61
N PRO A 724 18.54 -23.43 13.67
CA PRO A 724 17.18 -23.94 13.44
C PRO A 724 16.26 -22.91 12.80
N TRP A 725 15.97 -23.09 11.51
CA TRP A 725 15.08 -22.18 10.80
C TRP A 725 13.63 -22.54 11.07
N ILE A 726 12.80 -21.53 11.31
CA ILE A 726 11.41 -21.71 11.71
C ILE A 726 10.55 -20.73 10.93
N MET A 727 9.46 -21.24 10.37
CA MET A 727 8.47 -20.38 9.72
C MET A 727 7.75 -19.56 10.79
N ASN A 728 7.22 -18.42 10.38
CA ASN A 728 6.56 -17.51 11.32
C ASN A 728 5.10 -17.89 11.60
N GLY A 729 4.64 -19.04 11.15
CA GLY A 729 3.29 -19.48 11.44
C GLY A 729 3.16 -20.05 12.83
N THR A 730 2.24 -21.00 13.01
CA THR A 730 2.03 -21.62 14.30
C THR A 730 3.06 -22.72 14.54
N VAL A 731 3.12 -23.18 15.80
CA VAL A 731 4.00 -24.29 16.14
C VAL A 731 3.56 -25.56 15.41
N LYS A 732 2.24 -25.77 15.31
CA LYS A 732 1.74 -26.93 14.58
C LYS A 732 2.11 -26.84 13.10
N GLU A 733 2.05 -25.64 12.52
CA GLU A 733 2.48 -25.47 11.13
C GLU A 733 3.96 -25.78 10.98
N ASN A 734 4.79 -25.35 11.94
CA ASN A 734 6.21 -25.64 11.86
C ASN A 734 6.49 -27.13 11.95
N ILE A 735 5.76 -27.86 12.81
CA ILE A 735 5.99 -29.30 12.93
C ILE A 735 5.44 -30.04 11.72
N LEU A 736 4.23 -29.71 11.28
CA LEU A 736 3.66 -30.39 10.12
C LEU A 736 4.43 -30.06 8.85
N PHE A 737 4.66 -28.78 8.59
CA PHE A 737 5.47 -28.32 7.47
C PHE A 737 4.92 -28.83 6.14
N GLY A 738 3.60 -28.71 5.97
CA GLY A 738 2.93 -29.14 4.75
C GLY A 738 2.47 -30.58 4.75
N HIS A 739 2.78 -31.36 5.78
CA HIS A 739 2.33 -32.74 5.87
C HIS A 739 0.95 -32.81 6.52
N ARG A 740 0.21 -33.87 6.20
CA ARG A 740 -1.12 -34.05 6.76
C ARG A 740 -1.04 -34.30 8.25
N TYR A 741 -2.11 -33.93 8.96
CA TYR A 741 -2.16 -34.09 10.41
C TYR A 741 -2.43 -35.54 10.77
N ASP A 742 -1.82 -35.99 11.87
CA ASP A 742 -2.03 -37.34 12.40
C ASP A 742 -1.89 -37.24 13.91
N ALA A 743 -3.00 -37.43 14.62
CA ALA A 743 -3.04 -37.14 16.04
C ALA A 743 -2.09 -38.03 16.84
N GLU A 744 -2.01 -39.32 16.49
CA GLU A 744 -1.16 -40.23 17.24
C GLU A 744 0.31 -39.86 17.09
N PHE A 745 0.78 -39.75 15.85
CA PHE A 745 2.19 -39.45 15.62
C PHE A 745 2.52 -38.02 16.04
N TYR A 746 1.58 -37.10 15.90
CA TYR A 746 1.82 -35.71 16.32
C TYR A 746 2.09 -35.63 17.82
N GLU A 747 1.27 -36.32 18.62
CA GLU A 747 1.53 -36.38 20.05
C GLU A 747 2.78 -37.20 20.35
N LYS A 748 2.98 -38.30 19.61
CA LYS A 748 4.10 -39.20 19.90
C LYS A 748 5.43 -38.52 19.66
N THR A 749 5.54 -37.72 18.60
CA THR A 749 6.79 -37.02 18.32
C THR A 749 7.03 -35.88 19.31
N ILE A 750 5.97 -35.21 19.74
CA ILE A 750 6.10 -34.17 20.75
C ILE A 750 6.65 -34.77 22.05
N LYS A 751 6.12 -35.93 22.45
CA LYS A 751 6.64 -36.63 23.61
C LYS A 751 8.07 -37.09 23.37
N ALA A 752 8.36 -37.59 22.17
CA ALA A 752 9.68 -38.12 21.87
C ALA A 752 10.76 -37.04 21.92
N CYS A 753 10.42 -35.81 21.54
CA CYS A 753 11.37 -34.70 21.52
C CYS A 753 11.43 -33.94 22.85
N ALA A 754 10.72 -34.39 23.89
CA ALA A 754 10.64 -33.69 25.17
C ALA A 754 10.07 -32.28 25.01
N LEU A 755 9.20 -32.09 24.01
CA LEU A 755 8.62 -30.78 23.72
C LEU A 755 7.33 -30.52 24.49
N THR A 756 6.78 -31.54 25.17
CA THR A 756 5.49 -31.37 25.85
C THR A 756 5.59 -30.36 26.99
N ILE A 757 6.68 -30.42 27.77
CA ILE A 757 6.85 -29.46 28.86
C ILE A 757 7.02 -28.05 28.30
N ASP A 758 7.78 -27.91 27.21
CA ASP A 758 7.92 -26.61 26.57
C ASP A 758 6.61 -26.15 25.96
N LEU A 759 5.86 -27.09 25.36
CA LEU A 759 4.56 -26.75 24.79
C LEU A 759 3.58 -26.32 25.87
N ALA A 760 3.62 -26.97 27.04
CA ALA A 760 2.73 -26.58 28.13
C ALA A 760 3.07 -25.20 28.67
N ILE A 761 4.35 -24.86 28.71
CA ILE A 761 4.76 -23.56 29.24
C ILE A 761 4.26 -22.43 28.34
N LEU A 762 4.26 -22.65 27.02
CA LEU A 762 3.68 -21.68 26.11
C LEU A 762 2.19 -21.54 26.38
N MET A 763 1.72 -20.28 26.37
CA MET A 763 0.38 -19.99 26.87
C MET A 763 -0.70 -20.64 26.03
N ASP A 764 -0.67 -20.44 24.72
CA ASP A 764 -1.63 -21.04 23.80
C ASP A 764 -1.17 -22.39 23.26
N GLY A 765 -0.05 -22.93 23.76
CA GLY A 765 0.39 -24.24 23.32
C GLY A 765 0.79 -24.26 21.86
N ASP A 766 0.34 -25.29 21.15
CA ASP A 766 0.67 -25.41 19.73
C ASP A 766 0.06 -24.29 18.89
N LYS A 767 -0.97 -23.61 19.38
CA LYS A 767 -1.58 -22.52 18.64
C LYS A 767 -0.77 -21.22 18.70
N THR A 768 0.30 -21.17 19.50
CA THR A 768 1.13 -19.98 19.57
C THR A 768 1.78 -19.69 18.22
N LEU A 769 1.82 -18.41 17.86
CA LEU A 769 2.60 -17.99 16.71
C LEU A 769 4.08 -18.04 17.03
N VAL A 770 4.90 -18.14 15.98
CA VAL A 770 6.30 -18.50 16.08
C VAL A 770 7.13 -17.46 15.36
N GLY A 771 8.38 -17.32 15.77
CA GLY A 771 9.36 -16.61 14.97
C GLY A 771 9.26 -15.11 15.14
N GLU A 772 9.46 -14.39 14.03
CA GLU A 772 9.60 -12.94 14.07
C GLU A 772 8.32 -12.27 14.54
N LYS A 773 7.17 -12.72 14.03
CA LYS A 773 5.89 -12.11 14.39
C LYS A 773 5.37 -12.62 15.73
N GLY A 774 5.65 -13.87 16.08
CA GLY A 774 5.16 -14.48 17.30
C GLY A 774 6.17 -14.44 18.43
N ILE A 775 6.07 -15.42 19.31
CA ILE A 775 6.91 -15.48 20.50
C ILE A 775 8.29 -15.98 20.10
N SER A 776 9.33 -15.26 20.53
CA SER A 776 10.70 -15.70 20.32
C SER A 776 11.00 -16.90 21.23
N LEU A 777 11.65 -17.91 20.66
CA LEU A 777 11.94 -19.16 21.34
C LEU A 777 13.42 -19.24 21.70
N SER A 778 13.70 -19.76 22.90
CA SER A 778 15.08 -19.96 23.33
C SER A 778 15.74 -21.02 22.47
N GLY A 779 17.08 -20.96 22.39
CA GLY A 779 17.81 -21.74 21.40
C GLY A 779 17.63 -23.25 21.55
N GLY A 780 17.69 -23.75 22.78
CA GLY A 780 17.43 -25.16 23.00
C GLY A 780 15.99 -25.54 22.70
N GLN A 781 15.04 -24.70 23.09
CA GLN A 781 13.66 -24.91 22.68
C GLN A 781 13.50 -24.78 21.17
N LYS A 782 14.24 -23.84 20.57
CA LYS A 782 14.20 -23.67 19.12
C LYS A 782 14.73 -24.91 18.41
N ALA A 783 15.82 -25.48 18.92
CA ALA A 783 16.40 -26.67 18.29
C ALA A 783 15.47 -27.87 18.39
N ARG A 784 14.78 -28.02 19.52
CA ARG A 784 13.84 -29.13 19.68
C ARG A 784 12.71 -29.03 18.67
N LEU A 785 12.19 -27.83 18.44
CA LEU A 785 11.14 -27.65 17.46
C LEU A 785 11.63 -27.99 16.06
N SER A 786 12.86 -27.60 15.73
CA SER A 786 13.43 -27.91 14.43
C SER A 786 13.57 -29.41 14.23
N LEU A 787 14.04 -30.12 15.26
CA LEU A 787 14.17 -31.57 15.14
C LEU A 787 12.80 -32.24 15.09
N ALA A 788 11.82 -31.69 15.83
CA ALA A 788 10.49 -32.28 15.85
C ALA A 788 9.85 -32.27 14.47
N ARG A 789 10.15 -31.23 13.68
CA ARG A 789 9.70 -31.21 12.29
C ARG A 789 10.28 -32.39 11.51
N ALA A 790 11.57 -32.68 11.73
CA ALA A 790 12.23 -33.74 10.97
C ALA A 790 11.62 -35.10 11.28
N VAL A 791 11.36 -35.38 12.56
CA VAL A 791 10.84 -36.69 12.93
C VAL A 791 9.44 -36.89 12.37
N TYR A 792 8.64 -35.82 12.37
CA TYR A 792 7.25 -35.94 11.89
C TYR A 792 7.19 -36.31 10.42
N ALA A 793 8.17 -35.89 9.62
CA ALA A 793 8.14 -36.21 8.20
C ALA A 793 8.27 -37.71 7.95
N ARG A 794 8.89 -38.46 8.86
CA ARG A 794 9.10 -39.90 8.70
C ARG A 794 9.84 -40.20 7.40
N ALA A 795 10.92 -39.47 7.17
CA ALA A 795 11.68 -39.59 5.94
C ALA A 795 12.55 -40.84 5.95
N ASP A 796 13.00 -41.23 4.76
CA ASP A 796 13.86 -42.41 4.61
C ASP A 796 15.28 -42.15 5.08
N THR A 797 15.78 -40.92 4.93
CA THR A 797 17.15 -40.55 5.28
C THR A 797 17.12 -39.26 6.07
N TYR A 798 17.90 -39.21 7.15
CA TYR A 798 17.98 -38.08 8.06
C TYR A 798 19.40 -37.53 8.05
N LEU A 799 19.53 -36.25 7.72
CA LEU A 799 20.81 -35.55 7.68
C LEU A 799 20.79 -34.43 8.72
N LEU A 800 21.55 -34.60 9.79
CA LEU A 800 21.47 -33.76 10.98
C LEU A 800 22.80 -33.05 11.18
N ASP A 801 22.81 -31.73 10.99
CA ASP A 801 24.03 -30.92 11.11
C ASP A 801 24.13 -30.37 12.52
N ASP A 802 24.52 -31.26 13.45
CA ASP A 802 24.78 -30.89 14.84
C ASP A 802 23.55 -30.28 15.51
N PRO A 803 22.44 -31.00 15.60
CA PRO A 803 21.25 -30.44 16.26
C PRO A 803 21.37 -30.38 17.78
N LEU A 804 22.27 -31.16 18.38
CA LEU A 804 22.38 -31.25 19.83
C LEU A 804 23.23 -30.14 20.44
N ALA A 805 23.74 -29.21 19.64
CA ALA A 805 24.65 -28.19 20.16
C ALA A 805 23.97 -27.28 21.18
N ALA A 806 22.71 -26.93 20.95
CA ALA A 806 21.97 -26.02 21.81
C ALA A 806 21.09 -26.74 22.83
N VAL A 807 21.22 -28.05 22.97
CA VAL A 807 20.36 -28.87 23.82
C VAL A 807 21.14 -29.28 25.05
N ASP A 808 20.44 -29.34 26.19
CA ASP A 808 21.05 -29.77 27.44
C ASP A 808 21.47 -31.23 27.37
N GLU A 809 22.31 -31.63 28.32
CA GLU A 809 22.85 -32.99 28.35
C GLU A 809 21.75 -34.02 28.57
N HIS A 810 20.94 -33.83 29.62
CA HIS A 810 19.91 -34.82 29.93
C HIS A 810 18.81 -34.83 28.88
N VAL A 811 18.49 -33.66 28.33
CA VAL A 811 17.55 -33.62 27.20
C VAL A 811 18.15 -34.33 26.00
N ALA A 812 19.45 -34.12 25.75
CA ALA A 812 20.10 -34.80 24.64
C ALA A 812 20.08 -36.31 24.83
N ARG A 813 20.26 -36.78 26.06
CA ARG A 813 20.15 -38.20 26.34
C ARG A 813 18.74 -38.71 26.04
N HIS A 814 17.73 -37.91 26.39
CA HIS A 814 16.35 -38.27 26.05
C HIS A 814 16.16 -38.35 24.54
N LEU A 815 16.71 -37.38 23.81
CA LEU A 815 16.64 -37.42 22.35
C LEU A 815 17.39 -38.63 21.80
N ILE A 816 18.54 -38.94 22.39
CA ILE A 816 19.32 -40.09 21.93
C ILE A 816 18.56 -41.38 22.19
N GLU A 817 17.80 -41.44 23.29
CA GLU A 817 17.05 -42.65 23.61
C GLU A 817 15.89 -42.85 22.64
N HIS A 818 15.03 -41.84 22.51
CA HIS A 818 13.74 -42.00 21.84
C HIS A 818 13.79 -41.74 20.35
N VAL A 819 14.68 -40.88 19.88
CA VAL A 819 14.73 -40.47 18.47
C VAL A 819 15.87 -41.18 17.76
N LEU A 820 17.10 -40.93 18.21
CA LEU A 820 18.29 -41.32 17.46
C LEU A 820 18.79 -42.72 17.81
N GLY A 821 18.44 -43.25 18.97
CA GLY A 821 18.98 -44.52 19.40
C GLY A 821 18.42 -45.70 18.64
N PRO A 822 19.04 -46.88 18.79
CA PRO A 822 18.50 -48.07 18.11
C PRO A 822 17.14 -48.48 18.61
N ASN A 823 16.79 -48.13 19.85
CA ASN A 823 15.45 -48.36 20.38
C ASN A 823 14.48 -47.22 20.07
N GLY A 824 14.92 -46.19 19.36
CA GLY A 824 14.10 -45.03 19.12
C GLY A 824 13.12 -45.20 17.98
N LEU A 825 12.42 -44.10 17.67
CA LEU A 825 11.43 -44.10 16.60
C LEU A 825 12.08 -44.39 15.25
N LEU A 826 13.22 -43.76 14.98
CA LEU A 826 13.87 -43.81 13.67
C LEU A 826 14.90 -44.92 13.55
N HIS A 827 14.70 -46.03 14.27
CA HIS A 827 15.66 -47.13 14.23
C HIS A 827 15.76 -47.74 12.83
N THR A 828 14.64 -47.79 12.11
CA THR A 828 14.63 -48.40 10.78
C THR A 828 15.14 -47.47 9.70
N LYS A 829 15.25 -46.16 9.96
CA LYS A 829 15.62 -45.18 8.94
C LYS A 829 17.12 -44.96 8.93
N THR A 830 17.62 -44.50 7.78
CA THR A 830 19.01 -44.08 7.68
C THR A 830 19.19 -42.76 8.44
N LYS A 831 20.33 -42.61 9.11
CA LYS A 831 20.60 -41.44 9.93
C LYS A 831 22.05 -41.03 9.77
N VAL A 832 22.27 -39.75 9.47
CA VAL A 832 23.58 -39.12 9.43
C VAL A 832 23.55 -37.97 10.41
N LEU A 833 24.50 -37.96 11.35
CA LEU A 833 24.50 -37.04 12.49
C LEU A 833 25.89 -36.44 12.65
N ALA A 834 26.09 -35.23 12.14
CA ALA A 834 27.38 -34.55 12.25
C ALA A 834 27.44 -33.85 13.61
N THR A 835 27.96 -34.58 14.59
CA THR A 835 28.16 -34.04 15.93
C THR A 835 29.35 -34.72 16.56
N ASN A 836 29.95 -34.05 17.55
CA ASN A 836 31.15 -34.52 18.23
C ASN A 836 30.90 -34.88 19.69
N LYS A 837 29.66 -34.82 20.18
CA LYS A 837 29.40 -35.10 21.58
C LYS A 837 29.63 -36.57 21.89
N VAL A 838 30.17 -36.83 23.09
CA VAL A 838 30.57 -38.19 23.46
C VAL A 838 29.36 -39.11 23.57
N SER A 839 28.24 -38.59 24.10
CA SER A 839 27.06 -39.42 24.31
C SER A 839 26.53 -39.98 23.00
N ALA A 840 26.45 -39.14 21.97
CA ALA A 840 25.99 -39.61 20.66
C ALA A 840 26.97 -40.59 20.05
N LEU A 841 28.27 -40.37 20.27
CA LEU A 841 29.28 -41.22 19.64
C LEU A 841 29.26 -42.63 20.22
N SER A 842 28.93 -42.76 21.50
CA SER A 842 28.94 -44.08 22.15
C SER A 842 27.92 -45.01 21.51
N ILE A 843 26.68 -44.51 21.33
CA ILE A 843 25.62 -45.34 20.73
C ILE A 843 25.75 -45.42 19.21
N ALA A 844 26.54 -44.55 18.59
CA ALA A 844 26.65 -44.54 17.13
C ALA A 844 27.26 -45.83 16.60
N ASP A 845 26.76 -46.27 15.45
CA ASP A 845 27.19 -47.55 14.87
C ASP A 845 28.55 -47.43 14.19
N SER A 846 28.63 -46.61 13.15
CA SER A 846 29.85 -46.43 12.35
C SER A 846 30.26 -44.97 12.40
N ILE A 847 31.56 -44.73 12.58
CA ILE A 847 32.12 -43.40 12.70
C ILE A 847 32.95 -43.11 11.45
N ALA A 848 32.96 -41.85 11.03
CA ALA A 848 33.77 -41.37 9.92
C ALA A 848 34.59 -40.18 10.41
N LEU A 849 35.91 -40.26 10.25
CA LEU A 849 36.82 -39.20 10.66
C LEU A 849 37.13 -38.32 9.45
N LEU A 850 36.85 -37.03 9.57
CA LEU A 850 36.94 -36.07 8.48
C LEU A 850 37.77 -34.87 8.94
N ASP A 851 38.98 -34.75 8.41
CA ASP A 851 39.93 -33.70 8.79
C ASP A 851 40.16 -32.77 7.60
N ASN A 852 39.65 -31.54 7.72
CA ASN A 852 39.93 -30.46 6.77
C ASN A 852 39.55 -30.83 5.33
N GLY A 853 38.38 -31.46 5.19
CA GLY A 853 37.87 -31.83 3.88
C GLY A 853 38.40 -33.14 3.33
N GLU A 854 39.12 -33.92 4.15
CA GLU A 854 39.64 -35.22 3.76
C GLU A 854 39.21 -36.26 4.80
N ILE A 855 38.57 -37.32 4.34
CA ILE A 855 38.19 -38.42 5.24
C ILE A 855 39.42 -39.30 5.43
N THR A 856 39.88 -39.41 6.68
CA THR A 856 41.05 -40.22 6.98
C THR A 856 40.69 -41.70 7.00
N GLN A 857 39.78 -42.09 7.89
CA GLN A 857 39.38 -43.49 7.98
C GLN A 857 38.06 -43.57 8.74
N GLN A 858 37.28 -44.60 8.43
CA GLN A 858 36.00 -44.88 9.05
C GLN A 858 35.96 -46.33 9.51
N GLY A 859 34.94 -46.65 10.30
CA GLY A 859 34.76 -48.01 10.76
C GLY A 859 33.73 -48.07 11.86
N THR A 860 33.36 -49.30 12.20
CA THR A 860 32.42 -49.51 13.30
C THR A 860 33.07 -49.09 14.63
N TYR A 861 32.21 -48.74 15.59
CA TYR A 861 32.69 -48.23 16.87
C TYR A 861 33.53 -49.25 17.62
N ASP A 862 33.25 -50.54 17.43
CA ASP A 862 34.04 -51.57 18.10
C ASP A 862 35.46 -51.62 17.56
N GLU A 863 35.65 -51.32 16.27
CA GLU A 863 36.99 -51.38 15.68
C GLU A 863 37.91 -50.33 16.30
N ILE A 864 37.42 -49.10 16.44
CA ILE A 864 38.24 -48.04 17.04
C ILE A 864 38.51 -48.32 18.52
N THR A 865 37.59 -49.02 19.19
CA THR A 865 37.73 -49.25 20.63
C THR A 865 38.98 -50.05 20.95
N LYS A 866 39.22 -51.13 20.21
CA LYS A 866 40.46 -51.89 20.36
C LYS A 866 41.65 -51.20 19.70
N ASP A 867 41.41 -50.31 18.73
CA ASP A 867 42.46 -49.51 18.11
C ASP A 867 42.58 -48.17 18.84
N ALA A 868 42.89 -48.26 20.13
CA ALA A 868 42.91 -47.07 20.98
C ALA A 868 44.00 -46.07 20.60
N ASP A 869 45.03 -46.50 19.86
CA ASP A 869 46.12 -45.60 19.52
C ASP A 869 45.68 -44.44 18.62
N SER A 870 44.61 -44.61 17.85
CA SER A 870 44.16 -43.54 16.98
C SER A 870 43.58 -42.40 17.80
N PRO A 871 43.59 -41.15 17.29
CA PRO A 871 43.09 -40.03 18.10
C PRO A 871 41.59 -40.10 18.41
N LEU A 872 40.82 -40.89 17.66
CA LEU A 872 39.38 -40.94 17.89
C LEU A 872 39.06 -41.50 19.28
N TRP A 873 39.86 -42.46 19.75
CA TRP A 873 39.72 -42.93 21.12
C TRP A 873 40.19 -41.89 22.12
N LYS A 874 41.20 -41.08 21.74
CA LYS A 874 41.81 -40.16 22.68
C LYS A 874 40.84 -39.06 23.12
N LEU A 875 40.01 -38.56 22.19
CA LEU A 875 39.07 -37.50 22.56
C LEU A 875 38.06 -38.00 23.58
N LEU A 876 37.65 -39.27 23.47
CA LEU A 876 36.82 -39.87 24.51
C LEU A 876 37.56 -39.96 25.83
N ASN A 877 38.86 -40.23 25.78
CA ASN A 877 39.63 -40.49 27.00
C ASN A 877 39.76 -39.23 27.85
N ASN A 878 40.17 -38.12 27.24
CA ASN A 878 40.48 -36.93 28.03
C ASN A 878 39.23 -36.27 28.60
N TYR A 879 38.08 -36.45 27.96
CA TYR A 879 36.83 -35.88 28.50
C TYR A 879 36.50 -36.52 29.84
N GLY A 880 36.60 -37.84 29.92
CA GLY A 880 36.45 -38.56 31.17
C GLY A 880 35.05 -38.41 31.76
N LYS A 881 34.98 -38.51 33.09
CA LYS A 881 33.73 -38.35 33.81
C LYS A 881 33.47 -36.87 34.09
N GLU A 906 18.89 -33.81 39.95
CA GLU A 906 18.24 -34.98 39.36
C GLU A 906 16.82 -34.69 38.87
N GLY A 907 16.24 -33.57 39.32
CA GLY A 907 14.89 -33.22 38.87
C GLY A 907 14.81 -32.94 37.39
N GLU A 908 15.79 -32.18 36.86
CA GLU A 908 15.81 -31.88 35.43
C GLU A 908 15.99 -33.16 34.62
N LEU A 909 16.93 -34.02 35.04
CA LEU A 909 17.12 -35.29 34.36
C LEU A 909 15.88 -36.17 34.47
N GLU A 910 15.27 -36.20 35.66
CA GLU A 910 14.06 -37.00 35.84
C GLU A 910 12.91 -36.46 34.99
N GLN A 911 12.78 -35.14 34.90
CA GLN A 911 11.74 -34.55 34.07
C GLN A 911 11.94 -34.90 32.60
N LEU A 912 13.19 -34.84 32.13
CA LEU A 912 13.48 -35.26 30.76
C LEU A 912 13.15 -36.74 30.56
N GLN A 913 13.53 -37.58 31.52
CA GLN A 913 13.22 -39.00 31.50
C GLN A 913 11.91 -39.32 32.21
N LYS A 914 10.98 -38.37 32.32
CA LYS A 914 9.72 -38.61 33.00
C LYS A 914 8.89 -39.68 32.27
N LEU A 915 8.98 -39.72 30.95
CA LEU A 915 8.23 -40.69 30.17
C LEU A 915 8.68 -42.11 30.47
N ASP A 924 7.55 -55.30 16.80
CA ASP A 924 7.57 -53.85 16.84
C ASP A 924 6.94 -53.25 15.59
N ALA A 925 6.83 -51.93 15.56
CA ALA A 925 6.28 -51.23 14.40
C ALA A 925 7.29 -51.25 13.26
N ILE A 926 7.22 -52.28 12.42
CA ILE A 926 8.17 -52.43 11.34
C ILE A 926 7.92 -51.38 10.25
N LEU A 928 8.15 -47.46 9.69
CA LEU A 928 7.24 -46.33 9.83
C LEU A 928 6.98 -45.72 8.45
N ARG A 929 5.73 -45.75 8.00
CA ARG A 929 5.40 -45.22 6.67
C ARG A 929 5.61 -43.71 6.63
N ARG A 930 6.07 -43.21 5.49
CA ARG A 930 6.38 -41.80 5.33
C ARG A 930 5.14 -40.92 5.55
N ALA A 931 5.39 -39.63 5.77
CA ALA A 931 4.31 -38.65 5.86
C ALA A 931 3.66 -38.43 4.50
N ASP A 933 2.08 -35.43 2.07
CA ASP A 933 1.95 -34.00 1.82
C ASP A 933 0.47 -33.66 1.63
N ALA A 934 -0.01 -32.69 2.40
CA ALA A 934 -1.42 -32.28 2.33
C ALA A 934 -1.70 -31.58 1.01
N LEU A 936 -2.46 -28.82 -1.47
CA LEU A 936 -2.03 -27.43 -1.41
C LEU A 936 -3.23 -26.48 -1.30
N GLY A 937 -4.24 -26.70 -2.13
CA GLY A 937 -5.45 -25.92 -2.07
C GLY A 937 -5.25 -24.45 -2.38
N ILE A 939 -4.77 -20.40 -0.28
CA ILE A 939 -4.63 -19.55 0.90
C ILE A 939 -5.64 -18.42 0.79
N ASP A 940 -6.25 -18.06 1.91
CA ASP A 940 -7.12 -16.90 2.03
C ASP A 940 -6.57 -16.00 3.12
N PHE A 941 -6.46 -14.71 2.81
CA PHE A 941 -5.84 -13.78 3.76
C PHE A 941 -6.71 -13.60 4.99
N GLY A 942 -6.06 -13.58 6.17
CA GLY A 942 -6.74 -13.42 7.43
C GLY A 942 -6.69 -11.98 7.90
N ASP A 943 -7.87 -11.41 8.13
CA ASP A 943 -8.01 -10.03 8.60
C ASP A 943 -9.13 -9.91 9.63
N ASP A 944 -9.34 -10.95 10.44
CA ASP A 944 -10.45 -10.97 11.37
C ASP A 944 -10.36 -9.86 12.41
N GLU A 945 -9.14 -9.49 12.80
CA GLU A 945 -8.98 -8.36 13.70
C GLU A 945 -9.46 -7.07 13.05
N ASN A 946 -9.20 -6.91 11.76
CA ASN A 946 -9.66 -5.72 11.05
C ASN A 946 -11.18 -5.69 10.97
N ILE A 947 -11.82 -6.85 10.77
CA ILE A 947 -13.27 -6.90 10.70
C ILE A 947 -13.88 -6.49 12.04
N ALA A 948 -13.23 -6.88 13.15
CA ALA A 948 -13.70 -6.45 14.46
C ALA A 948 -13.60 -4.94 14.60
N LYS A 949 -12.54 -4.34 14.05
CA LYS A 949 -12.40 -2.88 14.10
C LYS A 949 -13.52 -2.19 13.34
N ARG A 950 -13.89 -2.72 12.18
CA ARG A 950 -14.98 -2.15 11.37
C ARG A 950 -16.32 -2.76 11.77
N GLU A 951 -16.66 -2.58 13.05
CA GLU A 951 -17.93 -3.10 13.57
C GLU A 951 -19.12 -2.27 13.10
N HIS A 952 -18.90 -1.06 12.59
CA HIS A 952 -20.00 -0.23 12.11
C HIS A 952 -20.74 -0.87 10.94
N ARG A 953 -20.03 -1.66 10.13
CA ARG A 953 -20.59 -2.23 8.90
C ARG A 953 -21.02 -1.12 7.94
N GLU A 954 -20.26 -0.03 7.91
CA GLU A 954 -20.35 1.00 6.87
C GLU A 954 -21.69 1.72 6.90
N GLN A 955 -22.05 2.26 8.07
CA GLN A 955 -22.98 3.39 8.08
C GLN A 955 -22.37 4.56 7.33
N GLY A 956 -21.07 4.79 7.55
CA GLY A 956 -20.26 5.59 6.66
C GLY A 956 -20.59 7.07 6.59
N LYS A 957 -21.47 7.56 7.45
CA LYS A 957 -21.76 8.98 7.46
C LYS A 957 -20.57 9.74 8.02
N VAL A 958 -20.22 10.84 7.36
CA VAL A 958 -18.98 11.54 7.66
C VAL A 958 -19.05 12.14 9.06
N LYS A 959 -18.00 11.93 9.85
CA LYS A 959 -17.92 12.49 11.20
C LYS A 959 -17.58 13.97 11.06
N TRP A 960 -18.63 14.78 10.87
CA TRP A 960 -18.45 16.21 10.68
C TRP A 960 -17.89 16.90 11.90
N ASN A 961 -18.00 16.29 13.09
CA ASN A 961 -17.38 16.87 14.28
C ASN A 961 -15.87 16.99 14.13
N ILE A 962 -15.24 16.08 13.38
CA ILE A 962 -13.80 16.18 13.16
C ILE A 962 -13.48 17.39 12.29
N TYR A 963 -14.27 17.60 11.24
CA TYR A 963 -14.01 18.73 10.34
C TYR A 963 -14.17 20.06 11.05
N LEU A 964 -15.23 20.20 11.86
CA LEU A 964 -15.41 21.43 12.62
C LEU A 964 -14.31 21.60 13.66
N GLU A 965 -13.89 20.50 14.30
CA GLU A 965 -12.81 20.59 15.27
C GLU A 965 -11.51 21.02 14.61
N TYR A 966 -11.22 20.50 13.42
CA TYR A 966 -10.04 20.95 12.69
C TYR A 966 -10.20 22.40 12.25
N ALA A 967 -11.40 22.80 11.85
CA ALA A 967 -11.63 24.18 11.48
C ALA A 967 -11.41 25.12 12.66
N LYS A 968 -11.77 24.67 13.87
CA LYS A 968 -11.50 25.45 15.06
C LYS A 968 -10.02 25.40 15.45
N ALA A 969 -9.32 24.32 15.10
CA ALA A 969 -7.88 24.28 15.33
C ALA A 969 -7.18 25.35 14.52
N CYS A 970 -7.50 25.45 13.24
CA CYS A 970 -7.16 26.65 12.48
C CYS A 970 -7.93 27.83 13.05
N ASN A 971 -7.42 29.03 12.84
CA ASN A 971 -8.18 30.20 13.21
C ASN A 971 -9.39 30.28 12.29
N PRO A 972 -10.64 30.22 12.78
CA PRO A 972 -11.78 30.25 11.85
C PRO A 972 -11.87 31.53 11.03
N LYS A 973 -11.41 32.65 11.58
CA LYS A 973 -11.38 33.88 10.80
C LYS A 973 -10.42 33.75 9.62
N SER A 974 -9.27 33.11 9.85
CA SER A 974 -8.31 32.91 8.77
C SER A 974 -8.84 31.97 7.70
N VAL A 975 -9.67 30.99 8.08
CA VAL A 975 -10.26 30.10 7.10
C VAL A 975 -11.19 30.86 6.18
N CYS A 976 -11.97 31.80 6.74
CA CYS A 976 -12.83 32.64 5.90
C CYS A 976 -12.00 33.50 4.95
N VAL A 977 -10.88 34.03 5.44
CA VAL A 977 -10.00 34.81 4.57
C VAL A 977 -9.41 33.92 3.49
N PHE A 978 -9.03 32.68 3.85
CA PHE A 978 -8.46 31.77 2.87
C PHE A 978 -9.48 31.43 1.78
N ILE A 979 -10.73 31.18 2.16
CA ILE A 979 -11.76 30.90 1.17
C ILE A 979 -12.09 32.16 0.38
N LEU A 980 -11.99 33.33 1.00
CA LEU A 980 -12.30 34.57 0.31
C LEU A 980 -11.36 34.81 -0.87
N PHE A 981 -10.07 34.56 -0.68
CA PHE A 981 -9.10 34.80 -1.74
C PHE A 981 -9.17 33.75 -2.84
N ILE A 982 -9.74 32.58 -2.58
CA ILE A 982 -10.04 31.66 -3.67
C ILE A 982 -11.11 32.26 -4.58
N VAL A 983 -12.14 32.85 -3.98
CA VAL A 983 -13.23 33.44 -4.77
C VAL A 983 -12.72 34.65 -5.55
N ILE A 984 -11.88 35.47 -4.91
CA ILE A 984 -11.34 36.64 -5.60
C ILE A 984 -10.41 36.21 -6.72
N SER A 985 -9.68 35.12 -6.53
CA SER A 985 -8.80 34.61 -7.58
C SER A 985 -9.60 34.15 -8.79
N MET A 986 -10.60 33.31 -8.58
CA MET A 986 -11.36 32.77 -9.69
C MET A 986 -12.23 33.84 -10.33
N PHE A 987 -12.75 34.77 -9.53
CA PHE A 987 -13.60 35.82 -10.09
C PHE A 987 -12.81 36.73 -11.03
N LEU A 988 -11.59 37.10 -10.65
CA LEU A 988 -10.76 37.89 -11.54
C LEU A 988 -10.40 37.11 -12.80
N SER A 989 -10.13 35.81 -12.65
CA SER A 989 -9.82 34.99 -13.82
C SER A 989 -11.02 34.91 -14.76
N VAL A 990 -12.23 34.76 -14.21
CA VAL A 990 -13.42 34.73 -15.05
C VAL A 990 -13.62 36.08 -15.71
N MET A 991 -13.49 37.17 -14.95
CA MET A 991 -13.60 38.50 -15.55
C MET A 991 -12.46 38.79 -16.50
N GLY A 992 -11.32 38.11 -16.35
CA GLY A 992 -10.27 38.23 -17.35
C GLY A 992 -10.72 37.71 -18.71
N ASN A 993 -11.45 36.60 -18.72
CA ASN A 993 -11.97 36.07 -19.98
C ASN A 993 -13.14 36.89 -20.50
N VAL A 994 -13.94 37.48 -19.60
CA VAL A 994 -15.05 38.32 -20.05
C VAL A 994 -14.51 39.56 -20.76
N TRP A 995 -13.43 40.14 -20.23
CA TRP A 995 -12.79 41.25 -20.93
C TRP A 995 -12.23 40.81 -22.26
N LEU A 996 -11.65 39.61 -22.32
CA LEU A 996 -11.16 39.08 -23.58
C LEU A 996 -12.30 38.87 -24.56
N LYS A 997 -13.47 38.47 -24.07
CA LYS A 997 -14.66 38.40 -24.90
C LYS A 997 -15.01 39.77 -25.45
N HIS A 998 -15.01 40.80 -24.59
CA HIS A 998 -15.34 42.14 -25.03
C HIS A 998 -14.30 42.68 -25.99
N TRP A 999 -13.03 42.39 -25.76
CA TRP A 999 -11.98 42.83 -26.65
C TRP A 999 -12.13 42.21 -28.03
N SER A 1000 -12.42 40.91 -28.08
CA SER A 1000 -12.54 40.23 -29.37
C SER A 1000 -13.76 40.73 -30.13
N GLU A 1001 -14.86 41.02 -29.44
CA GLU A 1001 -16.05 41.53 -30.11
C GLU A 1001 -15.80 42.89 -30.72
N VAL A 1002 -15.04 43.75 -30.04
CA VAL A 1002 -14.74 45.07 -30.58
C VAL A 1002 -13.88 44.93 -31.85
N ASN A 1003 -12.90 44.03 -31.82
CA ASN A 1003 -12.07 43.81 -33.00
C ASN A 1003 -12.90 43.28 -34.16
N SER A 1004 -13.79 42.33 -33.89
CA SER A 1004 -14.64 41.78 -34.95
C SER A 1004 -15.57 42.85 -35.51
N ARG A 1005 -16.14 43.69 -34.64
CA ARG A 1005 -17.02 44.75 -35.11
C ARG A 1005 -16.26 45.78 -35.93
N TYR A 1006 -15.08 46.17 -35.46
CA TYR A 1006 -14.26 47.13 -36.20
C TYR A 1006 -13.55 46.50 -37.39
N GLY A 1007 -13.27 45.20 -37.33
CA GLY A 1007 -12.45 44.59 -38.36
C GLY A 1007 -10.99 44.96 -38.27
N SER A 1008 -10.52 45.35 -37.10
CA SER A 1008 -9.15 45.80 -36.90
C SER A 1008 -8.81 45.62 -35.42
N ASN A 1009 -7.73 46.27 -34.96
CA ASN A 1009 -7.27 46.20 -33.58
C ASN A 1009 -7.11 47.60 -33.03
N PRO A 1010 -8.22 48.32 -32.80
CA PRO A 1010 -8.11 49.67 -32.26
C PRO A 1010 -7.83 49.66 -30.77
N ASN A 1011 -6.91 50.54 -30.35
CA ASN A 1011 -6.54 50.69 -28.95
C ASN A 1011 -6.02 49.38 -28.37
N ALA A 1012 -5.05 48.78 -29.07
CA ALA A 1012 -4.51 47.49 -28.65
C ALA A 1012 -3.85 47.59 -27.28
N ALA A 1013 -3.15 48.70 -27.01
CA ALA A 1013 -2.48 48.86 -25.73
C ALA A 1013 -3.48 48.93 -24.58
N ARG A 1014 -4.60 49.63 -24.79
CA ARG A 1014 -5.58 49.79 -23.72
C ARG A 1014 -6.23 48.46 -23.37
N TYR A 1015 -6.72 47.72 -24.37
CA TYR A 1015 -7.36 46.44 -24.10
C TYR A 1015 -6.36 45.43 -23.58
N LEU A 1016 -5.16 45.41 -24.14
CA LEU A 1016 -4.15 44.46 -23.69
C LEU A 1016 -3.70 44.75 -22.26
N ALA A 1017 -3.56 46.03 -21.91
CA ALA A 1017 -3.12 46.38 -20.56
C ALA A 1017 -4.16 45.97 -19.52
N ILE A 1018 -5.44 46.19 -19.80
CA ILE A 1018 -6.48 45.81 -18.86
C ILE A 1018 -6.56 44.30 -18.75
N TYR A 1019 -6.41 43.59 -19.88
CA TYR A 1019 -6.42 42.13 -19.83
C TYR A 1019 -5.25 41.60 -19.03
N PHE A 1020 -4.07 42.21 -19.20
CA PHE A 1020 -2.91 41.82 -18.41
C PHE A 1020 -3.11 42.10 -16.93
N ALA A 1021 -3.79 43.20 -16.61
CA ALA A 1021 -4.00 43.57 -15.22
C ALA A 1021 -4.85 42.53 -14.49
N LEU A 1022 -5.89 42.02 -15.16
CA LEU A 1022 -6.75 41.04 -14.51
C LEU A 1022 -6.05 39.70 -14.32
N GLY A 1023 -5.15 39.33 -15.23
CA GLY A 1023 -4.41 38.10 -15.05
C GLY A 1023 -3.46 38.15 -13.86
N ILE A 1024 -2.73 39.26 -13.72
CA ILE A 1024 -1.86 39.42 -12.57
C ILE A 1024 -2.66 39.50 -11.29
N GLY A 1025 -3.85 40.12 -11.35
CA GLY A 1025 -4.70 40.15 -10.17
C GLY A 1025 -5.13 38.76 -9.72
N SER A 1026 -5.47 37.90 -10.67
CA SER A 1026 -5.82 36.52 -10.32
C SER A 1026 -4.61 35.79 -9.79
N ALA A 1027 -3.43 36.00 -10.39
CA ALA A 1027 -2.23 35.30 -9.94
C ALA A 1027 -1.82 35.76 -8.54
N LEU A 1028 -1.90 37.06 -8.26
CA LEU A 1028 -1.56 37.55 -6.94
C LEU A 1028 -2.53 37.04 -5.88
N ALA A 1029 -3.79 36.83 -6.27
CA ALA A 1029 -4.75 36.26 -5.33
C ALA A 1029 -4.38 34.85 -4.92
N THR A 1030 -3.89 34.04 -5.87
CA THR A 1030 -3.43 32.70 -5.53
C THR A 1030 -2.17 32.74 -4.66
N LEU A 1031 -1.32 33.75 -4.87
CA LEU A 1031 -0.15 33.90 -4.01
C LEU A 1031 -0.58 34.22 -2.57
N ILE A 1032 -1.49 35.18 -2.41
CA ILE A 1032 -2.00 35.51 -1.09
C ILE A 1032 -2.82 34.35 -0.52
N GLN A 1033 -3.47 33.58 -1.40
CA GLN A 1033 -4.22 32.41 -0.95
C GLN A 1033 -3.31 31.41 -0.25
N THR A 1034 -2.23 31.02 -0.90
CA THR A 1034 -1.39 29.94 -0.36
C THR A 1034 -0.57 30.41 0.83
N ILE A 1035 -0.17 31.68 0.85
CA ILE A 1035 0.54 32.19 2.02
C ILE A 1035 -0.37 32.20 3.24
N VAL A 1036 -1.63 32.58 3.05
CA VAL A 1036 -2.59 32.54 4.15
C VAL A 1036 -2.86 31.10 4.56
N LEU A 1037 -2.81 30.16 3.62
CA LEU A 1037 -3.04 28.76 3.94
C LEU A 1037 -1.97 28.23 4.88
N TRP A 1038 -0.70 28.45 4.55
CA TRP A 1038 0.38 27.81 5.29
C TRP A 1038 0.75 28.61 6.53
N VAL A 1039 0.95 29.93 6.38
CA VAL A 1039 1.47 30.73 7.49
C VAL A 1039 0.43 30.82 8.62
N PHE A 1040 -0.83 31.04 8.27
CA PHE A 1040 -1.86 31.37 9.26
C PHE A 1040 -2.73 30.18 9.64
N CYS A 1041 -3.20 29.40 8.68
CA CYS A 1041 -4.17 28.33 8.96
C CYS A 1041 -3.48 27.02 9.32
N THR A 1042 -2.68 26.47 8.41
CA THR A 1042 -2.17 25.11 8.60
C THR A 1042 -1.16 25.04 9.73
N ILE A 1043 -0.20 25.97 9.77
CA ILE A 1043 0.85 25.91 10.79
C ILE A 1043 0.25 26.17 12.17
N HIS A 1044 -0.73 27.07 12.27
CA HIS A 1044 -1.36 27.32 13.56
C HIS A 1044 -2.08 26.09 14.08
N ALA A 1045 -2.75 25.34 13.19
CA ALA A 1045 -3.42 24.12 13.61
C ALA A 1045 -2.42 23.07 14.06
N SER A 1046 -1.31 22.92 13.33
CA SER A 1046 -0.30 21.94 13.71
C SER A 1046 0.31 22.27 15.05
N LYS A 1047 0.60 23.54 15.31
CA LYS A 1047 1.10 23.94 16.61
C LYS A 1047 0.06 23.72 17.70
N TYR A 1048 -1.21 24.00 17.39
CA TYR A 1048 -2.26 23.83 18.38
C TYR A 1048 -2.49 22.36 18.70
N LEU A 1049 -2.57 21.51 17.66
CA LEU A 1049 -2.88 20.11 17.88
C LEU A 1049 -1.76 19.39 18.62
N HIS A 1050 -0.51 19.63 18.22
CA HIS A 1050 0.61 18.93 18.82
C HIS A 1050 0.76 19.30 20.28
N ASN A 1051 0.65 20.59 20.61
CA ASN A 1051 0.76 21.01 22.00
C ASN A 1051 -0.37 20.44 22.85
N LEU A 1052 -1.58 20.38 22.28
CA LEU A 1052 -2.70 19.81 23.02
C LEU A 1052 -2.49 18.33 23.29
N MET A 1053 -1.94 17.60 22.31
CA MET A 1053 -1.76 16.16 22.48
C MET A 1053 -0.64 15.85 23.48
N THR A 1054 0.49 16.55 23.36
CA THR A 1054 1.62 16.28 24.25
C THR A 1054 1.28 16.58 25.69
N ASN A 1055 0.59 17.70 25.93
CA ASN A 1055 0.19 18.04 27.29
C ASN A 1055 -0.77 17.00 27.85
N SER A 1056 -1.66 16.47 27.01
CA SER A 1056 -2.61 15.46 27.47
C SER A 1056 -1.92 14.13 27.71
N VAL A 1057 -1.04 13.71 26.80
CA VAL A 1057 -0.40 12.41 26.94
C VAL A 1057 0.56 12.41 28.12
N LEU A 1058 1.36 13.48 28.26
CA LEU A 1058 2.28 13.55 29.39
C LEU A 1058 1.55 13.61 30.72
N ARG A 1059 0.34 14.18 30.74
CA ARG A 1059 -0.47 14.21 31.95
C ARG A 1059 -1.25 12.93 32.18
N ALA A 1060 -1.33 12.03 31.21
CA ALA A 1060 -2.18 10.86 31.35
C ALA A 1060 -1.65 9.92 32.43
N PRO A 1061 -2.52 9.15 33.08
CA PRO A 1061 -2.04 8.25 34.14
C PRO A 1061 -1.28 7.07 33.56
N MET A 1062 -0.61 6.35 34.46
CA MET A 1062 0.22 5.23 34.02
C MET A 1062 -0.60 4.10 33.41
N THR A 1063 -1.87 3.97 33.79
CA THR A 1063 -2.71 2.92 33.22
C THR A 1063 -2.87 3.07 31.73
N PHE A 1064 -2.90 4.31 31.23
CA PHE A 1064 -2.96 4.53 29.79
C PHE A 1064 -1.71 4.00 29.10
N PHE A 1065 -0.54 4.26 29.68
CA PHE A 1065 0.70 3.79 29.07
C PHE A 1065 0.82 2.27 29.15
N GLU A 1066 0.38 1.67 30.26
CA GLU A 1066 0.49 0.23 30.41
C GLU A 1066 -0.42 -0.51 29.44
N THR A 1067 -1.69 -0.10 29.36
CA THR A 1067 -2.64 -0.80 28.50
C THR A 1067 -2.29 -0.62 27.03
N THR A 1068 -2.08 0.63 26.60
CA THR A 1068 -1.82 0.88 25.19
C THR A 1068 -0.37 0.50 24.85
N PRO A 1069 -0.10 -0.07 23.67
CA PRO A 1069 1.30 -0.28 23.29
C PRO A 1069 2.03 1.05 23.09
N ILE A 1070 3.33 1.03 23.42
CA ILE A 1070 4.15 2.23 23.24
C ILE A 1070 4.31 2.54 21.76
N GLY A 1071 4.39 1.50 20.92
CA GLY A 1071 4.55 1.72 19.49
C GLY A 1071 3.36 2.45 18.89
N ARG A 1072 2.15 2.11 19.32
CA ARG A 1072 0.96 2.77 18.80
C ARG A 1072 0.94 4.25 19.17
N ILE A 1073 1.33 4.58 20.40
CA ILE A 1073 1.36 5.98 20.81
C ILE A 1073 2.39 6.73 19.99
N LEU A 1074 3.58 6.15 19.82
CA LEU A 1074 4.63 6.81 19.05
C LEU A 1074 4.23 6.96 17.59
N ASN A 1075 3.48 5.99 17.07
CA ASN A 1075 3.03 6.08 15.68
C ASN A 1075 2.12 7.29 15.47
N ARG A 1076 1.22 7.54 16.42
CA ARG A 1076 0.32 8.69 16.28
C ARG A 1076 1.06 10.00 16.43
N PHE A 1077 2.10 10.05 17.26
CA PHE A 1077 2.88 11.27 17.38
C PHE A 1077 3.61 11.59 16.08
N SER A 1078 4.15 10.57 15.42
CA SER A 1078 4.94 10.77 14.20
C SER A 1078 4.05 10.88 12.96
N ASN A 1079 3.31 9.82 12.64
CA ASN A 1079 2.65 9.75 11.34
C ASN A 1079 1.48 10.72 11.25
N ASP A 1080 0.61 10.75 12.26
CA ASP A 1080 -0.60 11.58 12.17
C ASP A 1080 -0.25 13.06 12.16
N ILE A 1081 0.76 13.46 12.94
CA ILE A 1081 1.17 14.86 12.94
C ILE A 1081 1.79 15.22 11.58
N TYR A 1082 2.53 14.29 10.98
CA TYR A 1082 3.10 14.54 9.67
C TYR A 1082 2.02 14.71 8.61
N LYS A 1083 0.97 13.88 8.68
CA LYS A 1083 -0.14 14.02 7.74
C LYS A 1083 -0.84 15.36 7.91
N VAL A 1084 -1.03 15.79 9.16
CA VAL A 1084 -1.73 17.06 9.42
C VAL A 1084 -0.89 18.23 8.92
N ASP A 1085 0.43 18.18 9.14
CA ASP A 1085 1.28 19.30 8.77
C ASP A 1085 1.36 19.45 7.25
N ALA A 1086 1.86 18.42 6.56
CA ALA A 1086 2.18 18.53 5.15
C ALA A 1086 0.99 18.23 4.24
N LEU A 1087 0.23 17.17 4.54
CA LEU A 1087 -0.71 16.63 3.58
C LEU A 1087 -2.12 17.22 3.74
N LEU A 1088 -2.61 17.35 4.97
CA LEU A 1088 -4.02 17.70 5.17
C LEU A 1088 -4.33 19.10 4.66
N GLY A 1089 -3.41 20.05 4.87
CA GLY A 1089 -3.62 21.38 4.31
C GLY A 1089 -3.64 21.39 2.80
N ARG A 1090 -2.85 20.49 2.18
CA ARG A 1090 -2.80 20.43 0.72
C ARG A 1090 -4.14 19.98 0.14
N THR A 1091 -4.75 18.96 0.73
CA THR A 1091 -5.95 18.37 0.15
C THR A 1091 -7.12 19.33 0.21
N PHE A 1092 -7.28 20.07 1.32
CA PHE A 1092 -8.37 21.04 1.41
C PHE A 1092 -8.20 22.14 0.37
N SER A 1093 -6.97 22.63 0.18
CA SER A 1093 -6.75 23.70 -0.79
C SER A 1093 -7.07 23.25 -2.20
N GLN A 1094 -6.64 22.03 -2.56
CA GLN A 1094 -6.98 21.51 -3.89
C GLN A 1094 -8.47 21.30 -4.03
N PHE A 1095 -9.15 20.87 -2.96
CA PHE A 1095 -10.58 20.64 -3.04
C PHE A 1095 -11.34 21.95 -3.23
N PHE A 1096 -11.05 22.96 -2.40
CA PHE A 1096 -11.81 24.21 -2.49
C PHE A 1096 -11.49 24.97 -3.77
N VAL A 1097 -10.25 24.90 -4.24
CA VAL A 1097 -9.88 25.58 -5.48
C VAL A 1097 -10.64 25.00 -6.65
N ASN A 1098 -10.71 23.66 -6.73
CA ASN A 1098 -11.45 23.03 -7.81
C ASN A 1098 -12.96 23.18 -7.61
N ALA A 1099 -13.43 23.12 -6.37
CA ALA A 1099 -14.86 23.25 -6.11
C ALA A 1099 -15.35 24.64 -6.49
N VAL A 1100 -14.59 25.67 -6.14
CA VAL A 1100 -14.97 27.03 -6.54
C VAL A 1100 -14.80 27.20 -8.04
N LYS A 1101 -13.83 26.51 -8.65
CA LYS A 1101 -13.64 26.59 -10.09
C LYS A 1101 -14.86 26.07 -10.84
N VAL A 1102 -15.42 24.95 -10.39
CA VAL A 1102 -16.61 24.41 -11.04
C VAL A 1102 -17.81 25.32 -10.81
N THR A 1103 -17.93 25.88 -9.61
CA THR A 1103 -19.08 26.74 -9.31
C THR A 1103 -19.07 27.98 -10.19
N PHE A 1104 -17.88 28.57 -10.42
CA PHE A 1104 -17.80 29.69 -11.34
C PHE A 1104 -17.97 29.25 -12.79
N THR A 1105 -17.57 28.02 -13.12
CA THR A 1105 -17.82 27.50 -14.45
C THR A 1105 -19.32 27.34 -14.70
N ILE A 1106 -20.06 26.89 -13.69
CA ILE A 1106 -21.49 26.67 -13.85
C ILE A 1106 -22.22 28.00 -14.03
N THR A 1107 -21.92 28.98 -13.17
CA THR A 1107 -22.66 30.23 -13.23
C THR A 1107 -22.33 31.02 -14.48
N VAL A 1108 -21.15 30.82 -15.07
CA VAL A 1108 -20.83 31.45 -16.35
C VAL A 1108 -21.75 30.91 -17.44
N ILE A 1109 -21.94 29.59 -17.47
CA ILE A 1109 -22.78 29.00 -18.50
C ILE A 1109 -24.24 29.37 -18.27
N CYS A 1110 -24.68 29.39 -17.01
CA CYS A 1110 -26.07 29.72 -16.70
C CYS A 1110 -26.37 31.17 -17.08
N ALA A 1111 -25.41 32.07 -16.89
CA ALA A 1111 -25.62 33.46 -17.29
C ALA A 1111 -25.83 33.58 -18.79
N THR A 1112 -25.06 32.82 -19.58
CA THR A 1112 -25.22 32.87 -21.02
C THR A 1112 -26.55 32.24 -21.46
N THR A 1113 -26.97 31.18 -20.79
CA THR A 1113 -28.23 30.50 -21.08
C THR A 1113 -28.87 30.09 -19.76
N TRP A 1114 -29.93 30.78 -19.36
CA TRP A 1114 -30.55 30.49 -18.08
C TRP A 1114 -31.25 29.14 -18.06
N GLN A 1115 -31.61 28.59 -19.23
CA GLN A 1115 -32.29 27.30 -19.27
C GLN A 1115 -31.39 26.14 -18.86
N PHE A 1116 -30.07 26.35 -18.75
CA PHE A 1116 -29.14 25.30 -18.38
C PHE A 1116 -29.31 24.82 -16.93
N ILE A 1117 -30.08 25.53 -16.11
CA ILE A 1117 -30.32 25.09 -14.74
C ILE A 1117 -30.97 23.72 -14.71
N PHE A 1118 -31.87 23.45 -15.66
CA PHE A 1118 -32.57 22.17 -15.70
C PHE A 1118 -31.66 21.01 -16.07
N ILE A 1119 -30.46 21.26 -16.58
CA ILE A 1119 -29.50 20.19 -16.88
C ILE A 1119 -28.62 19.92 -15.67
N ILE A 1120 -28.25 20.95 -14.91
CA ILE A 1120 -27.32 20.78 -13.81
C ILE A 1120 -27.93 19.93 -12.70
N ILE A 1121 -29.21 20.17 -12.39
CA ILE A 1121 -29.84 19.49 -11.26
C ILE A 1121 -29.87 17.98 -11.46
N PRO A 1122 -30.34 17.42 -12.58
CA PRO A 1122 -30.23 15.97 -12.75
C PRO A 1122 -28.78 15.48 -12.79
N LEU A 1123 -27.86 16.24 -13.39
CA LEU A 1123 -26.47 15.81 -13.42
C LEU A 1123 -25.81 15.97 -12.07
N SER A 1124 -26.26 16.92 -11.25
CA SER A 1124 -25.68 17.09 -9.93
C SER A 1124 -25.94 15.89 -9.04
N VAL A 1125 -27.18 15.38 -9.05
CA VAL A 1125 -27.51 14.22 -8.21
C VAL A 1125 -26.80 12.97 -8.74
N PHE A 1126 -26.66 12.84 -10.05
CA PHE A 1126 -25.87 11.74 -10.59
C PHE A 1126 -24.41 11.87 -10.20
N TYR A 1127 -23.88 13.09 -10.23
CA TYR A 1127 -22.47 13.29 -9.87
C TYR A 1127 -22.22 12.95 -8.40
N ILE A 1128 -23.11 13.39 -7.51
CA ILE A 1128 -22.97 13.04 -6.10
C ILE A 1128 -23.18 11.54 -5.91
N TYR A 1129 -24.09 10.96 -6.70
CA TYR A 1129 -24.36 9.52 -6.60
C TYR A 1129 -23.12 8.70 -6.93
N TYR A 1130 -22.42 9.05 -8.01
CA TYR A 1130 -21.20 8.34 -8.37
C TYR A 1130 -20.07 8.67 -7.40
N GLN A 1131 -20.03 9.90 -6.89
CA GLN A 1131 -18.94 10.29 -6.00
C GLN A 1131 -18.96 9.49 -4.71
N GLN A 1132 -20.15 9.32 -4.12
CA GLN A 1132 -20.24 8.58 -2.86
C GLN A 1132 -19.89 7.10 -3.06
N TYR A 1133 -20.35 6.50 -4.14
CA TYR A 1133 -20.03 5.10 -4.40
C TYR A 1133 -18.54 4.90 -4.60
N TYR A 1134 -17.89 5.81 -5.31
CA TYR A 1134 -16.45 5.70 -5.48
C TYR A 1134 -15.72 5.96 -4.17
N LEU A 1135 -16.23 6.86 -3.34
CA LEU A 1135 -15.54 7.25 -2.12
C LEU A 1135 -15.40 6.07 -1.16
N ARG A 1136 -16.50 5.37 -0.88
CA ARG A 1136 -16.44 4.26 0.05
C ARG A 1136 -15.75 3.06 -0.56
N THR A 1137 -16.07 2.73 -1.82
CA THR A 1137 -15.54 1.50 -2.42
C THR A 1137 -14.05 1.62 -2.70
N SER A 1138 -13.63 2.73 -3.31
CA SER A 1138 -12.22 2.87 -3.67
C SER A 1138 -11.34 2.97 -2.44
N ARG A 1139 -11.85 3.59 -1.38
CA ARG A 1139 -11.10 3.63 -0.12
C ARG A 1139 -10.90 2.24 0.44
N GLU A 1140 -11.95 1.41 0.41
CA GLU A 1140 -11.85 0.07 0.97
C GLU A 1140 -11.00 -0.84 0.10
N LEU A 1141 -11.09 -0.68 -1.23
CA LEU A 1141 -10.27 -1.50 -2.12
C LEU A 1141 -8.79 -1.19 -1.96
N ARG A 1142 -8.45 0.08 -1.74
CA ARG A 1142 -7.06 0.44 -1.50
C ARG A 1142 -6.55 -0.17 -0.21
N ARG A 1143 -7.40 -0.21 0.82
CA ARG A 1143 -7.02 -0.85 2.08
C ARG A 1143 -6.74 -2.33 1.87
N LEU A 1144 -7.60 -3.02 1.12
CA LEU A 1144 -7.37 -4.43 0.85
C LEU A 1144 -6.12 -4.64 0.02
N ASP A 1145 -5.87 -3.76 -0.95
CA ASP A 1145 -4.67 -3.87 -1.77
C ASP A 1145 -3.41 -3.69 -0.94
N SER A 1146 -3.43 -2.73 -0.01
CA SER A 1146 -2.24 -2.42 0.77
C SER A 1146 -1.85 -3.59 1.68
N ILE A 1147 -2.81 -4.13 2.42
CA ILE A 1147 -2.51 -5.20 3.37
C ILE A 1147 -2.06 -6.46 2.65
N THR A 1148 -2.59 -6.72 1.45
CA THR A 1148 -2.23 -7.92 0.72
C THR A 1148 -0.86 -7.83 0.05
N ARG A 1149 -0.29 -6.63 -0.08
CA ARG A 1149 1.03 -6.50 -0.70
C ARG A 1149 2.11 -7.11 0.19
N SER A 1150 2.11 -6.73 1.46
CA SER A 1150 3.20 -7.07 2.37
C SER A 1150 3.47 -8.56 2.54
N PRO A 1151 2.47 -9.44 2.66
CA PRO A 1151 2.78 -10.88 2.82
C PRO A 1151 3.58 -11.50 1.68
N ILE A 1152 3.51 -10.96 0.48
CA ILE A 1152 4.32 -11.49 -0.62
C ILE A 1152 5.80 -11.26 -0.32
N TYR A 1153 6.15 -10.06 0.13
CA TYR A 1153 7.56 -9.75 0.39
C TYR A 1153 8.05 -10.45 1.65
N SER A 1154 7.22 -10.49 2.69
CA SER A 1154 7.59 -11.16 3.93
C SER A 1154 7.80 -12.65 3.67
N HIS A 1155 6.93 -13.27 2.89
CA HIS A 1155 7.08 -14.68 2.57
C HIS A 1155 8.36 -14.93 1.77
N PHE A 1156 8.64 -14.09 0.78
CA PHE A 1156 9.83 -14.29 -0.04
C PHE A 1156 11.10 -14.08 0.78
N GLN A 1157 11.08 -13.10 1.69
CA GLN A 1157 12.19 -12.95 2.62
C GLN A 1157 12.34 -14.17 3.51
N GLU A 1158 11.20 -14.72 3.95
CA GLU A 1158 11.23 -15.92 4.78
C GLU A 1158 11.81 -17.11 4.03
N THR A 1159 11.47 -17.25 2.74
CA THR A 1159 11.99 -18.35 1.94
C THR A 1159 13.50 -18.24 1.79
N LEU A 1160 14.01 -17.01 1.62
CA LEU A 1160 15.44 -16.82 1.39
C LEU A 1160 16.26 -17.27 2.59
N GLY A 1161 15.73 -17.11 3.79
CA GLY A 1161 16.46 -17.57 4.97
C GLY A 1161 16.65 -19.07 4.99
N GLY A 1162 15.62 -19.82 4.60
CA GLY A 1162 15.62 -21.27 4.67
C GLY A 1162 15.66 -21.97 3.32
N LEU A 1163 16.50 -21.49 2.40
CA LEU A 1163 16.63 -22.16 1.11
C LEU A 1163 17.17 -23.57 1.28
N ALA A 1164 18.11 -23.76 2.23
CA ALA A 1164 18.64 -25.09 2.46
C ALA A 1164 17.57 -26.04 2.98
N THR A 1165 16.71 -25.56 3.89
CA THR A 1165 15.66 -26.40 4.45
C THR A 1165 14.63 -26.77 3.39
N VAL A 1166 14.19 -25.79 2.59
CA VAL A 1166 13.21 -26.06 1.55
C VAL A 1166 13.79 -27.02 0.52
N ARG A 1167 15.03 -26.79 0.11
CA ARG A 1167 15.68 -27.71 -0.82
C ARG A 1167 15.97 -29.06 -0.16
N GLY A 1168 16.10 -29.08 1.17
CA GLY A 1168 16.33 -30.35 1.85
C GLY A 1168 15.12 -31.27 1.79
N TYR A 1169 13.96 -30.77 2.21
CA TYR A 1169 12.73 -31.55 2.22
C TYR A 1169 12.09 -31.68 0.85
N SER A 1170 12.60 -30.98 -0.17
CA SER A 1170 12.02 -31.00 -1.51
C SER A 1170 10.58 -30.50 -1.49
N GLN A 1171 10.32 -29.49 -0.66
CA GLN A 1171 9.03 -28.79 -0.63
C GLN A 1171 9.03 -27.56 -1.54
N GLN A 1172 9.83 -27.58 -2.61
CA GLN A 1172 9.91 -26.44 -3.51
C GLN A 1172 8.59 -26.16 -4.19
N LYS A 1173 7.89 -27.21 -4.62
CA LYS A 1173 6.61 -27.04 -5.28
C LYS A 1173 5.57 -26.42 -4.35
N ARG A 1174 5.58 -26.84 -3.07
CA ARG A 1174 4.66 -26.25 -2.10
C ARG A 1174 4.97 -24.77 -1.90
N PHE A 1175 6.24 -24.44 -1.65
CA PHE A 1175 6.60 -23.05 -1.42
C PHE A 1175 6.40 -22.21 -2.68
N SER A 1176 6.65 -22.78 -3.85
CA SER A 1176 6.37 -22.07 -5.09
C SER A 1176 4.87 -21.80 -5.23
N HIS A 1177 4.05 -22.78 -4.87
CA HIS A 1177 2.60 -22.58 -4.95
C HIS A 1177 2.13 -21.51 -3.98
N ILE A 1178 2.71 -21.46 -2.79
CA ILE A 1178 2.30 -20.46 -1.80
C ILE A 1178 2.62 -19.06 -2.32
N ASN A 1179 3.76 -18.90 -2.96
CA ASN A 1179 4.11 -17.60 -3.54
C ASN A 1179 3.13 -17.22 -4.65
N GLN A 1180 2.77 -18.18 -5.50
CA GLN A 1180 1.81 -17.90 -6.57
C GLN A 1180 0.46 -17.51 -5.99
N CYS A 1181 0.00 -18.21 -4.95
CA CYS A 1181 -1.30 -17.94 -4.38
C CYS A 1181 -1.35 -16.55 -3.77
N ARG A 1182 -0.28 -16.13 -3.09
CA ARG A 1182 -0.28 -14.82 -2.46
C ARG A 1182 -0.18 -13.70 -3.49
N ILE A 1183 0.44 -13.96 -4.64
CA ILE A 1183 0.42 -12.99 -5.72
C ILE A 1183 -1.00 -12.77 -6.22
N ASP A 1184 -1.73 -13.87 -6.42
CA ASP A 1184 -3.10 -13.77 -6.93
C ASP A 1184 -4.02 -13.08 -5.92
N ASN A 1185 -3.80 -13.32 -4.62
CA ASN A 1185 -4.62 -12.66 -3.61
C ASN A 1185 -4.44 -11.15 -3.66
N ASN A 1186 -3.21 -10.68 -3.82
CA ASN A 1186 -2.97 -9.25 -3.95
C ASN A 1186 -3.55 -8.72 -5.25
N MET A 1187 -3.30 -9.44 -6.35
CA MET A 1187 -3.82 -8.99 -7.64
C MET A 1187 -5.33 -9.07 -7.69
N SER A 1188 -5.94 -9.99 -6.92
CA SER A 1188 -7.39 -10.06 -6.85
C SER A 1188 -7.98 -8.79 -6.24
N ALA A 1189 -7.23 -8.13 -5.36
CA ALA A 1189 -7.66 -6.84 -4.83
C ALA A 1189 -7.20 -5.68 -5.72
N PHE A 1190 -6.07 -5.83 -6.40
CA PHE A 1190 -5.57 -4.75 -7.24
C PHE A 1190 -6.43 -4.56 -8.49
N TYR A 1191 -6.94 -5.66 -9.05
CA TYR A 1191 -7.72 -5.58 -10.29
C TYR A 1191 -8.99 -4.74 -10.14
N PRO A 1192 -9.86 -4.96 -9.16
CA PRO A 1192 -11.01 -4.04 -9.00
C PRO A 1192 -10.61 -2.67 -8.53
N SER A 1193 -9.48 -2.54 -7.81
CA SER A 1193 -9.05 -1.22 -7.36
C SER A 1193 -8.71 -0.31 -8.53
N ILE A 1194 -8.02 -0.85 -9.55
CA ILE A 1194 -7.67 -0.05 -10.71
C ILE A 1194 -8.93 0.29 -11.51
N ASN A 1195 -9.78 -0.70 -11.74
CA ASN A 1195 -10.98 -0.48 -12.54
C ASN A 1195 -11.99 0.41 -11.84
N ALA A 1196 -11.85 0.64 -10.53
CA ALA A 1196 -12.68 1.63 -9.86
C ALA A 1196 -12.44 3.02 -10.44
N ASN A 1197 -11.19 3.33 -10.76
CA ASN A 1197 -10.88 4.62 -11.37
C ASN A 1197 -11.53 4.75 -12.74
N ARG A 1198 -11.49 3.69 -13.55
CA ARG A 1198 -12.06 3.77 -14.88
C ARG A 1198 -13.59 3.72 -14.84
N TRP A 1199 -14.16 3.09 -13.81
CA TRP A 1199 -15.60 3.18 -13.61
C TRP A 1199 -16.02 4.62 -13.34
N LEU A 1200 -15.31 5.29 -12.42
CA LEU A 1200 -15.60 6.69 -12.12
C LEU A 1200 -15.35 7.57 -13.34
N ALA A 1201 -14.16 7.46 -13.94
CA ALA A 1201 -13.74 8.41 -14.96
C ALA A 1201 -14.62 8.34 -16.19
N TYR A 1202 -15.22 7.18 -16.47
CA TYR A 1202 -16.18 7.10 -17.57
C TYR A 1202 -17.43 7.92 -17.28
N ARG A 1203 -17.95 7.81 -16.06
CA ARG A 1203 -19.18 8.53 -15.73
C ARG A 1203 -18.96 10.02 -15.72
N LEU A 1204 -17.87 10.48 -15.11
CA LEU A 1204 -17.62 11.92 -15.02
C LEU A 1204 -17.37 12.53 -16.40
N GLU A 1205 -16.59 11.85 -17.24
CA GLU A 1205 -16.40 12.34 -18.60
C GLU A 1205 -17.69 12.30 -19.39
N LEU A 1206 -18.53 11.27 -19.16
CA LEU A 1206 -19.84 11.24 -19.78
C LEU A 1206 -20.70 12.40 -19.30
N ILE A 1207 -20.66 12.69 -18.00
CA ILE A 1207 -21.39 13.84 -17.46
C ILE A 1207 -20.83 15.13 -18.05
N GLY A 1208 -19.50 15.22 -18.15
CA GLY A 1208 -18.89 16.40 -18.75
C GLY A 1208 -19.26 16.56 -20.21
N SER A 1209 -19.36 15.45 -20.94
CA SER A 1209 -19.76 15.51 -22.34
C SER A 1209 -21.20 16.00 -22.49
N ILE A 1210 -22.09 15.56 -21.59
CA ILE A 1210 -23.47 16.01 -21.66
C ILE A 1210 -23.57 17.50 -21.35
N ILE A 1211 -22.70 18.01 -20.47
CA ILE A 1211 -22.68 19.44 -20.20
C ILE A 1211 -22.30 20.21 -21.46
N ILE A 1212 -21.35 19.69 -22.24
CA ILE A 1212 -20.97 20.33 -23.48
C ILE A 1212 -22.13 20.32 -24.47
N LEU A 1213 -22.87 19.21 -24.51
CA LEU A 1213 -24.06 19.15 -25.36
C LEU A 1213 -25.12 20.12 -24.89
N GLY A 1214 -25.34 20.20 -23.58
CA GLY A 1214 -26.36 21.10 -23.05
C GLY A 1214 -26.02 22.56 -23.28
N ALA A 1215 -24.77 22.95 -23.05
CA ALA A 1215 -24.37 24.33 -23.26
C ALA A 1215 -24.44 24.71 -24.73
N ALA A 1216 -24.03 23.81 -25.63
CA ALA A 1216 -24.03 24.12 -27.04
C ALA A 1216 -25.44 24.20 -27.60
N THR A 1217 -26.27 23.19 -27.31
CA THR A 1217 -27.61 23.15 -27.89
C THR A 1217 -28.48 24.28 -27.35
N LEU A 1218 -28.43 24.55 -26.05
CA LEU A 1218 -29.19 25.65 -25.50
C LEU A 1218 -28.70 27.00 -26.04
N SER A 1219 -27.41 27.11 -26.32
CA SER A 1219 -26.91 28.33 -26.95
C SER A 1219 -27.49 28.51 -28.35
N VAL A 1220 -27.52 27.43 -29.14
CA VAL A 1220 -28.06 27.55 -30.49
C VAL A 1220 -29.56 27.80 -30.44
N PHE A 1221 -30.26 27.27 -29.44
CA PHE A 1221 -31.67 27.62 -29.25
C PHE A 1221 -31.81 29.11 -29.00
N ARG A 1222 -30.88 29.70 -28.25
CA ARG A 1222 -30.89 31.13 -28.03
C ARG A 1222 -30.54 31.91 -29.28
N LEU A 1223 -29.86 31.28 -30.24
CA LEU A 1223 -29.54 31.96 -31.49
C LEU A 1223 -30.77 32.19 -32.35
N LYS A 1224 -31.75 31.29 -32.28
CA LYS A 1224 -33.01 31.50 -32.99
C LYS A 1224 -33.71 32.76 -32.49
N GLN A 1225 -33.66 33.00 -31.17
CA GLN A 1225 -34.20 34.22 -30.61
C GLN A 1225 -33.47 35.46 -31.12
N GLY A 1226 -32.22 35.32 -31.54
CA GLY A 1226 -31.45 36.43 -32.07
C GLY A 1226 -30.63 37.18 -31.06
N THR A 1227 -30.70 36.83 -29.78
CA THR A 1227 -29.94 37.54 -28.75
C THR A 1227 -28.49 37.09 -28.68
N LEU A 1228 -28.17 35.88 -29.14
CA LEU A 1228 -26.83 35.35 -28.98
C LEU A 1228 -25.84 36.11 -29.86
N THR A 1229 -24.63 36.29 -29.34
CA THR A 1229 -23.50 36.85 -30.06
C THR A 1229 -22.37 35.82 -30.11
N ALA A 1230 -21.37 36.10 -30.93
CA ALA A 1230 -20.24 35.18 -31.05
C ALA A 1230 -19.44 35.11 -29.76
N GLY A 1231 -19.39 36.19 -29.00
CA GLY A 1231 -18.67 36.16 -27.73
C GLY A 1231 -19.31 35.26 -26.71
N MET A 1232 -20.64 35.26 -26.65
CA MET A 1232 -21.35 34.50 -25.62
C MET A 1232 -21.11 33.00 -25.77
N VAL A 1233 -21.28 32.49 -26.99
CA VAL A 1233 -21.08 31.06 -27.21
C VAL A 1233 -19.61 30.70 -27.04
N GLY A 1234 -18.70 31.59 -27.42
CA GLY A 1234 -17.29 31.30 -27.23
C GLY A 1234 -16.90 31.21 -25.76
N LEU A 1235 -17.36 32.19 -24.96
CA LEU A 1235 -16.99 32.22 -23.56
C LEU A 1235 -17.60 31.05 -22.79
N SER A 1236 -18.91 30.85 -22.93
CA SER A 1236 -19.59 29.83 -22.13
C SER A 1236 -19.14 28.44 -22.52
N LEU A 1237 -19.02 28.17 -23.82
CA LEU A 1237 -18.68 26.83 -24.25
C LEU A 1237 -17.20 26.52 -24.04
N SER A 1238 -16.34 27.51 -24.10
CA SER A 1238 -14.92 27.28 -23.81
C SER A 1238 -14.74 26.83 -22.36
N TYR A 1239 -15.47 27.44 -21.43
CA TYR A 1239 -15.41 27.00 -20.04
C TYR A 1239 -16.00 25.61 -19.87
N ALA A 1240 -16.99 25.24 -20.69
CA ALA A 1240 -17.61 23.93 -20.56
C ALA A 1240 -16.65 22.80 -20.89
N LEU A 1241 -15.73 23.03 -21.83
CA LEU A 1241 -14.78 21.97 -22.20
C LEU A 1241 -13.85 21.63 -21.05
N GLN A 1242 -13.46 22.62 -20.26
CA GLN A 1242 -12.47 22.41 -19.19
C GLN A 1242 -13.07 21.73 -17.96
N ILE A 1243 -14.39 21.56 -17.89
CA ILE A 1243 -15.01 21.10 -16.66
C ILE A 1243 -14.73 19.62 -16.38
N THR A 1244 -14.38 18.84 -17.40
CA THR A 1244 -14.20 17.40 -17.19
C THR A 1244 -13.04 17.12 -16.24
N GLN A 1245 -11.94 17.84 -16.39
CA GLN A 1245 -10.80 17.65 -15.50
C GLN A 1245 -11.14 18.05 -14.07
N THR A 1246 -11.88 19.14 -13.89
CA THR A 1246 -12.17 19.62 -12.55
C THR A 1246 -13.07 18.66 -11.79
N LEU A 1247 -13.98 17.98 -12.48
CA LEU A 1247 -14.80 16.98 -11.81
C LEU A 1247 -13.95 15.81 -11.30
N ASN A 1248 -12.95 15.42 -12.08
CA ASN A 1248 -12.04 14.36 -11.61
C ASN A 1248 -11.26 14.81 -10.39
N TRP A 1249 -10.83 16.08 -10.36
CA TRP A 1249 -10.07 16.57 -9.21
C TRP A 1249 -10.92 16.57 -7.95
N ILE A 1250 -12.18 16.99 -8.05
CA ILE A 1250 -13.01 17.11 -6.86
C ILE A 1250 -13.26 15.73 -6.23
N VAL A 1251 -13.53 14.72 -7.06
CA VAL A 1251 -13.77 13.38 -6.52
C VAL A 1251 -12.50 12.81 -5.91
N ARG A 1252 -11.37 12.99 -6.60
CA ARG A 1252 -10.11 12.45 -6.09
C ARG A 1252 -9.70 13.13 -4.80
N MET A 1253 -9.81 14.45 -4.72
CA MET A 1253 -9.40 15.16 -3.51
C MET A 1253 -10.33 14.83 -2.34
N THR A 1254 -11.61 14.55 -2.62
CA THR A 1254 -12.50 14.12 -1.54
C THR A 1254 -12.04 12.81 -0.93
N VAL A 1255 -11.51 11.91 -1.76
CA VAL A 1255 -10.94 10.67 -1.23
C VAL A 1255 -9.71 10.97 -0.37
N GLU A 1256 -8.86 11.89 -0.83
CA GLU A 1256 -7.67 12.23 -0.07
C GLU A 1256 -8.03 12.89 1.25
N VAL A 1257 -9.06 13.73 1.26
CA VAL A 1257 -9.48 14.39 2.49
C VAL A 1257 -9.94 13.36 3.52
N GLU A 1258 -10.75 12.40 3.08
CA GLU A 1258 -11.29 11.41 4.01
C GLU A 1258 -10.21 10.53 4.60
N THR A 1259 -9.21 10.17 3.79
CA THR A 1259 -8.14 9.31 4.29
C THR A 1259 -7.27 10.04 5.31
N ASN A 1260 -7.02 11.34 5.09
CA ASN A 1260 -6.14 12.11 5.97
C ASN A 1260 -6.85 12.70 7.17
N ILE A 1261 -8.16 12.95 7.09
CA ILE A 1261 -8.86 13.59 8.20
C ILE A 1261 -8.95 12.66 9.41
N VAL A 1262 -8.83 11.34 9.22
CA VAL A 1262 -8.82 10.43 10.35
C VAL A 1262 -7.63 10.66 11.26
N SER A 1263 -6.54 11.24 10.72
CA SER A 1263 -5.42 11.61 11.56
C SER A 1263 -5.83 12.62 12.62
N VAL A 1264 -6.70 13.57 12.27
CA VAL A 1264 -7.19 14.52 13.25
C VAL A 1264 -8.05 13.82 14.30
N GLU A 1265 -8.82 12.81 13.88
CA GLU A 1265 -9.63 12.07 14.82
C GLU A 1265 -8.77 11.31 15.83
N ARG A 1266 -7.68 10.70 15.36
CA ARG A 1266 -6.80 9.98 16.28
C ARG A 1266 -6.11 10.94 17.25
N ILE A 1267 -5.72 12.12 16.76
CA ILE A 1267 -5.05 13.09 17.62
C ILE A 1267 -6.01 13.57 18.71
N LYS A 1268 -7.25 13.88 18.33
CA LYS A 1268 -8.23 14.32 19.32
C LYS A 1268 -8.58 13.22 20.31
N GLU A 1269 -8.42 11.95 19.91
CA GLU A 1269 -8.69 10.84 20.82
C GLU A 1269 -7.75 10.88 22.01
N TYR A 1270 -6.46 11.11 21.75
CA TYR A 1270 -5.49 11.22 22.84
C TYR A 1270 -5.59 12.56 23.54
N ALA A 1271 -6.03 13.61 22.85
CA ALA A 1271 -6.21 14.90 23.50
C ALA A 1271 -7.30 14.84 24.56
N ASP A 1272 -8.30 13.98 24.37
CA ASP A 1272 -9.41 13.86 25.30
C ASP A 1272 -9.13 12.89 26.44
N LEU A 1273 -7.91 12.37 26.57
CA LEU A 1273 -7.59 11.47 27.67
C LEU A 1273 -7.74 12.18 29.00
N LYS A 1274 -8.41 11.52 29.94
CA LYS A 1274 -8.62 12.10 31.27
C LYS A 1274 -7.31 12.13 32.02
N SER A 1275 -6.82 13.34 32.30
CA SER A 1275 -5.56 13.48 33.00
C SER A 1275 -5.70 13.05 34.46
N GLU A 1276 -4.56 12.77 35.08
CA GLU A 1276 -4.52 12.43 36.50
C GLU A 1276 -4.76 13.68 37.34
N ALA A 1277 -4.58 13.54 38.66
CA ALA A 1277 -4.87 14.60 39.62
C ALA A 1277 -4.03 15.84 39.32
N PRO A 1278 -4.49 17.05 39.68
CA PRO A 1278 -3.74 18.26 39.30
C PRO A 1278 -2.36 18.31 39.93
N LEU A 1279 -1.42 18.88 39.17
CA LEU A 1279 -0.02 18.88 39.60
C LEU A 1279 0.18 19.76 40.83
N ILE A 1280 -0.49 20.92 40.88
CA ILE A 1280 -0.31 21.90 41.94
C ILE A 1280 -1.68 22.29 42.47
N VAL A 1281 -1.84 22.26 43.79
CA VAL A 1281 -2.96 22.87 44.49
C VAL A 1281 -2.42 24.13 45.14
N GLU A 1282 -3.01 25.28 44.77
CA GLU A 1282 -2.41 26.57 45.10
C GLU A 1282 -2.35 26.82 46.60
N GLY A 1283 -3.48 26.64 47.29
CA GLY A 1283 -3.52 26.91 48.71
C GLY A 1283 -2.83 25.85 49.55
N HIS A 1284 -2.79 24.61 49.07
CA HIS A 1284 -2.32 23.47 49.84
C HIS A 1284 -0.85 23.13 49.62
N ARG A 1285 -0.07 24.01 49.00
CA ARG A 1285 1.32 23.70 48.73
C ARG A 1285 2.10 23.57 50.04
N PRO A 1286 2.97 22.57 50.20
CA PRO A 1286 3.64 22.38 51.48
C PRO A 1286 4.75 23.40 51.67
N PRO A 1287 5.26 23.56 52.90
CA PRO A 1287 6.41 24.46 53.09
C PRO A 1287 7.65 23.96 52.36
N LYS A 1288 8.61 24.86 52.20
CA LYS A 1288 9.89 24.50 51.58
C LYS A 1288 10.61 23.44 52.39
N GLU A 1289 10.51 23.49 53.72
CA GLU A 1289 11.21 22.52 54.56
C GLU A 1289 10.55 21.14 54.55
N TRP A 1290 9.29 21.05 54.13
CA TRP A 1290 8.62 19.76 54.10
C TRP A 1290 9.27 18.86 53.06
N PRO A 1291 9.52 17.56 53.37
CA PRO A 1291 9.35 16.82 54.64
C PRO A 1291 10.32 17.30 55.72
N SER A 1292 9.80 17.80 56.83
CA SER A 1292 10.66 18.30 57.91
C SER A 1292 11.44 17.16 58.56
N GLN A 1293 10.76 16.05 58.83
CA GLN A 1293 11.35 14.90 59.54
C GLN A 1293 11.37 13.65 58.68
N GLY A 1294 10.24 13.26 58.09
CA GLY A 1294 10.10 12.02 57.36
C GLY A 1294 9.22 11.02 58.10
N ASP A 1295 8.26 11.53 58.87
CA ASP A 1295 7.33 10.69 59.62
C ASP A 1295 6.25 10.16 58.67
N ILE A 1296 6.31 8.88 58.35
CA ILE A 1296 5.35 8.24 57.45
C ILE A 1296 4.30 7.57 58.31
N LYS A 1297 3.04 7.90 58.05
CA LYS A 1297 1.89 7.32 58.74
C LYS A 1297 0.88 6.89 57.70
N PHE A 1298 0.43 5.63 57.79
CA PHE A 1298 -0.65 5.10 56.96
C PHE A 1298 -1.89 4.94 57.83
N ASN A 1299 -3.02 5.44 57.32
CA ASN A 1299 -4.30 5.46 58.03
C ASN A 1299 -5.29 4.58 57.28
N ASN A 1300 -5.23 3.28 57.54
CA ASN A 1300 -6.15 2.31 56.95
C ASN A 1300 -6.08 2.34 55.42
N TYR A 1301 -4.88 2.48 54.89
CA TYR A 1301 -4.70 2.62 53.45
C TYR A 1301 -5.06 1.33 52.73
N SER A 1302 -5.71 1.47 51.57
CA SER A 1302 -6.01 0.34 50.69
C SER A 1302 -6.16 0.88 49.29
N THR A 1303 -5.69 0.11 48.30
CA THR A 1303 -5.67 0.60 46.93
C THR A 1303 -5.73 -0.58 45.96
N ARG A 1304 -6.09 -0.26 44.71
CA ARG A 1304 -6.13 -1.19 43.60
C ARG A 1304 -5.27 -0.63 42.48
N TYR A 1305 -4.62 -1.51 41.72
CA TYR A 1305 -3.90 -1.05 40.54
C TYR A 1305 -4.86 -0.42 39.53
N ARG A 1306 -6.02 -1.05 39.33
CA ARG A 1306 -7.07 -0.57 38.46
C ARG A 1306 -8.40 -0.72 39.18
N PRO A 1307 -9.45 -0.01 38.75
CA PRO A 1307 -10.77 -0.23 39.37
C PRO A 1307 -11.28 -1.65 39.22
N GLU A 1308 -10.97 -2.31 38.09
CA GLU A 1308 -11.46 -3.66 37.85
C GLU A 1308 -10.65 -4.73 38.57
N LEU A 1309 -9.41 -4.42 38.98
CA LEU A 1309 -8.56 -5.40 39.63
C LEU A 1309 -8.83 -5.40 41.13
N ASP A 1310 -8.57 -6.55 41.76
CA ASP A 1310 -8.77 -6.68 43.20
C ASP A 1310 -7.76 -5.82 43.95
N LEU A 1311 -8.00 -5.68 45.26
CA LEU A 1311 -7.13 -4.88 46.10
C LEU A 1311 -5.73 -5.48 46.19
N VAL A 1312 -4.75 -4.60 46.28
CA VAL A 1312 -3.35 -5.00 46.46
C VAL A 1312 -2.78 -4.55 47.80
N LEU A 1313 -3.42 -3.59 48.48
CA LEU A 1313 -3.09 -3.23 49.85
C LEU A 1313 -4.40 -3.14 50.62
N LYS A 1314 -4.35 -3.51 51.90
CA LYS A 1314 -5.55 -3.63 52.73
C LYS A 1314 -5.25 -3.15 54.14
N HIS A 1315 -5.83 -2.01 54.51
CA HIS A 1315 -5.84 -1.54 55.90
C HIS A 1315 -4.43 -1.36 56.45
N ILE A 1316 -3.57 -0.72 55.68
CA ILE A 1316 -2.18 -0.53 56.10
C ILE A 1316 -2.14 0.52 57.20
N ASN A 1317 -1.59 0.15 58.35
CA ASN A 1317 -1.46 1.02 59.52
C ASN A 1317 0.01 1.23 59.88
N ILE A 1318 0.89 1.22 58.89
CA ILE A 1318 2.32 1.33 59.14
C ILE A 1318 2.65 2.72 59.63
N HIS A 1319 3.44 2.80 60.70
CA HIS A 1319 3.99 4.05 61.21
C HIS A 1319 5.51 3.91 61.28
N ILE A 1320 6.21 4.78 60.58
CA ILE A 1320 7.67 4.73 60.46
C ILE A 1320 8.25 5.85 61.31
N LYS A 1321 9.13 5.49 62.23
CA LYS A 1321 9.84 6.51 62.98
C LYS A 1321 10.77 7.29 62.04
N PRO A 1322 11.13 8.53 62.35
CA PRO A 1322 12.02 9.27 61.44
C PRO A 1322 13.39 8.62 61.33
N ASN A 1323 13.84 8.46 60.09
CA ASN A 1323 15.19 8.05 59.72
C ASN A 1323 15.47 6.56 59.95
N GLU A 1324 14.45 5.73 60.11
CA GLU A 1324 14.65 4.30 60.29
C GLU A 1324 14.83 3.60 58.95
N LYS A 1325 15.62 2.52 58.97
CA LYS A 1325 15.87 1.71 57.78
C LYS A 1325 14.78 0.63 57.72
N VAL A 1326 13.87 0.77 56.76
CA VAL A 1326 12.69 -0.07 56.65
C VAL A 1326 12.88 -1.01 55.47
N GLY A 1327 12.90 -2.31 55.76
CA GLY A 1327 12.93 -3.33 54.72
C GLY A 1327 11.53 -3.86 54.44
N ILE A 1328 11.24 -4.06 53.15
CA ILE A 1328 9.96 -4.59 52.69
C ILE A 1328 10.20 -6.03 52.26
N VAL A 1329 9.42 -6.96 52.81
CA VAL A 1329 9.54 -8.39 52.53
C VAL A 1329 8.15 -8.92 52.20
N GLY A 1330 8.06 -9.68 51.12
CA GLY A 1330 6.78 -10.25 50.72
C GLY A 1330 6.97 -11.24 49.59
N ARG A 1331 5.99 -12.12 49.46
CA ARG A 1331 6.01 -13.11 48.40
C ARG A 1331 5.66 -12.48 47.06
N THR A 1332 5.92 -13.23 45.99
CA THR A 1332 5.54 -12.78 44.65
C THR A 1332 4.03 -12.65 44.56
N GLY A 1333 3.56 -11.55 43.97
CA GLY A 1333 2.15 -11.27 43.88
C GLY A 1333 1.52 -10.71 45.13
N ALA A 1334 2.31 -10.45 46.18
CA ALA A 1334 1.77 -9.88 47.42
C ALA A 1334 1.46 -8.40 47.30
N GLY A 1335 1.84 -7.74 46.20
CA GLY A 1335 1.65 -6.31 46.08
C GLY A 1335 2.66 -5.48 46.82
N LYS A 1336 3.85 -6.04 47.08
CA LYS A 1336 4.89 -5.26 47.76
C LYS A 1336 5.33 -4.07 46.91
N SER A 1337 5.44 -4.26 45.60
CA SER A 1337 5.85 -3.17 44.73
C SER A 1337 4.81 -2.05 44.68
N SER A 1338 3.54 -2.36 44.97
CA SER A 1338 2.49 -1.35 44.91
C SER A 1338 2.70 -0.26 45.94
N LEU A 1339 3.43 -0.53 47.03
CA LEU A 1339 3.65 0.47 48.06
C LEU A 1339 4.42 1.67 47.51
N THR A 1340 5.29 1.45 46.53
CA THR A 1340 6.00 2.57 45.90
C THR A 1340 5.03 3.49 45.18
N LEU A 1341 4.11 2.92 44.40
CA LEU A 1341 3.16 3.73 43.65
C LEU A 1341 2.19 4.44 44.59
N ALA A 1342 1.86 3.82 45.71
CA ALA A 1342 0.95 4.45 46.67
C ALA A 1342 1.54 5.73 47.25
N LEU A 1343 2.85 5.73 47.53
CA LEU A 1343 3.47 6.88 48.19
C LEU A 1343 3.47 8.11 47.30
N PHE A 1344 3.70 7.94 46.00
CA PHE A 1344 3.74 9.06 45.05
C PHE A 1344 2.40 9.34 44.39
N ARG A 1345 1.32 8.66 44.80
CA ARG A 1345 0.00 8.81 44.19
C ARG A 1345 0.04 8.51 42.69
N MET A 1346 0.92 7.60 42.28
CA MET A 1346 0.90 7.15 40.89
C MET A 1346 -0.41 6.43 40.58
N ILE A 1347 -0.98 5.76 41.58
CA ILE A 1347 -2.32 5.19 41.52
C ILE A 1347 -3.06 5.66 42.76
N GLU A 1348 -4.27 6.18 42.57
CA GLU A 1348 -4.99 6.87 43.63
C GLU A 1348 -5.38 5.92 44.76
N ALA A 1349 -5.56 6.49 45.94
CA ALA A 1349 -5.91 5.72 47.14
C ALA A 1349 -7.38 5.35 47.12
N SER A 1350 -7.67 4.05 47.04
CA SER A 1350 -9.06 3.61 47.10
C SER A 1350 -9.68 3.92 48.45
N GLU A 1351 -8.93 3.67 49.54
CA GLU A 1351 -9.41 3.97 50.88
C GLU A 1351 -8.22 4.42 51.73
N GLY A 1352 -8.54 5.12 52.81
CA GLY A 1352 -7.50 5.62 53.69
C GLY A 1352 -6.73 6.80 53.09
N ASN A 1353 -5.64 7.14 53.76
CA ASN A 1353 -4.81 8.25 53.32
C ASN A 1353 -3.41 8.07 53.91
N ILE A 1354 -2.45 8.76 53.30
CA ILE A 1354 -1.05 8.71 53.70
C ILE A 1354 -0.68 10.11 54.20
N VAL A 1355 -0.02 10.17 55.36
CA VAL A 1355 0.38 11.41 55.99
C VAL A 1355 1.90 11.41 56.12
N ILE A 1356 2.54 12.42 55.52
CA ILE A 1356 3.98 12.63 55.63
C ILE A 1356 4.17 13.94 56.37
N ASP A 1357 4.65 13.85 57.61
CA ASP A 1357 4.86 15.01 58.47
C ASP A 1357 3.57 15.80 58.66
N ASN A 1358 2.58 15.13 59.26
CA ASN A 1358 1.30 15.70 59.72
C ASN A 1358 0.59 16.53 58.65
N ILE A 1359 0.75 16.16 57.38
CA ILE A 1359 -0.05 16.71 56.29
C ILE A 1359 -0.32 15.58 55.29
N ALA A 1360 -1.59 15.37 54.97
CA ALA A 1360 -1.96 14.30 54.06
C ALA A 1360 -1.57 14.65 52.64
N ILE A 1361 -0.94 13.70 51.93
CA ILE A 1361 -0.52 13.94 50.56
C ILE A 1361 -1.67 13.95 49.57
N ASN A 1362 -2.86 13.49 49.97
CA ASN A 1362 -3.99 13.50 49.05
C ASN A 1362 -4.39 14.93 48.70
N GLU A 1363 -4.30 15.85 49.66
CA GLU A 1363 -4.58 17.25 49.39
C GLU A 1363 -3.43 17.99 48.72
N ILE A 1364 -2.25 17.37 48.62
CA ILE A 1364 -1.08 17.99 48.01
C ILE A 1364 -1.10 17.66 46.52
N GLY A 1365 -0.70 18.63 45.70
CA GLY A 1365 -0.60 18.39 44.27
C GLY A 1365 0.49 17.37 43.96
N LEU A 1366 0.34 16.71 42.81
CA LEU A 1366 1.27 15.64 42.46
C LEU A 1366 2.68 16.16 42.25
N TYR A 1367 2.82 17.39 41.74
CA TYR A 1367 4.16 17.94 41.53
C TYR A 1367 4.89 18.14 42.85
N ASP A 1368 4.21 18.73 43.83
CA ASP A 1368 4.85 18.94 45.13
C ASP A 1368 5.14 17.63 45.84
N LEU A 1369 4.29 16.62 45.63
CA LEU A 1369 4.55 15.31 46.24
C LEU A 1369 5.75 14.63 45.59
N ARG A 1370 5.71 14.48 44.27
CA ARG A 1370 6.73 13.69 43.59
C ARG A 1370 8.09 14.38 43.59
N HIS A 1371 8.12 15.71 43.70
CA HIS A 1371 9.39 16.43 43.55
C HIS A 1371 10.25 16.31 44.80
N LYS A 1372 9.63 16.29 45.98
CA LYS A 1372 10.34 16.39 47.25
C LYS A 1372 10.71 15.03 47.84
N LEU A 1373 10.84 13.99 47.00
CA LEU A 1373 11.13 12.64 47.46
C LEU A 1373 12.19 12.00 46.57
N SER A 1374 13.16 11.33 47.21
CA SER A 1374 14.23 10.65 46.50
C SER A 1374 13.78 9.24 46.11
N ILE A 1375 14.22 8.79 44.94
CA ILE A 1375 13.76 7.53 44.35
C ILE A 1375 14.95 6.87 43.65
N ILE A 1376 15.03 5.55 43.78
CA ILE A 1376 15.94 4.71 43.00
C ILE A 1376 15.09 3.62 42.35
N PRO A 1377 14.49 3.89 41.19
CA PRO A 1377 13.42 3.03 40.70
C PRO A 1377 13.90 1.66 40.26
N GLN A 1378 12.94 0.73 40.16
CA GLN A 1378 13.22 -0.61 39.66
C GLN A 1378 13.75 -0.56 38.24
N ASP A 1379 13.06 0.21 37.39
CA ASP A 1379 13.43 0.33 35.97
C ASP A 1379 14.42 1.47 35.83
N SER A 1380 15.70 1.14 35.98
CA SER A 1380 16.75 2.10 35.71
C SER A 1380 16.74 2.45 34.24
N GLN A 1381 16.67 3.75 33.93
CA GLN A 1381 16.46 4.24 32.57
C GLN A 1381 17.37 5.42 32.32
N VAL A 1382 17.81 5.55 31.07
CA VAL A 1382 18.72 6.60 30.62
C VAL A 1382 18.07 7.32 29.45
N PHE A 1383 17.98 8.64 29.55
CA PHE A 1383 17.48 9.45 28.44
C PHE A 1383 18.61 9.76 27.48
N GLU A 1384 18.27 9.82 26.19
CA GLU A 1384 19.25 10.21 25.19
C GLU A 1384 19.65 11.66 25.41
N GLY A 1385 20.93 11.89 25.65
CA GLY A 1385 21.40 13.22 25.96
C GLY A 1385 22.72 13.15 26.70
N THR A 1386 23.09 14.29 27.28
CA THR A 1386 24.35 14.42 27.99
C THR A 1386 24.22 13.85 29.40
N VAL A 1387 25.37 13.68 30.05
CA VAL A 1387 25.39 13.27 31.45
C VAL A 1387 24.72 14.32 32.31
N ARG A 1388 24.99 15.61 32.01
CA ARG A 1388 24.32 16.70 32.72
C ARG A 1388 22.82 16.64 32.51
N GLU A 1389 22.39 16.30 31.30
CA GLU A 1389 20.96 16.21 31.00
C GLU A 1389 20.29 15.12 31.84
N ASN A 1390 20.99 14.03 32.12
CA ASN A 1390 20.42 12.89 32.83
C ASN A 1390 20.52 13.01 34.36
N ILE A 1391 21.11 14.08 34.89
CA ILE A 1391 21.29 14.26 36.32
C ILE A 1391 20.49 15.47 36.79
N ASP A 1392 20.61 16.59 36.07
CA ASP A 1392 19.96 17.83 36.44
C ASP A 1392 19.43 18.51 35.18
N PRO A 1393 18.39 17.93 34.55
CA PRO A 1393 17.79 18.61 33.40
C PRO A 1393 17.14 19.94 33.75
N ILE A 1394 16.71 20.11 35.00
CA ILE A 1394 16.15 21.40 35.43
C ILE A 1394 17.22 22.43 35.76
N ASN A 1395 18.48 22.01 35.90
CA ASN A 1395 19.59 22.92 36.22
C ASN A 1395 19.33 23.67 37.52
N GLN A 1396 18.92 22.92 38.55
CA GLN A 1396 18.66 23.48 39.86
C GLN A 1396 19.89 23.53 40.76
N TYR A 1397 20.95 22.77 40.45
CA TYR A 1397 22.09 22.59 41.33
C TYR A 1397 23.38 22.92 40.61
N THR A 1398 24.36 23.38 41.37
CA THR A 1398 25.64 23.81 40.81
C THR A 1398 26.47 22.60 40.40
N ASP A 1399 27.49 22.85 39.58
CA ASP A 1399 28.32 21.78 39.05
C ASP A 1399 29.14 21.10 40.14
N GLU A 1400 29.55 21.85 41.17
CA GLU A 1400 30.34 21.27 42.25
C GLU A 1400 29.54 20.21 43.00
N ALA A 1401 28.26 20.49 43.26
CA ALA A 1401 27.40 19.49 43.88
C ALA A 1401 27.23 18.27 42.98
N ILE A 1402 27.15 18.49 41.66
CA ILE A 1402 27.01 17.38 40.73
C ILE A 1402 28.26 16.52 40.77
N TRP A 1403 29.45 17.15 40.74
CA TRP A 1403 30.69 16.39 40.80
C TRP A 1403 30.82 15.64 42.11
N ARG A 1404 30.37 16.25 43.21
CA ARG A 1404 30.36 15.54 44.49
C ARG A 1404 29.47 14.31 44.44
N ALA A 1405 28.29 14.44 43.81
CA ALA A 1405 27.42 13.29 43.65
C ALA A 1405 28.07 12.21 42.79
N LEU A 1406 28.73 12.61 41.71
CA LEU A 1406 29.45 11.65 40.88
C LEU A 1406 30.62 11.05 41.64
N GLU A 1407 31.25 11.82 42.53
CA GLU A 1407 32.33 11.29 43.35
C GLU A 1407 31.81 10.23 44.32
N LEU A 1408 30.72 10.54 45.01
CA LEU A 1408 30.14 9.57 45.94
C LEU A 1408 29.63 8.33 45.22
N SER A 1409 29.13 8.50 44.00
CA SER A 1409 28.63 7.36 43.23
C SER A 1409 29.74 6.51 42.61
N HIS A 1410 31.00 6.93 42.74
CA HIS A 1410 32.12 6.28 42.03
C HIS A 1410 31.90 6.32 40.52
N LEU A 1411 31.32 7.43 40.04
CA LEU A 1411 31.04 7.66 38.64
C LEU A 1411 31.83 8.83 38.05
N LYS A 1412 32.51 9.62 38.88
CA LYS A 1412 33.23 10.80 38.42
C LYS A 1412 34.34 10.41 37.44
N GLU A 1413 35.11 9.37 37.76
CA GLU A 1413 36.21 8.97 36.89
C GLU A 1413 35.71 8.47 35.54
N HIS A 1414 34.60 7.73 35.54
CA HIS A 1414 34.10 7.17 34.28
C HIS A 1414 33.53 8.25 33.38
N VAL A 1415 32.89 9.27 33.96
CA VAL A 1415 32.38 10.39 33.17
C VAL A 1415 33.53 11.11 32.48
N LEU A 1416 34.61 11.38 33.23
CA LEU A 1416 35.78 12.01 32.63
C LEU A 1416 36.46 11.12 31.62
N SER A 1417 36.33 9.80 31.74
CA SER A 1417 36.99 8.89 30.83
C SER A 1417 36.27 8.82 29.48
N MET A 1418 34.94 9.00 29.49
CA MET A 1418 34.18 8.93 28.25
C MET A 1418 34.58 10.05 27.29
N SER A 1419 34.75 11.26 27.81
CA SER A 1419 35.20 12.39 27.00
C SER A 1419 35.86 13.40 27.91
N ASN A 1420 36.68 14.26 27.30
CA ASN A 1420 37.42 15.26 28.08
C ASN A 1420 36.50 16.37 28.58
N ASP A 1421 35.33 16.56 27.96
CA ASP A 1421 34.45 17.65 28.36
C ASP A 1421 33.78 17.42 29.71
N GLY A 1422 33.66 16.17 30.16
CA GLY A 1422 33.07 15.88 31.46
C GLY A 1422 31.57 15.77 31.46
N LEU A 1423 30.90 16.72 32.13
CA LEU A 1423 29.45 16.65 32.29
C LEU A 1423 28.72 16.75 30.95
N ASP A 1424 29.34 17.40 29.96
CA ASP A 1424 28.72 17.56 28.66
C ASP A 1424 28.85 16.31 27.77
N ALA A 1425 29.47 15.24 28.27
CA ALA A 1425 29.64 14.04 27.46
C ALA A 1425 28.30 13.42 27.10
N GLN A 1426 28.15 13.07 25.82
CA GLN A 1426 26.89 12.53 25.33
C GLN A 1426 26.71 11.08 25.78
N LEU A 1427 25.44 10.67 25.87
CA LEU A 1427 25.05 9.31 26.14
C LEU A 1427 24.15 8.83 25.01
N THR A 1428 24.36 7.59 24.57
CA THR A 1428 23.61 7.05 23.44
C THR A 1428 22.15 6.84 23.84
N GLU A 1429 21.32 6.57 22.82
CA GLU A 1429 19.92 6.25 23.05
C GLU A 1429 19.79 4.99 23.88
N GLY A 1430 18.98 5.06 24.93
CA GLY A 1430 18.77 3.94 25.81
C GLY A 1430 19.95 3.60 26.72
N GLY A 1431 20.97 4.45 26.76
CA GLY A 1431 22.15 4.17 27.57
C GLY A 1431 22.88 2.90 27.14
N GLY A 1432 22.99 2.67 25.83
CA GLY A 1432 23.68 1.48 25.36
C GLY A 1432 25.16 1.50 25.68
N ASN A 1433 25.78 2.67 25.64
CA ASN A 1433 27.20 2.78 25.95
C ASN A 1433 27.49 2.42 27.40
N LEU A 1434 26.57 2.73 28.31
CA LEU A 1434 26.75 2.45 29.73
C LEU A 1434 26.28 1.04 30.04
N SER A 1435 27.04 0.35 30.90
CA SER A 1435 26.65 -0.97 31.35
C SER A 1435 25.43 -0.88 32.26
N VAL A 1436 24.79 -2.03 32.47
CA VAL A 1436 23.58 -2.07 33.30
C VAL A 1436 23.90 -1.64 34.72
N GLY A 1437 25.01 -2.13 35.26
CA GLY A 1437 25.44 -1.71 36.58
C GLY A 1437 25.74 -0.22 36.64
N GLN A 1438 26.27 0.33 35.55
CA GLN A 1438 26.54 1.77 35.49
C GLN A 1438 25.24 2.57 35.58
N ARG A 1439 24.17 2.05 34.95
CA ARG A 1439 22.88 2.74 35.01
C ARG A 1439 22.36 2.81 36.44
N GLN A 1440 22.60 1.76 37.24
CA GLN A 1440 22.20 1.80 38.64
C GLN A 1440 22.96 2.90 39.38
N LEU A 1441 24.25 3.05 39.08
CA LEU A 1441 25.02 4.13 39.68
C LEU A 1441 24.52 5.49 39.21
N LEU A 1442 24.14 5.59 37.94
CA LEU A 1442 23.59 6.84 37.43
C LEU A 1442 22.27 7.18 38.13
N CYS A 1443 21.42 6.18 38.32
CA CYS A 1443 20.19 6.40 39.08
C CYS A 1443 20.51 6.77 40.52
N LEU A 1444 21.56 6.17 41.09
CA LEU A 1444 22.00 6.56 42.42
C LEU A 1444 22.47 8.00 42.44
N ALA A 1445 23.13 8.44 41.36
CA ALA A 1445 23.60 9.83 41.29
C ALA A 1445 22.43 10.80 41.29
N ARG A 1446 21.35 10.47 40.57
CA ARG A 1446 20.15 11.30 40.60
C ARG A 1446 19.57 11.37 42.00
N ALA A 1447 19.50 10.22 42.68
CA ALA A 1447 18.81 10.14 43.96
C ALA A 1447 19.52 10.95 45.04
N MET A 1448 20.85 10.82 45.13
CA MET A 1448 21.59 11.50 46.19
C MET A 1448 21.56 13.01 46.01
N LEU A 1449 21.42 13.49 44.76
CA LEU A 1449 21.46 14.93 44.53
C LEU A 1449 20.19 15.63 45.01
N VAL A 1450 19.07 14.91 45.12
CA VAL A 1450 17.82 15.53 45.52
C VAL A 1450 17.89 15.92 46.99
N PRO A 1451 17.66 17.19 47.38
CA PRO A 1451 17.71 17.52 48.83
C PRO A 1451 16.39 17.21 49.53
N SER A 1452 16.22 15.96 49.93
CA SER A 1452 15.04 15.51 50.66
C SER A 1452 15.45 14.46 51.67
N LYS A 1453 14.60 14.28 52.67
CA LYS A 1453 14.88 13.39 53.79
C LYS A 1453 14.24 12.01 53.65
N ILE A 1454 13.65 11.68 52.51
CA ILE A 1454 12.96 10.41 52.30
C ILE A 1454 13.47 9.78 51.01
N LEU A 1455 13.81 8.49 51.09
CA LEU A 1455 14.24 7.70 49.95
C LEU A 1455 13.47 6.39 49.95
N VAL A 1456 13.04 5.96 48.77
CA VAL A 1456 12.50 4.62 48.54
C VAL A 1456 13.41 3.93 47.52
N LEU A 1457 13.85 2.73 47.86
CA LEU A 1457 14.75 1.94 47.01
C LEU A 1457 14.00 0.71 46.54
N ASP A 1458 13.91 0.54 45.21
CA ASP A 1458 13.17 -0.54 44.58
C ASP A 1458 14.17 -1.41 43.82
N GLN A 1459 14.36 -2.65 44.28
CA GLN A 1459 15.18 -3.65 43.63
C GLN A 1459 14.45 -4.98 43.57
N ALA A 1460 13.20 -4.95 43.13
CA ALA A 1460 12.38 -6.15 43.12
C ALA A 1460 12.89 -7.18 42.12
N THR A 1461 13.69 -6.75 41.11
CA THR A 1461 14.26 -7.67 40.14
C THR A 1461 15.71 -7.34 39.78
N ALA A 1462 16.38 -6.47 40.55
CA ALA A 1462 17.75 -6.08 40.26
C ALA A 1462 18.69 -7.13 40.83
N ALA A 1463 19.24 -7.98 39.96
CA ALA A 1463 20.21 -9.01 40.35
C ALA A 1463 21.32 -9.16 39.30
N VAL A 1464 21.60 -8.11 38.53
CA VAL A 1464 22.50 -8.24 37.38
C VAL A 1464 23.93 -8.53 37.84
N ASP A 1465 24.42 -7.76 38.81
CA ASP A 1465 25.82 -7.85 39.22
C ASP A 1465 25.95 -7.51 40.70
N VAL A 1466 26.97 -8.08 41.34
CA VAL A 1466 27.13 -7.99 42.78
C VAL A 1466 28.10 -6.87 43.17
N GLU A 1467 29.17 -6.65 42.40
CA GLU A 1467 30.12 -5.59 42.76
C GLU A 1467 29.46 -4.22 42.67
N THR A 1468 28.62 -3.99 41.66
CA THR A 1468 27.86 -2.75 41.62
C THR A 1468 26.82 -2.72 42.75
N ASP A 1469 26.30 -3.89 43.13
CA ASP A 1469 25.39 -3.94 44.27
C ASP A 1469 26.11 -3.58 45.56
N LYS A 1470 27.34 -4.07 45.73
CA LYS A 1470 28.08 -3.84 46.97
C LYS A 1470 28.39 -2.37 47.17
N VAL A 1471 28.91 -1.71 46.14
CA VAL A 1471 29.21 -0.29 46.26
C VAL A 1471 27.92 0.52 46.43
N VAL A 1472 26.84 0.08 45.79
CA VAL A 1472 25.54 0.72 46.02
C VAL A 1472 25.12 0.56 47.47
N GLN A 1473 25.32 -0.62 48.04
CA GLN A 1473 24.96 -0.85 49.44
C GLN A 1473 25.77 0.05 50.37
N GLU A 1474 27.09 0.10 50.18
CA GLU A 1474 27.94 0.90 51.06
C GLU A 1474 27.59 2.38 50.97
N THR A 1475 27.30 2.86 49.77
CA THR A 1475 26.86 4.25 49.61
C THR A 1475 25.55 4.49 50.35
N ILE A 1476 24.65 3.49 50.34
CA ILE A 1476 23.37 3.64 51.02
C ILE A 1476 23.58 3.77 52.52
N ARG A 1477 24.44 2.93 53.10
CA ARG A 1477 24.66 3.00 54.55
C ARG A 1477 25.39 4.27 54.93
N THR A 1478 26.35 4.71 54.11
CA THR A 1478 27.20 5.82 54.50
C THR A 1478 26.55 7.18 54.22
N ALA A 1479 26.20 7.44 52.96
CA ALA A 1479 25.79 8.78 52.56
C ALA A 1479 24.38 9.13 53.04
N PHE A 1480 23.48 8.15 53.02
CA PHE A 1480 22.06 8.37 53.25
C PHE A 1480 21.66 8.18 54.71
N LYS A 1481 22.57 8.46 55.66
CA LYS A 1481 22.27 8.25 57.06
C LYS A 1481 21.12 9.14 57.53
N ASP A 1482 21.04 10.37 57.04
CA ASP A 1482 20.06 11.32 57.53
C ASP A 1482 18.67 11.15 56.91
N ARG A 1483 18.50 10.27 55.92
CA ARG A 1483 17.24 10.11 55.20
C ARG A 1483 16.50 8.86 55.67
N THR A 1484 15.17 8.94 55.69
CA THR A 1484 14.33 7.78 55.97
C THR A 1484 14.28 6.89 54.74
N ILE A 1485 14.87 5.70 54.83
CA ILE A 1485 15.07 4.81 53.70
C ILE A 1485 14.06 3.67 53.81
N LEU A 1486 13.31 3.46 52.73
CA LEU A 1486 12.47 2.27 52.55
C LEU A 1486 13.10 1.41 51.48
N THR A 1487 13.37 0.14 51.81
CA THR A 1487 14.11 -0.77 50.96
C THR A 1487 13.20 -1.90 50.52
N ILE A 1488 12.92 -1.96 49.22
CA ILE A 1488 12.20 -3.06 48.60
C ILE A 1488 13.22 -3.87 47.81
N ALA A 1489 13.52 -5.08 48.28
CA ALA A 1489 14.57 -5.92 47.73
C ALA A 1489 14.05 -7.33 47.52
N HIS A 1490 14.48 -7.94 46.41
CA HIS A 1490 14.12 -9.34 46.15
C HIS A 1490 14.80 -10.27 47.13
N ARG A 1491 16.09 -10.06 47.38
CA ARG A 1491 16.89 -10.93 48.24
C ARG A 1491 16.87 -10.42 49.68
N LEU A 1492 16.64 -11.34 50.61
CA LEU A 1492 16.52 -10.97 52.02
C LEU A 1492 17.87 -10.59 52.65
N ASN A 1493 18.99 -10.95 52.01
CA ASN A 1493 20.30 -10.67 52.60
C ASN A 1493 20.53 -9.17 52.78
N THR A 1494 20.02 -8.35 51.87
CA THR A 1494 20.12 -6.91 52.04
C THR A 1494 19.25 -6.39 53.17
N ILE A 1495 18.24 -7.16 53.60
CA ILE A 1495 17.26 -6.70 54.58
C ILE A 1495 17.65 -7.05 56.02
N MET A 1496 18.55 -8.03 56.22
CA MET A 1496 18.85 -8.50 57.57
C MET A 1496 19.44 -7.41 58.46
N ASP A 1497 20.14 -6.44 57.86
CA ASP A 1497 20.72 -5.34 58.63
C ASP A 1497 19.73 -4.20 58.87
N SER A 1498 18.50 -4.28 58.35
CA SER A 1498 17.53 -3.23 58.56
C SER A 1498 17.13 -3.15 60.03
N ASP A 1499 16.86 -1.92 60.49
CA ASP A 1499 16.47 -1.73 61.89
C ASP A 1499 15.04 -2.21 62.12
N ARG A 1500 14.15 -2.03 61.14
CA ARG A 1500 12.78 -2.48 61.19
C ARG A 1500 12.43 -3.09 59.86
N ILE A 1501 11.57 -4.11 59.88
CA ILE A 1501 11.19 -4.86 58.68
C ILE A 1501 9.67 -4.97 58.63
N ILE A 1502 9.11 -4.73 57.45
CA ILE A 1502 7.68 -4.90 57.18
C ILE A 1502 7.50 -6.20 56.41
N VAL A 1503 6.55 -7.02 56.85
CA VAL A 1503 6.18 -8.27 56.18
C VAL A 1503 4.80 -8.06 55.58
N LEU A 1504 4.74 -8.06 54.25
CA LEU A 1504 3.49 -7.90 53.51
C LEU A 1504 3.04 -9.26 52.98
N ASP A 1505 1.79 -9.63 53.27
CA ASP A 1505 1.23 -10.89 52.82
C ASP A 1505 -0.23 -10.66 52.43
N ASN A 1506 -0.52 -10.83 51.15
CA ASN A 1506 -1.88 -10.68 50.62
C ASN A 1506 -2.43 -9.26 50.86
N GLY A 1507 -1.55 -8.26 50.81
CA GLY A 1507 -1.95 -6.89 50.96
C GLY A 1507 -2.19 -6.43 52.38
N LYS A 1508 -1.99 -7.30 53.38
CA LYS A 1508 -2.19 -6.98 54.79
C LYS A 1508 -0.85 -6.78 55.47
N VAL A 1509 -0.89 -6.13 56.63
CA VAL A 1509 0.28 -5.97 57.47
C VAL A 1509 0.45 -7.26 58.27
N ALA A 1510 1.22 -8.19 57.71
CA ALA A 1510 1.37 -9.50 58.35
C ALA A 1510 2.12 -9.39 59.66
N GLU A 1511 3.35 -8.89 59.61
CA GLU A 1511 4.20 -8.73 60.79
C GLU A 1511 4.95 -7.42 60.67
N PHE A 1512 4.99 -6.66 61.76
CA PHE A 1512 5.76 -5.42 61.87
C PHE A 1512 6.63 -5.55 63.12
N ASP A 1513 7.80 -6.17 62.95
CA ASP A 1513 8.65 -6.55 64.07
C ASP A 1513 10.11 -6.27 63.72
N SER A 1514 10.94 -6.25 64.75
CA SER A 1514 12.38 -6.10 64.57
C SER A 1514 12.95 -7.37 63.96
N PRO A 1515 14.16 -7.32 63.39
CA PRO A 1515 14.76 -8.55 62.84
C PRO A 1515 14.98 -9.63 63.90
N GLY A 1516 15.31 -9.25 65.12
CA GLY A 1516 15.52 -10.23 66.17
C GLY A 1516 14.25 -10.98 66.53
N GLN A 1517 13.12 -10.27 66.62
CA GLN A 1517 11.86 -10.92 66.93
C GLN A 1517 11.46 -11.89 65.82
N LEU A 1518 11.69 -11.51 64.56
CA LEU A 1518 11.35 -12.39 63.44
C LEU A 1518 12.18 -13.67 63.48
N LEU A 1519 13.48 -13.56 63.78
CA LEU A 1519 14.33 -14.74 63.83
C LEU A 1519 14.02 -15.59 65.06
N SER A 1520 13.68 -14.96 66.18
CA SER A 1520 13.34 -15.72 67.39
C SER A 1520 12.08 -16.55 67.18
N ASP A 1521 11.09 -15.99 66.50
CA ASP A 1521 9.86 -16.72 66.18
C ASP A 1521 10.14 -17.59 64.97
N ASN A 1522 10.48 -18.86 65.22
CA ASN A 1522 10.82 -19.76 64.13
C ASN A 1522 9.63 -20.12 63.24
N LYS A 1523 8.40 -19.88 63.68
CA LYS A 1523 7.20 -20.20 62.92
C LYS A 1523 6.67 -19.01 62.12
N SER A 1524 7.37 -17.88 62.11
CA SER A 1524 6.86 -16.70 61.41
C SER A 1524 7.01 -16.85 59.90
N LEU A 1525 6.27 -16.00 59.17
CA LEU A 1525 6.35 -16.01 57.72
C LEU A 1525 7.75 -15.61 57.25
N PHE A 1526 8.36 -14.62 57.91
CA PHE A 1526 9.71 -14.21 57.55
C PHE A 1526 10.70 -15.35 57.73
N TYR A 1527 10.61 -16.07 58.84
CA TYR A 1527 11.54 -17.15 59.11
C TYR A 1527 11.36 -18.28 58.10
N SER A 1528 10.11 -18.61 57.75
CA SER A 1528 9.86 -19.65 56.76
C SER A 1528 10.41 -19.26 55.41
N LEU A 1529 10.26 -17.99 55.03
CA LEU A 1529 10.85 -17.50 53.78
C LEU A 1529 12.37 -17.61 53.82
N CYS A 1530 12.97 -17.29 54.96
CA CYS A 1530 14.41 -17.45 55.10
C CYS A 1530 14.83 -18.90 54.99
N MET A 1531 14.01 -19.81 55.55
CA MET A 1531 14.31 -21.24 55.43
C MET A 1531 14.27 -21.70 53.98
N GLU A 1532 13.33 -21.15 53.20
CA GLU A 1532 13.29 -21.44 51.77
C GLU A 1532 14.56 -20.97 51.08
N ALA A 1533 15.04 -19.77 51.43
CA ALA A 1533 16.27 -19.24 50.88
C ALA A 1533 17.52 -19.89 51.47
N GLY A 1534 17.40 -20.68 52.54
CA GLY A 1534 18.53 -21.30 53.17
C GLY A 1534 19.27 -20.44 54.17
N LEU A 1535 18.78 -19.23 54.45
CA LEU A 1535 19.44 -18.38 55.44
C LEU A 1535 19.31 -18.96 56.85
N VAL A 1536 18.25 -19.72 57.11
CA VAL A 1536 18.09 -20.36 58.41
C VAL A 1536 19.20 -21.38 58.65
N ASN A 1537 19.64 -22.06 57.59
CA ASN A 1537 20.71 -23.04 57.73
C ASN A 1537 22.00 -22.37 58.19
N GLU A 1538 22.32 -21.20 57.64
CA GLU A 1538 23.48 -20.45 58.11
C GLU A 1538 23.27 -20.00 59.55
N ASN A 1539 22.08 -19.51 59.88
CA ASN A 1539 21.80 -18.99 61.21
C ASN A 1539 21.68 -20.12 62.23
#